data_3GHQ
#
_entry.id   3GHQ
#
_cell.length_a   207.641
_cell.length_b   207.641
_cell.length_c   142.430
_cell.angle_alpha   90.00
_cell.angle_beta   90.00
_cell.angle_gamma   90.00
#
_symmetry.space_group_name_H-M   'P 42 21 2'
#
loop_
_entity.id
_entity.type
_entity.pdbx_description
1 polymer Bacterioferritin
2 non-polymer 'SULFATE ION'
3 non-polymer 'FE (III) ION'
4 non-polymer 'PROTOPORPHYRIN IX CONTAINING FE'
5 water water
#
_entity_poly.entity_id   1
_entity_poly.type   'polypeptide(L)'
_entity_poly.pdbx_seq_one_letter_code
;MKGDTKVINYLNKLLGNELVAINQYFLHARMFKNFGLKRLNDVEYHESIDEMKHADRYIERILFLEGLPNLQDLGKLNIG
EDVEEMLRSDLALELDGAKNLREAIGYADSVHDYVSRDMMIEILRDEEGHIDWLETELDLIQKMGLQNYLQAQIREEG
;
_entity_poly.pdbx_strand_id   A,B,C,D,E,F,G,H,I,J,K,L
#
loop_
_chem_comp.id
_chem_comp.type
_chem_comp.name
_chem_comp.formula
FE non-polymer 'FE (III) ION' 'Fe 3'
HEM non-polymer 'PROTOPORPHYRIN IX CONTAINING FE' 'C34 H32 Fe N4 O4'
SO4 non-polymer 'SULFATE ION' 'O4 S -2'
#
# COMPACT_ATOMS: atom_id res chain seq x y z
N MET A 1 19.98 -29.46 7.22
CA MET A 1 19.89 -30.80 7.87
C MET A 1 20.60 -31.84 6.98
N LYS A 2 21.60 -32.54 7.47
CA LYS A 2 22.28 -33.57 6.63
C LYS A 2 21.37 -34.73 6.28
N GLY A 3 21.08 -34.90 5.00
CA GLY A 3 20.25 -35.99 4.55
C GLY A 3 21.00 -37.28 4.33
N ASP A 4 20.25 -38.36 4.04
CA ASP A 4 20.83 -39.62 3.66
C ASP A 4 21.47 -39.45 2.29
N THR A 5 22.71 -39.91 2.15
CA THR A 5 23.45 -39.76 0.90
C THR A 5 22.72 -40.36 -0.30
N LYS A 6 22.21 -41.57 -0.12
CA LYS A 6 21.57 -42.28 -1.23
C LYS A 6 20.25 -41.59 -1.63
N VAL A 7 19.55 -40.95 -0.67
CA VAL A 7 18.38 -40.17 -1.02
C VAL A 7 18.77 -39.02 -1.95
N ILE A 8 19.82 -38.31 -1.56
CA ILE A 8 20.33 -37.26 -2.40
C ILE A 8 20.69 -37.80 -3.81
N ASN A 9 21.35 -38.97 -3.93
CA ASN A 9 21.61 -39.48 -5.28
C ASN A 9 20.33 -39.72 -6.08
N TYR A 10 19.32 -40.27 -5.42
CA TYR A 10 18.03 -40.45 -6.05
C TYR A 10 17.45 -39.11 -6.47
N LEU A 11 17.48 -38.13 -5.56
CA LEU A 11 16.95 -36.82 -5.89
C LEU A 11 17.66 -36.21 -7.13
N ASN A 12 18.98 -36.40 -7.21
CA ASN A 12 19.75 -35.91 -8.35
C ASN A 12 19.39 -36.70 -9.61
N LYS A 13 19.16 -38.00 -9.47
CA LYS A 13 18.76 -38.78 -10.63
C LYS A 13 17.38 -38.36 -11.13
N LEU A 14 16.45 -38.16 -10.19
CA LEU A 14 15.14 -37.70 -10.56
C LEU A 14 15.23 -36.31 -11.19
N LEU A 15 16.03 -35.41 -10.58
CA LEU A 15 16.25 -34.08 -11.14
C LEU A 15 16.75 -34.20 -12.57
N GLY A 16 17.62 -35.19 -12.81
CA GLY A 16 18.16 -35.47 -14.11
C GLY A 16 17.05 -35.77 -15.12
N ASN A 17 16.09 -36.59 -14.71
CA ASN A 17 14.95 -36.91 -15.53
C ASN A 17 14.17 -35.64 -15.89
N GLU A 18 13.92 -34.77 -14.90
CA GLU A 18 13.17 -33.55 -15.13
C GLU A 18 13.88 -32.64 -16.11
N LEU A 19 15.18 -32.51 -15.95
CA LEU A 19 15.97 -31.71 -16.86
C LEU A 19 15.78 -32.19 -18.28
N VAL A 20 15.82 -33.51 -18.51
CA VAL A 20 15.60 -34.04 -19.86
C VAL A 20 14.18 -33.67 -20.34
N ALA A 21 13.18 -33.95 -19.52
CA ALA A 21 11.79 -33.73 -19.89
C ALA A 21 11.52 -32.24 -20.18
N ILE A 22 12.15 -31.35 -19.40
CA ILE A 22 11.95 -29.94 -19.58
C ILE A 22 12.29 -29.59 -21.03
N ASN A 23 13.48 -30.02 -21.46
CA ASN A 23 13.94 -29.68 -22.79
C ASN A 23 13.13 -30.37 -23.86
N GLN A 24 12.88 -31.65 -23.67
CA GLN A 24 12.23 -32.40 -24.73
C GLN A 24 10.81 -31.86 -24.91
N TYR A 25 10.16 -31.52 -23.80
CA TYR A 25 8.81 -31.02 -23.86
C TYR A 25 8.76 -29.62 -24.46
N PHE A 26 9.71 -28.75 -24.08
CA PHE A 26 9.76 -27.41 -24.64
C PHE A 26 10.00 -27.40 -26.16
N LEU A 27 10.99 -28.15 -26.62
CA LEU A 27 11.24 -28.29 -28.05
C LEU A 27 9.98 -28.83 -28.73
N HIS A 28 9.41 -29.91 -28.20
CA HIS A 28 8.21 -30.47 -28.82
C HIS A 28 7.13 -29.41 -28.95
N ALA A 29 6.90 -28.69 -27.84
CA ALA A 29 5.94 -27.60 -27.82
C ALA A 29 6.11 -26.65 -29.00
N ARG A 30 7.33 -26.18 -29.21
CA ARG A 30 7.56 -25.15 -30.22
C ARG A 30 7.57 -25.75 -31.64
N MET A 31 7.85 -27.05 -31.71
CA MET A 31 7.75 -27.76 -32.99
C MET A 31 6.27 -27.82 -33.39
N PHE A 32 5.42 -28.24 -32.45
CA PHE A 32 3.99 -28.19 -32.67
C PHE A 32 3.53 -26.78 -33.05
N LYS A 33 4.05 -25.78 -32.36
CA LYS A 33 3.65 -24.40 -32.62
C LYS A 33 3.98 -24.03 -34.06
N ASN A 34 5.20 -24.37 -34.48
CA ASN A 34 5.62 -24.19 -35.84
C ASN A 34 4.76 -24.96 -36.81
N PHE A 35 4.43 -26.21 -36.51
CA PHE A 35 3.48 -27.01 -37.32
C PHE A 35 2.07 -26.36 -37.38
N GLY A 36 1.76 -25.44 -36.45
CA GLY A 36 0.48 -24.79 -36.45
C GLY A 36 -0.54 -25.51 -35.62
N LEU A 37 -0.06 -26.48 -34.85
CA LEU A 37 -0.89 -27.33 -33.99
C LEU A 37 -1.00 -26.63 -32.62
N LYS A 38 -1.69 -25.49 -32.63
CA LYS A 38 -1.72 -24.57 -31.51
C LYS A 38 -2.01 -25.26 -30.17
N ARG A 39 -2.89 -26.26 -30.20
CA ARG A 39 -3.40 -26.92 -29.02
C ARG A 39 -2.36 -27.78 -28.34
N LEU A 40 -1.53 -28.41 -29.16
CA LEU A 40 -0.46 -29.25 -28.67
C LEU A 40 0.67 -28.41 -28.15
N ASN A 41 0.89 -27.22 -28.74
CA ASN A 41 1.88 -26.31 -28.21
C ASN A 41 1.48 -25.89 -26.82
N ASP A 42 0.20 -25.56 -26.61
CA ASP A 42 -0.25 -25.11 -25.28
C ASP A 42 -0.06 -26.22 -24.24
N VAL A 43 -0.52 -27.43 -24.54
CA VAL A 43 -0.41 -28.50 -23.56
C VAL A 43 1.05 -28.84 -23.28
N GLU A 44 1.87 -29.01 -24.33
CA GLU A 44 3.27 -29.42 -24.10
C GLU A 44 4.06 -28.34 -23.40
N TYR A 45 3.77 -27.10 -23.75
CA TYR A 45 4.36 -26.01 -23.03
C TYR A 45 4.04 -26.09 -21.55
N HIS A 46 2.76 -26.29 -21.22
N HIS A 46 2.75 -26.25 -21.22
CA HIS A 46 2.33 -26.33 -19.82
CA HIS A 46 2.29 -26.35 -19.83
C HIS A 46 2.88 -27.55 -19.09
C HIS A 46 3.12 -27.41 -19.13
N GLU A 47 3.37 -28.50 -19.84
CA GLU A 47 4.02 -29.57 -19.26
C GLU A 47 5.48 -29.40 -19.05
N SER A 48 6.14 -28.66 -19.94
CA SER A 48 7.47 -28.20 -19.69
C SER A 48 7.58 -27.38 -18.38
N ILE A 49 6.64 -26.43 -18.19
CA ILE A 49 6.56 -25.64 -16.96
C ILE A 49 6.40 -26.57 -15.76
N ASP A 50 5.61 -27.62 -15.93
CA ASP A 50 5.35 -28.55 -14.89
C ASP A 50 6.64 -29.24 -14.42
N GLU A 51 7.45 -29.65 -15.40
CA GLU A 51 8.69 -30.34 -15.09
C GLU A 51 9.69 -29.36 -14.49
N MET A 52 9.58 -28.09 -14.84
CA MET A 52 10.40 -27.08 -14.21
C MET A 52 10.09 -26.97 -12.74
N LYS A 53 8.80 -26.96 -12.40
CA LYS A 53 8.37 -26.95 -11.02
C LYS A 53 8.95 -28.14 -10.27
N HIS A 54 8.99 -29.30 -10.92
CA HIS A 54 9.52 -30.49 -10.31
C HIS A 54 11.02 -30.33 -10.07
N ALA A 55 11.75 -29.88 -11.08
CA ALA A 55 13.20 -29.67 -10.93
C ALA A 55 13.48 -28.73 -9.75
N ASP A 56 12.73 -27.63 -9.70
CA ASP A 56 12.89 -26.64 -8.65
C ASP A 56 12.71 -27.35 -7.30
N ARG A 57 11.69 -28.20 -7.19
CA ARG A 57 11.46 -28.86 -5.92
C ARG A 57 12.61 -29.76 -5.49
N TYR A 58 13.16 -30.51 -6.45
CA TYR A 58 14.30 -31.36 -6.17
C TYR A 58 15.51 -30.52 -5.73
N ILE A 59 15.75 -29.43 -6.47
CA ILE A 59 16.91 -28.61 -6.22
C ILE A 59 16.84 -28.04 -4.81
N GLU A 60 15.65 -27.62 -4.38
CA GLU A 60 15.50 -27.02 -3.08
C GLU A 60 15.67 -28.01 -1.99
N ARG A 61 15.17 -29.20 -2.25
CA ARG A 61 15.26 -30.31 -1.32
C ARG A 61 16.70 -30.77 -1.18
N ILE A 62 17.41 -30.95 -2.31
CA ILE A 62 18.81 -31.37 -2.25
C ILE A 62 19.63 -30.36 -1.40
N LEU A 63 19.40 -29.10 -1.66
CA LEU A 63 20.09 -28.03 -0.97
C LEU A 63 19.74 -28.11 0.50
N PHE A 64 18.48 -28.35 0.79
CA PHE A 64 18.07 -28.41 2.18
C PHE A 64 18.81 -29.53 2.89
N LEU A 65 18.86 -30.70 2.23
CA LEU A 65 19.52 -31.89 2.77
C LEU A 65 21.03 -31.80 2.66
N GLU A 66 21.53 -30.66 2.16
CA GLU A 66 22.96 -30.36 2.11
C GLU A 66 23.76 -31.16 1.05
N GLY A 67 23.09 -31.54 -0.03
CA GLY A 67 23.77 -32.15 -1.16
C GLY A 67 24.00 -31.12 -2.25
N LEU A 68 24.60 -31.57 -3.34
CA LEU A 68 24.96 -30.72 -4.46
C LEU A 68 24.05 -31.02 -5.66
N PRO A 69 23.10 -30.14 -5.96
CA PRO A 69 22.25 -30.42 -7.13
C PRO A 69 23.12 -30.47 -8.38
N ASN A 70 22.84 -31.47 -9.20
CA ASN A 70 23.60 -31.69 -10.41
C ASN A 70 22.77 -31.30 -11.60
N LEU A 71 23.07 -30.15 -12.18
CA LEU A 71 22.37 -29.69 -13.37
C LEU A 71 23.34 -29.79 -14.58
N GLN A 72 24.46 -30.47 -14.37
CA GLN A 72 25.48 -30.48 -15.38
C GLN A 72 25.24 -31.61 -16.38
N ASP A 73 24.84 -32.77 -15.89
CA ASP A 73 24.67 -33.93 -16.77
C ASP A 73 23.26 -33.97 -17.34
N LEU A 74 23.17 -34.13 -18.66
CA LEU A 74 21.90 -34.16 -19.33
C LEU A 74 21.80 -35.48 -20.06
N GLY A 75 20.75 -36.24 -19.75
CA GLY A 75 20.53 -37.54 -20.39
C GLY A 75 20.12 -37.40 -21.83
N LYS A 76 19.79 -38.52 -22.46
CA LYS A 76 19.44 -38.49 -23.88
C LYS A 76 18.05 -37.93 -24.17
N LEU A 77 18.02 -36.86 -24.95
CA LEU A 77 16.79 -36.36 -25.57
C LEU A 77 16.45 -37.29 -26.72
N ASN A 78 15.18 -37.62 -26.89
CA ASN A 78 14.75 -38.30 -28.14
C ASN A 78 13.62 -37.46 -28.74
N ILE A 79 13.92 -36.77 -29.84
CA ILE A 79 13.04 -35.73 -30.36
C ILE A 79 12.01 -36.26 -31.36
N GLY A 80 12.43 -36.92 -32.42
CA GLY A 80 11.44 -37.43 -33.36
C GLY A 80 10.95 -36.37 -34.34
N GLU A 81 10.30 -36.79 -35.43
CA GLU A 81 10.04 -35.83 -36.50
C GLU A 81 8.57 -35.53 -36.72
N ASP A 82 7.69 -36.53 -36.50
CA ASP A 82 6.23 -36.31 -36.64
C ASP A 82 5.50 -36.43 -35.31
N VAL A 83 4.28 -35.90 -35.26
CA VAL A 83 3.48 -35.84 -34.04
C VAL A 83 3.45 -37.14 -33.22
N GLU A 84 3.03 -38.25 -33.84
CA GLU A 84 2.96 -39.51 -33.13
C GLU A 84 4.29 -39.89 -32.48
N GLU A 85 5.35 -39.87 -33.28
CA GLU A 85 6.68 -40.24 -32.81
C GLU A 85 7.06 -39.32 -31.62
N MET A 86 6.68 -38.05 -31.71
CA MET A 86 7.10 -37.18 -30.64
C MET A 86 6.32 -37.43 -29.38
N LEU A 87 5.01 -37.67 -29.53
CA LEU A 87 4.20 -37.95 -28.36
C LEU A 87 4.68 -39.23 -27.70
N ARG A 88 4.97 -40.21 -28.53
CA ARG A 88 5.34 -41.54 -28.07
C ARG A 88 6.67 -41.43 -27.30
N SER A 89 7.53 -40.54 -27.76
CA SER A 89 8.81 -40.35 -27.12
C SER A 89 8.65 -39.73 -25.71
N ASP A 90 7.74 -38.77 -25.59
CA ASP A 90 7.42 -38.17 -24.32
C ASP A 90 6.88 -39.22 -23.37
N LEU A 91 6.00 -40.08 -23.87
CA LEU A 91 5.45 -41.20 -23.09
C LEU A 91 6.53 -42.17 -22.57
N ALA A 92 7.42 -42.63 -23.46
CA ALA A 92 8.52 -43.50 -22.98
C ALA A 92 9.34 -42.83 -21.88
N LEU A 93 9.54 -41.52 -21.99
CA LEU A 93 10.40 -40.81 -21.04
C LEU A 93 9.76 -40.73 -19.67
N GLU A 94 8.46 -40.56 -19.73
CA GLU A 94 7.62 -40.33 -18.59
C GLU A 94 7.50 -41.68 -17.82
N LEU A 95 7.37 -42.76 -18.57
CA LEU A 95 7.42 -44.09 -18.05
C LEU A 95 8.76 -44.45 -17.38
N ASP A 96 9.90 -44.06 -17.96
CA ASP A 96 11.17 -44.33 -17.29
C ASP A 96 11.29 -43.51 -16.03
N GLY A 97 10.76 -42.30 -16.05
CA GLY A 97 10.81 -41.46 -14.89
C GLY A 97 9.94 -41.99 -13.78
N ALA A 98 8.76 -42.51 -14.14
CA ALA A 98 7.87 -43.06 -13.11
C ALA A 98 8.54 -44.27 -12.40
N LYS A 99 9.25 -45.07 -13.17
CA LYS A 99 9.99 -46.21 -12.68
C LYS A 99 11.02 -45.76 -11.63
N ASN A 100 11.83 -44.75 -11.94
CA ASN A 100 12.83 -44.26 -10.99
C ASN A 100 12.20 -43.69 -9.72
N LEU A 101 11.07 -43.01 -9.90
CA LEU A 101 10.30 -42.44 -8.81
C LEU A 101 9.80 -43.52 -7.86
N ARG A 102 9.24 -44.60 -8.41
CA ARG A 102 8.74 -45.71 -7.59
CA ARG A 102 8.72 -45.72 -7.61
C ARG A 102 9.87 -46.26 -6.75
N GLU A 103 11.02 -46.41 -7.35
CA GLU A 103 12.17 -46.93 -6.66
C GLU A 103 12.64 -45.99 -5.57
N ALA A 104 12.74 -44.69 -5.87
CA ALA A 104 13.20 -43.69 -4.88
C ALA A 104 12.26 -43.56 -3.70
N ILE A 105 10.95 -43.61 -3.96
CA ILE A 105 9.94 -43.51 -2.91
C ILE A 105 10.06 -44.65 -1.88
N GLY A 106 10.29 -45.87 -2.37
CA GLY A 106 10.44 -47.04 -1.52
C GLY A 106 11.65 -46.86 -0.64
N TYR A 107 12.71 -46.30 -1.22
CA TYR A 107 13.95 -46.21 -0.49
C TYR A 107 13.88 -45.12 0.59
N ALA A 108 13.35 -43.94 0.22
CA ALA A 108 13.15 -42.85 1.16
C ALA A 108 12.34 -43.30 2.38
N ASP A 109 11.32 -44.12 2.15
CA ASP A 109 10.54 -44.71 3.22
C ASP A 109 11.43 -45.53 4.11
N SER A 110 12.34 -46.29 3.55
CA SER A 110 13.01 -47.22 4.43
C SER A 110 14.08 -46.57 5.25
N VAL A 111 14.54 -45.39 4.81
CA VAL A 111 15.48 -44.60 5.66
C VAL A 111 14.76 -43.48 6.39
N HIS A 112 13.43 -43.51 6.35
CA HIS A 112 12.62 -42.59 7.16
C HIS A 112 12.63 -41.13 6.67
N ASP A 113 13.07 -40.89 5.43
CA ASP A 113 12.97 -39.54 4.86
C ASP A 113 11.56 -39.34 4.32
N TYR A 114 10.62 -39.24 5.25
CA TYR A 114 9.23 -39.18 4.88
C TYR A 114 8.85 -37.91 4.13
N VAL A 115 9.50 -36.78 4.39
CA VAL A 115 9.13 -35.61 3.62
C VAL A 115 9.64 -35.61 2.20
N SER A 116 10.85 -36.13 1.97
CA SER A 116 11.27 -36.39 0.60
C SER A 116 10.29 -37.32 -0.08
N ARG A 117 9.82 -38.35 0.62
CA ARG A 117 8.89 -39.30 0.05
C ARG A 117 7.60 -38.61 -0.35
N ASP A 118 7.09 -37.77 0.56
CA ASP A 118 5.84 -37.08 0.36
C ASP A 118 5.93 -36.19 -0.88
N MET A 119 7.00 -35.40 -0.98
CA MET A 119 7.26 -34.64 -2.19
C MET A 119 7.28 -35.53 -3.42
N MET A 120 7.97 -36.67 -3.35
CA MET A 120 8.08 -37.53 -4.53
C MET A 120 6.75 -38.14 -4.93
N ILE A 121 5.89 -38.47 -3.95
CA ILE A 121 4.57 -39.01 -4.28
C ILE A 121 3.72 -37.99 -5.02
N GLU A 122 3.82 -36.72 -4.64
CA GLU A 122 3.09 -35.66 -5.35
C GLU A 122 3.56 -35.56 -6.78
N ILE A 123 4.87 -35.60 -6.98
CA ILE A 123 5.44 -35.49 -8.31
C ILE A 123 4.99 -36.69 -9.15
N LEU A 124 5.00 -37.88 -8.55
CA LEU A 124 4.58 -39.11 -9.25
C LEU A 124 3.15 -38.99 -9.74
N ARG A 125 2.26 -38.51 -8.87
CA ARG A 125 0.88 -38.20 -9.20
C ARG A 125 0.81 -37.26 -10.41
N ASP A 126 1.63 -36.20 -10.44
CA ASP A 126 1.68 -35.35 -11.62
C ASP A 126 2.14 -36.14 -12.85
N GLU A 127 3.11 -37.04 -12.67
CA GLU A 127 3.63 -37.75 -13.83
C GLU A 127 2.57 -38.66 -14.40
N GLU A 128 1.86 -39.32 -13.50
CA GLU A 128 0.79 -40.19 -13.90
C GLU A 128 -0.28 -39.43 -14.70
N GLY A 129 -0.55 -38.17 -14.32
CA GLY A 129 -1.37 -37.28 -15.10
C GLY A 129 -0.88 -37.10 -16.53
N HIS A 130 0.42 -36.79 -16.72
CA HIS A 130 1.00 -36.62 -18.04
C HIS A 130 0.85 -37.92 -18.83
N ILE A 131 1.17 -39.05 -18.17
CA ILE A 131 1.03 -40.36 -18.79
C ILE A 131 -0.42 -40.57 -19.32
N ASP A 132 -1.40 -40.31 -18.48
CA ASP A 132 -2.80 -40.42 -18.88
C ASP A 132 -3.08 -39.61 -20.16
N TRP A 133 -2.62 -38.36 -20.15
CA TRP A 133 -2.90 -37.47 -21.25
C TRP A 133 -2.26 -38.01 -22.52
N LEU A 134 -0.98 -38.35 -22.45
CA LEU A 134 -0.25 -38.88 -23.60
C LEU A 134 -0.92 -40.13 -24.15
N GLU A 135 -1.28 -41.07 -23.28
CA GLU A 135 -1.88 -42.33 -23.75
C GLU A 135 -3.17 -42.03 -24.51
N THR A 136 -3.97 -41.14 -23.95
CA THR A 136 -5.23 -40.78 -24.56
C THR A 136 -5.03 -40.16 -25.95
N GLU A 137 -4.09 -39.21 -26.07
CA GLU A 137 -3.83 -38.60 -27.34
C GLU A 137 -3.43 -39.66 -28.37
N LEU A 138 -2.55 -40.58 -27.98
CA LEU A 138 -2.07 -41.58 -28.90
C LEU A 138 -3.17 -42.50 -29.39
N ASP A 139 -4.11 -42.85 -28.50
CA ASP A 139 -5.26 -43.64 -28.92
C ASP A 139 -6.20 -42.83 -29.81
N LEU A 140 -6.39 -41.56 -29.51
CA LEU A 140 -7.22 -40.74 -30.37
C LEU A 140 -6.66 -40.75 -31.77
N ILE A 141 -5.34 -40.65 -31.92
CA ILE A 141 -4.72 -40.65 -33.23
C ILE A 141 -5.13 -41.91 -34.00
N GLN A 142 -5.10 -43.08 -33.33
CA GLN A 142 -5.50 -44.33 -33.98
C GLN A 142 -6.99 -44.35 -34.27
N LYS A 143 -7.80 -43.91 -33.31
CA LYS A 143 -9.25 -44.13 -33.44
C LYS A 143 -9.83 -43.19 -34.51
N MET A 144 -9.39 -41.93 -34.52
CA MET A 144 -9.95 -40.96 -35.47
C MET A 144 -9.10 -40.72 -36.73
N GLY A 145 -7.88 -41.26 -36.73
CA GLY A 145 -6.94 -41.11 -37.84
C GLY A 145 -6.11 -39.84 -37.76
N LEU A 146 -4.92 -39.88 -38.35
CA LEU A 146 -3.98 -38.77 -38.23
C LEU A 146 -4.55 -37.43 -38.76
N GLN A 147 -5.16 -37.44 -39.94
CA GLN A 147 -5.69 -36.23 -40.55
C GLN A 147 -6.70 -35.51 -39.66
N ASN A 148 -7.72 -36.22 -39.15
CA ASN A 148 -8.66 -35.64 -38.22
C ASN A 148 -7.98 -35.23 -36.90
N TYR A 149 -7.02 -36.02 -36.45
CA TYR A 149 -6.37 -35.65 -35.22
C TYR A 149 -5.69 -34.30 -35.37
N LEU A 150 -4.95 -34.15 -36.46
CA LEU A 150 -4.25 -32.90 -36.74
C LEU A 150 -5.21 -31.73 -36.83
N GLN A 151 -6.28 -31.85 -37.61
CA GLN A 151 -7.23 -30.75 -37.72
C GLN A 151 -7.69 -30.32 -36.32
N ALA A 152 -7.81 -31.30 -35.44
CA ALA A 152 -8.35 -31.01 -34.11
C ALA A 152 -7.41 -30.27 -33.19
N GLN A 153 -6.14 -30.07 -33.59
CA GLN A 153 -5.12 -29.38 -32.79
C GLN A 153 -4.83 -27.96 -33.28
N ILE A 154 -5.53 -27.54 -34.33
CA ILE A 154 -5.28 -26.26 -34.95
C ILE A 154 -5.63 -25.08 -34.04
N ARG A 155 -6.77 -25.15 -33.36
N ARG A 155 -6.80 -25.10 -33.40
CA ARG A 155 -7.20 -24.06 -32.51
CA ARG A 155 -7.18 -23.99 -32.52
C ARG A 155 -6.87 -24.40 -31.06
C ARG A 155 -7.07 -24.34 -31.05
N GLU A 156 -6.61 -23.38 -30.25
CA GLU A 156 -6.38 -23.62 -28.81
C GLU A 156 -7.68 -23.92 -28.07
N GLU A 157 -7.59 -24.72 -26.99
CA GLU A 157 -8.81 -25.02 -26.18
C GLU A 157 -9.05 -23.92 -25.13
N GLY A 158 -10.25 -23.31 -25.18
CA GLY A 158 -10.65 -22.23 -24.23
C GLY A 158 -10.72 -22.69 -22.76
N MET B 1 10.90 -20.90 -43.89
CA MET B 1 11.87 -20.24 -44.82
C MET B 1 13.27 -20.81 -44.55
N LYS B 2 13.94 -21.37 -45.56
CA LYS B 2 15.31 -21.92 -45.35
C LYS B 2 16.32 -20.82 -45.03
N GLY B 3 16.89 -20.87 -43.83
CA GLY B 3 17.88 -19.91 -43.43
C GLY B 3 19.27 -20.26 -43.86
N ASP B 4 20.21 -19.33 -43.64
CA ASP B 4 21.62 -19.58 -43.86
C ASP B 4 22.08 -20.61 -42.83
N THR B 5 22.80 -21.63 -43.27
CA THR B 5 23.26 -22.70 -42.40
C THR B 5 24.10 -22.19 -41.23
N LYS B 6 25.03 -21.29 -41.54
CA LYS B 6 25.97 -20.80 -40.52
C LYS B 6 25.23 -19.94 -39.50
N VAL B 7 24.18 -19.23 -39.91
CA VAL B 7 23.36 -18.50 -38.95
C VAL B 7 22.72 -19.46 -37.96
N ILE B 8 22.13 -20.53 -38.49
CA ILE B 8 21.58 -21.55 -37.64
C ILE B 8 22.65 -22.10 -36.67
N ASN B 9 23.89 -22.37 -37.11
CA ASN B 9 24.89 -22.85 -36.16
C ASN B 9 25.15 -21.84 -35.05
N TYR B 10 25.24 -20.55 -35.43
CA TYR B 10 25.38 -19.50 -34.43
C TYR B 10 24.19 -19.51 -33.48
N LEU B 11 22.97 -19.57 -34.01
CA LEU B 11 21.78 -19.57 -33.18
C LEU B 11 21.83 -20.75 -32.19
N ASN B 12 22.28 -21.92 -32.64
CA ASN B 12 22.41 -23.09 -31.77
C ASN B 12 23.51 -22.87 -30.73
N LYS B 13 24.59 -22.24 -31.13
CA LYS B 13 25.66 -21.95 -30.19
C LYS B 13 25.18 -20.97 -29.11
N LEU B 14 24.48 -19.92 -29.55
CA LEU B 14 23.95 -18.97 -28.61
C LEU B 14 22.93 -19.66 -27.70
N LEU B 15 22.05 -20.49 -28.27
CA LEU B 15 21.08 -21.25 -27.50
C LEU B 15 21.79 -22.06 -26.44
N GLY B 16 22.96 -22.61 -26.83
CA GLY B 16 23.80 -23.38 -25.95
C GLY B 16 24.22 -22.58 -24.73
N ASN B 17 24.63 -21.34 -24.96
CA ASN B 17 25.00 -20.42 -23.90
C ASN B 17 23.84 -20.20 -22.94
N GLU B 18 22.64 -19.96 -23.49
CA GLU B 18 21.45 -19.70 -22.67
C GLU B 18 21.12 -20.91 -21.80
N LEU B 19 21.19 -22.09 -22.39
CA LEU B 19 20.93 -23.31 -21.65
C LEU B 19 21.87 -23.40 -20.45
N VAL B 20 23.16 -23.10 -20.63
CA VAL B 20 24.09 -23.11 -19.50
C VAL B 20 23.65 -22.06 -18.45
N ALA B 21 23.41 -20.83 -18.88
CA ALA B 21 23.07 -19.74 -17.99
C ALA B 21 21.79 -20.02 -17.23
N ILE B 22 20.81 -20.63 -17.91
CA ILE B 22 19.55 -20.94 -17.28
C ILE B 22 19.82 -21.77 -16.03
N ASN B 23 20.59 -22.84 -16.18
CA ASN B 23 20.85 -23.74 -15.07
C ASN B 23 21.73 -23.08 -14.02
N GLN B 24 22.77 -22.42 -14.44
CA GLN B 24 23.73 -21.88 -13.49
C GLN B 24 23.01 -20.81 -12.66
N TYR B 25 22.18 -20.02 -13.31
CA TYR B 25 21.49 -18.96 -12.62
C TYR B 25 20.41 -19.51 -11.68
N PHE B 26 19.67 -20.52 -12.12
CA PHE B 26 18.66 -21.13 -11.27
C PHE B 26 19.26 -21.78 -10.01
N LEU B 27 20.31 -22.57 -10.18
CA LEU B 27 21.00 -23.16 -9.05
C LEU B 27 21.50 -22.06 -8.12
N HIS B 28 22.18 -21.06 -8.68
CA HIS B 28 22.68 -19.96 -7.84
C HIS B 28 21.54 -19.34 -7.06
N ALA B 29 20.45 -19.04 -7.74
CA ALA B 29 19.27 -18.48 -7.10
C ALA B 29 18.87 -19.26 -5.87
N ARG B 30 18.73 -20.58 -5.99
CA ARG B 30 18.21 -21.38 -4.89
C ARG B 30 19.28 -21.61 -3.80
N MET B 31 20.54 -21.48 -4.19
CA MET B 31 21.64 -21.54 -3.23
C MET B 31 21.55 -20.30 -2.35
N PHE B 32 21.43 -19.12 -2.98
CA PHE B 32 21.18 -17.89 -2.26
C PHE B 32 19.94 -17.99 -1.35
N LYS B 33 18.88 -18.59 -1.89
CA LYS B 33 17.64 -18.72 -1.12
C LYS B 33 17.89 -19.53 0.14
N ASN B 34 18.58 -20.65 -0.02
CA ASN B 34 19.00 -21.48 1.09
C ASN B 34 19.90 -20.73 2.05
N PHE B 35 20.87 -19.97 1.55
CA PHE B 35 21.70 -19.09 2.40
C PHE B 35 20.86 -18.02 3.14
N GLY B 36 19.63 -17.77 2.71
CA GLY B 36 18.79 -16.79 3.35
C GLY B 36 18.94 -15.39 2.78
N LEU B 37 19.65 -15.33 1.65
CA LEU B 37 19.93 -14.08 0.94
C LEU B 37 18.78 -13.80 -0.03
N LYS B 38 17.63 -13.54 0.54
CA LYS B 38 16.37 -13.47 -0.20
C LYS B 38 16.45 -12.61 -1.48
N ARG B 39 17.20 -11.53 -1.40
CA ARG B 39 17.27 -10.53 -2.45
C ARG B 39 18.02 -11.03 -3.66
N LEU B 40 19.04 -11.82 -3.41
CA LEU B 40 19.85 -12.39 -4.46
C LEU B 40 19.10 -13.55 -5.12
N ASN B 41 18.29 -14.26 -4.33
CA ASN B 41 17.45 -15.29 -4.91
C ASN B 41 16.49 -14.65 -5.90
N ASP B 42 15.85 -13.53 -5.52
CA ASP B 42 14.88 -12.89 -6.41
C ASP B 42 15.54 -12.44 -7.71
N VAL B 43 16.66 -11.73 -7.61
CA VAL B 43 17.31 -11.25 -8.82
C VAL B 43 17.81 -12.39 -9.70
N GLU B 44 18.49 -13.38 -9.12
CA GLU B 44 19.05 -14.47 -9.93
C GLU B 44 17.96 -15.32 -10.54
N TYR B 45 16.90 -15.54 -9.79
CA TYR B 45 15.77 -16.20 -10.35
C TYR B 45 15.25 -15.46 -11.57
N HIS B 46 15.04 -14.14 -11.45
N HIS B 46 15.02 -14.14 -11.43
CA HIS B 46 14.49 -13.35 -12.55
CA HIS B 46 14.52 -13.31 -12.52
C HIS B 46 15.44 -13.27 -13.73
C HIS B 46 15.39 -13.54 -13.74
N GLU B 47 16.68 -13.65 -13.50
CA GLU B 47 17.57 -13.75 -14.56
C GLU B 47 17.62 -15.06 -15.23
N SER B 48 17.41 -16.13 -14.47
CA SER B 48 17.14 -17.43 -15.06
C SER B 48 15.93 -17.41 -16.04
N ILE B 49 14.83 -16.79 -15.60
CA ILE B 49 13.64 -16.60 -16.44
C ILE B 49 14.03 -15.86 -17.71
N ASP B 50 14.89 -14.86 -17.54
CA ASP B 50 15.31 -14.05 -18.65
C ASP B 50 16.01 -14.88 -19.72
N GLU B 51 16.89 -15.76 -19.28
CA GLU B 51 17.66 -16.60 -20.19
C GLU B 51 16.74 -17.63 -20.82
N MET B 52 15.68 -18.01 -20.10
CA MET B 52 14.68 -18.89 -20.68
C MET B 52 13.99 -18.23 -21.85
N LYS B 53 13.61 -16.98 -21.67
CA LYS B 53 13.02 -16.20 -22.75
C LYS B 53 13.95 -16.16 -23.95
N HIS B 54 15.24 -16.01 -23.70
CA HIS B 54 16.20 -15.98 -24.78
C HIS B 54 16.27 -17.31 -25.51
N ALA B 55 16.36 -18.41 -24.75
CA ALA B 55 16.38 -19.74 -25.33
C ALA B 55 15.16 -19.95 -26.22
N ASP B 56 13.99 -19.60 -25.70
CA ASP B 56 12.76 -19.74 -26.41
C ASP B 56 12.88 -18.98 -27.75
N ARG B 57 13.41 -17.77 -27.73
CA ARG B 57 13.49 -17.00 -28.93
C ARG B 57 14.40 -17.66 -29.99
N TYR B 58 15.53 -18.21 -29.54
CA TYR B 58 16.42 -18.90 -30.45
C TYR B 58 15.73 -20.14 -31.04
N ILE B 59 15.05 -20.88 -30.18
CA ILE B 59 14.42 -22.12 -30.59
C ILE B 59 13.38 -21.83 -31.68
N GLU B 60 12.62 -20.76 -31.50
CA GLU B 60 11.56 -20.45 -32.42
C GLU B 60 12.12 -20.00 -33.73
N ARG B 61 13.19 -19.24 -33.65
CA ARG B 61 13.86 -18.73 -34.81
C ARG B 61 14.53 -19.87 -35.60
N ILE B 62 15.24 -20.77 -34.91
CA ILE B 62 15.87 -21.91 -35.59
C ILE B 62 14.80 -22.71 -36.36
N LEU B 63 13.68 -22.97 -35.69
CA LEU B 63 12.60 -23.73 -36.26
C LEU B 63 12.08 -22.98 -37.45
N PHE B 64 11.96 -21.67 -37.32
CA PHE B 64 11.41 -20.89 -38.42
C PHE B 64 12.33 -21.02 -39.63
N LEU B 65 13.64 -20.90 -39.39
CA LEU B 65 14.65 -20.99 -40.43
C LEU B 65 14.89 -22.43 -40.87
N GLU B 66 14.13 -23.36 -40.29
CA GLU B 66 14.15 -24.78 -40.68
C GLU B 66 15.42 -25.55 -40.26
N GLY B 67 16.04 -25.13 -39.16
CA GLY B 67 17.14 -25.90 -38.59
C GLY B 67 16.64 -26.72 -37.41
N LEU B 68 17.56 -27.44 -36.79
CA LEU B 68 17.27 -28.32 -35.68
C LEU B 68 17.79 -27.76 -34.36
N PRO B 69 16.91 -27.22 -33.51
CA PRO B 69 17.43 -26.69 -32.23
C PRO B 69 18.11 -27.82 -31.45
N ASN B 70 19.26 -27.49 -30.90
CA ASN B 70 20.05 -28.46 -30.17
C ASN B 70 19.97 -28.14 -28.69
N LEU B 71 19.19 -28.93 -27.97
CA LEU B 71 19.07 -28.78 -26.53
C LEU B 71 19.78 -29.96 -25.84
N GLN B 72 20.55 -30.72 -26.63
CA GLN B 72 21.13 -31.92 -26.10
C GLN B 72 22.46 -31.65 -25.45
N ASP B 73 23.27 -30.79 -26.05
CA ASP B 73 24.60 -30.53 -25.52
C ASP B 73 24.57 -29.39 -24.52
N LEU B 74 25.19 -29.63 -23.37
CA LEU B 74 25.22 -28.66 -22.29
C LEU B 74 26.67 -28.37 -21.98
N GLY B 75 27.04 -27.10 -22.10
CA GLY B 75 28.41 -26.66 -21.81
C GLY B 75 28.74 -26.73 -20.34
N LYS B 76 29.93 -26.27 -19.97
CA LYS B 76 30.36 -26.37 -18.59
C LYS B 76 29.66 -25.36 -17.67
N LEU B 77 28.97 -25.87 -16.63
CA LEU B 77 28.52 -25.07 -15.51
C LEU B 77 29.71 -24.81 -14.62
N ASN B 78 29.84 -23.60 -14.10
CA ASN B 78 30.82 -23.35 -13.01
C ASN B 78 30.06 -22.75 -11.83
N ILE B 79 29.91 -23.53 -10.77
CA ILE B 79 28.97 -23.21 -9.71
C ILE B 79 29.62 -22.37 -8.59
N GLY B 80 30.68 -22.86 -7.98
CA GLY B 80 31.31 -22.06 -6.92
C GLY B 80 30.59 -22.21 -5.58
N GLU B 81 31.24 -21.80 -4.50
CA GLU B 81 30.72 -22.15 -3.18
C GLU B 81 30.25 -20.97 -2.37
N ASP B 82 30.90 -19.81 -2.51
CA ASP B 82 30.47 -18.58 -1.80
C ASP B 82 29.95 -17.50 -2.75
N VAL B 83 29.21 -16.53 -2.20
CA VAL B 83 28.56 -15.47 -2.96
C VAL B 83 29.45 -14.83 -4.04
N GLU B 84 30.60 -14.28 -3.65
CA GLU B 84 31.47 -13.64 -4.62
C GLU B 84 31.82 -14.57 -5.78
N GLU B 85 32.32 -15.75 -5.45
CA GLU B 85 32.73 -16.72 -6.45
C GLU B 85 31.55 -17.00 -7.40
N MET B 86 30.34 -17.06 -6.84
CA MET B 86 29.23 -17.42 -7.69
C MET B 86 28.85 -16.28 -8.59
N LEU B 87 28.88 -15.08 -8.05
CA LEU B 87 28.55 -13.92 -8.87
C LEU B 87 29.57 -13.78 -9.98
N ARG B 88 30.83 -13.98 -9.63
CA ARG B 88 31.94 -13.79 -10.53
C ARG B 88 31.83 -14.80 -11.69
N SER B 89 31.35 -15.99 -11.34
CA SER B 89 31.18 -17.04 -12.33
C SER B 89 30.08 -16.68 -13.34
N ASP B 90 28.98 -16.11 -12.85
CA ASP B 90 27.91 -15.65 -13.70
C ASP B 90 28.42 -14.57 -14.63
N LEU B 91 29.22 -13.64 -14.10
CA LEU B 91 29.83 -12.58 -14.91
C LEU B 91 30.74 -13.13 -16.03
N ALA B 92 31.65 -14.05 -15.71
CA ALA B 92 32.49 -14.67 -16.76
C ALA B 92 31.64 -15.30 -17.86
N LEU B 93 30.52 -15.91 -17.47
CA LEU B 93 29.70 -16.65 -18.44
C LEU B 93 29.01 -15.69 -19.38
N GLU B 94 28.60 -14.59 -18.81
CA GLU B 94 27.82 -13.57 -19.46
C GLU B 94 28.75 -12.84 -20.46
N LEU B 95 29.98 -12.60 -20.05
CA LEU B 95 31.02 -12.10 -20.91
C LEU B 95 31.37 -13.02 -22.09
N ASP B 96 31.44 -14.34 -21.89
CA ASP B 96 31.67 -15.23 -23.02
C ASP B 96 30.50 -15.23 -23.97
N GLY B 97 29.31 -15.10 -23.41
CA GLY B 97 28.12 -15.10 -24.23
C GLY B 97 28.03 -13.83 -25.03
N ALA B 98 28.41 -12.70 -24.43
CA ALA B 98 28.38 -11.43 -25.17
C ALA B 98 29.34 -11.46 -26.38
N LYS B 99 30.50 -12.10 -26.18
CA LYS B 99 31.49 -12.30 -27.22
C LYS B 99 30.89 -13.07 -28.39
N ASN B 100 30.24 -14.19 -28.13
CA ASN B 100 29.65 -14.99 -29.20
C ASN B 100 28.54 -14.23 -29.94
N LEU B 101 27.76 -13.46 -29.19
CA LEU B 101 26.70 -12.64 -29.72
C LEU B 101 27.25 -11.59 -30.68
N ARG B 102 28.33 -10.91 -30.28
CA ARG B 102 28.95 -9.87 -31.13
CA ARG B 102 28.95 -9.86 -31.11
C ARG B 102 29.36 -10.50 -32.45
N GLU B 103 29.95 -11.68 -32.36
CA GLU B 103 30.38 -12.37 -33.54
C GLU B 103 29.20 -12.77 -34.44
N ALA B 104 28.15 -13.34 -33.86
CA ALA B 104 26.97 -13.79 -34.60
C ALA B 104 26.24 -12.63 -35.29
N ILE B 105 26.14 -11.50 -34.58
CA ILE B 105 25.47 -10.32 -35.12
C ILE B 105 26.15 -9.80 -36.39
N GLY B 106 27.48 -9.78 -36.37
CA GLY B 106 28.28 -9.30 -37.51
C GLY B 106 28.04 -10.21 -38.69
N TYR B 107 27.94 -11.52 -38.43
CA TYR B 107 27.82 -12.47 -39.49
C TYR B 107 26.41 -12.44 -40.12
N ALA B 108 25.38 -12.41 -39.27
CA ALA B 108 24.00 -12.31 -39.72
C ALA B 108 23.81 -11.09 -40.63
N ASP B 109 24.46 -9.98 -40.28
CA ASP B 109 24.44 -8.80 -41.10
C ASP B 109 25.03 -9.10 -42.46
N SER B 110 26.12 -9.84 -42.51
CA SER B 110 26.77 -9.93 -43.79
C SER B 110 26.08 -10.88 -44.72
N VAL B 111 25.25 -11.79 -44.19
CA VAL B 111 24.40 -12.64 -45.06
C VAL B 111 22.98 -12.12 -45.15
N HIS B 112 22.75 -10.92 -44.62
CA HIS B 112 21.47 -10.23 -44.79
C HIS B 112 20.32 -10.82 -43.95
N ASP B 113 20.64 -11.64 -42.96
CA ASP B 113 19.60 -12.11 -42.03
C ASP B 113 19.33 -11.03 -40.98
N TYR B 114 18.73 -9.96 -41.43
CA TYR B 114 18.55 -8.82 -40.59
C TYR B 114 17.59 -9.06 -39.42
N VAL B 115 16.59 -9.92 -39.59
CA VAL B 115 15.73 -10.17 -38.44
C VAL B 115 16.36 -11.02 -37.35
N SER B 116 17.13 -12.04 -37.74
CA SER B 116 17.96 -12.73 -36.75
C SER B 116 18.88 -11.73 -36.04
N ARG B 117 19.45 -10.80 -36.78
CA ARG B 117 20.34 -9.82 -36.19
C ARG B 117 19.61 -8.96 -35.18
N ASP B 118 18.43 -8.51 -35.57
CA ASP B 118 17.62 -7.64 -34.74
C ASP B 118 17.29 -8.35 -33.43
N MET B 119 16.82 -9.57 -33.51
CA MET B 119 16.60 -10.36 -32.33
C MET B 119 17.88 -10.47 -31.47
N MET B 120 19.02 -10.74 -32.10
CA MET B 120 20.24 -10.90 -31.34
C MET B 120 20.68 -9.63 -30.66
N ILE B 121 20.45 -8.47 -31.30
CA ILE B 121 20.83 -7.19 -30.69
C ILE B 121 20.00 -6.92 -29.45
N GLU B 122 18.72 -7.30 -29.47
CA GLU B 122 17.88 -7.17 -28.28
C GLU B 122 18.39 -8.00 -27.14
N ILE B 123 18.75 -9.25 -27.45
CA ILE B 123 19.25 -10.19 -26.45
C ILE B 123 20.57 -9.64 -25.87
N LEU B 124 21.44 -9.12 -26.74
CA LEU B 124 22.73 -8.57 -26.30
C LEU B 124 22.52 -7.42 -25.31
N ARG B 125 21.60 -6.52 -25.64
CA ARG B 125 21.17 -5.45 -24.75
C ARG B 125 20.73 -6.02 -23.38
N ASP B 126 19.95 -7.10 -23.37
CA ASP B 126 19.61 -7.72 -22.10
C ASP B 126 20.86 -8.23 -21.39
N GLU B 127 21.80 -8.81 -22.14
CA GLU B 127 22.97 -9.39 -21.49
C GLU B 127 23.79 -8.30 -20.86
N GLU B 128 23.93 -7.20 -21.59
CA GLU B 128 24.67 -6.07 -21.09
C GLU B 128 24.07 -5.55 -19.78
N GLY B 129 22.73 -5.59 -19.67
CA GLY B 129 22.05 -5.32 -18.43
C GLY B 129 22.49 -6.24 -17.28
N HIS B 130 22.52 -7.56 -17.51
CA HIS B 130 22.97 -8.51 -16.49
C HIS B 130 24.42 -8.20 -16.11
N ILE B 131 25.27 -7.96 -17.11
CA ILE B 131 26.65 -7.62 -16.88
C ILE B 131 26.75 -6.39 -15.93
N ASP B 132 26.04 -5.33 -16.25
CA ASP B 132 26.01 -4.13 -15.42
C ASP B 132 25.68 -4.48 -13.96
N TRP B 133 24.62 -5.26 -13.78
CA TRP B 133 24.16 -5.59 -12.46
C TRP B 133 25.23 -6.37 -11.70
N LEU B 134 25.76 -7.43 -12.31
CA LEU B 134 26.82 -8.25 -11.71
C LEU B 134 28.03 -7.41 -11.34
N GLU B 135 28.51 -6.56 -12.25
CA GLU B 135 29.70 -5.75 -11.96
C GLU B 135 29.46 -4.88 -10.73
N THR B 136 28.29 -4.24 -10.69
CA THR B 136 27.94 -3.39 -9.58
C THR B 136 27.93 -4.16 -8.25
N GLU B 137 27.29 -5.33 -8.23
CA GLU B 137 27.23 -6.11 -7.02
C GLU B 137 28.65 -6.44 -6.54
N LEU B 138 29.52 -6.85 -7.46
CA LEU B 138 30.86 -7.25 -7.08
C LEU B 138 31.65 -6.11 -6.51
N ASP B 139 31.48 -4.90 -7.05
CA ASP B 139 32.13 -3.72 -6.48
C ASP B 139 31.53 -3.36 -5.13
N LEU B 140 30.22 -3.50 -4.98
CA LEU B 140 29.63 -3.24 -3.69
C LEU B 140 30.25 -4.12 -2.63
N ILE B 141 30.49 -5.39 -2.97
CA ILE B 141 31.08 -6.31 -2.02
C ILE B 141 32.43 -5.79 -1.55
N GLN B 142 33.25 -5.29 -2.47
CA GLN B 142 34.56 -4.72 -2.09
C GLN B 142 34.38 -3.44 -1.30
N LYS B 143 33.48 -2.56 -1.73
CA LYS B 143 33.45 -1.22 -1.16
C LYS B 143 32.87 -1.28 0.27
N MET B 144 31.82 -2.07 0.48
CA MET B 144 31.17 -2.10 1.78
C MET B 144 31.57 -3.30 2.66
N GLY B 145 32.30 -4.24 2.06
CA GLY B 145 32.74 -5.46 2.76
C GLY B 145 31.72 -6.59 2.73
N LEU B 146 32.19 -7.83 2.81
CA LEU B 146 31.32 -8.97 2.67
C LEU B 146 30.19 -9.01 3.71
N GLN B 147 30.50 -8.77 4.99
CA GLN B 147 29.51 -8.83 6.05
C GLN B 147 28.35 -7.89 5.82
N ASN B 148 28.62 -6.61 5.55
CA ASN B 148 27.57 -5.66 5.23
C ASN B 148 26.85 -6.02 3.93
N TYR B 149 27.59 -6.54 2.96
CA TYR B 149 26.93 -6.90 1.73
C TYR B 149 25.87 -7.97 1.99
N LEU B 150 26.27 -9.00 2.73
CA LEU B 150 25.37 -10.10 3.07
C LEU B 150 24.17 -9.59 3.82
N GLN B 151 24.36 -8.81 4.88
CA GLN B 151 23.20 -8.31 5.64
C GLN B 151 22.21 -7.63 4.67
N ALA B 152 22.75 -6.97 3.66
CA ALA B 152 21.91 -6.20 2.76
C ALA B 152 21.06 -7.02 1.80
N GLN B 153 21.29 -8.34 1.75
CA GLN B 153 20.57 -9.28 0.85
C GLN B 153 19.51 -10.11 1.58
N ILE B 154 19.38 -9.89 2.89
CA ILE B 154 18.49 -10.67 3.70
C ILE B 154 17.00 -10.46 3.34
N ARG B 155 16.61 -9.21 3.14
N ARG B 155 16.56 -9.21 3.19
CA ARG B 155 15.22 -8.91 2.84
CA ARG B 155 15.15 -8.95 2.86
C ARG B 155 15.05 -8.70 1.34
C ARG B 155 14.96 -8.53 1.42
N GLU B 156 13.88 -9.02 0.80
CA GLU B 156 13.64 -8.76 -0.62
C GLU B 156 13.39 -7.27 -0.89
N GLU B 157 13.73 -6.80 -2.10
CA GLU B 157 13.47 -5.38 -2.44
C GLU B 157 12.04 -5.20 -2.99
N GLY B 158 11.28 -4.31 -2.34
CA GLY B 158 9.87 -4.01 -2.74
C GLY B 158 9.75 -3.39 -4.15
N MET C 1 14.19 17.04 -45.10
CA MET C 1 15.64 16.69 -45.19
C MET C 1 15.89 15.96 -46.51
N LYS C 2 16.79 16.46 -47.35
CA LYS C 2 17.06 15.76 -48.64
C LYS C 2 17.72 14.40 -48.43
N GLY C 3 17.03 13.34 -48.82
CA GLY C 3 17.58 12.00 -48.68
C GLY C 3 18.48 11.57 -49.84
N ASP C 4 19.10 10.41 -49.70
CA ASP C 4 19.86 9.82 -50.76
C ASP C 4 18.90 9.40 -51.84
N THR C 5 19.19 9.74 -53.10
CA THR C 5 18.30 9.43 -54.22
C THR C 5 17.99 7.94 -54.34
N LYS C 6 19.04 7.12 -54.22
CA LYS C 6 18.90 5.69 -54.41
C LYS C 6 18.08 5.06 -53.28
N VAL C 7 18.16 5.62 -52.08
CA VAL C 7 17.30 5.17 -50.99
C VAL C 7 15.83 5.42 -51.34
N ILE C 8 15.54 6.63 -51.80
CA ILE C 8 14.22 6.93 -52.26
C ILE C 8 13.76 5.93 -53.35
N ASN C 9 14.61 5.59 -54.34
CA ASN C 9 14.16 4.61 -55.35
C ASN C 9 13.82 3.26 -54.72
N TYR C 10 14.64 2.82 -53.77
CA TYR C 10 14.36 1.62 -53.02
C TYR C 10 13.02 1.76 -52.29
N LEU C 11 12.82 2.87 -51.59
CA LEU C 11 11.60 3.06 -50.84
C LEU C 11 10.39 2.99 -51.79
N ASN C 12 10.51 3.57 -52.97
CA ASN C 12 9.42 3.53 -53.96
C ASN C 12 9.22 2.09 -54.49
N LYS C 13 10.32 1.37 -54.68
CA LYS C 13 10.20 0.00 -55.12
C LYS C 13 9.52 -0.87 -54.04
N LEU C 14 9.92 -0.68 -52.79
CA LEU C 14 9.30 -1.39 -51.71
C LEU C 14 7.83 -1.00 -51.61
N LEU C 15 7.53 0.30 -51.71
CA LEU C 15 6.16 0.78 -51.69
C LEU C 15 5.35 0.07 -52.77
N GLY C 16 6.01 -0.13 -53.93
CA GLY C 16 5.42 -0.80 -55.06
C GLY C 16 4.98 -2.21 -54.70
N ASN C 17 5.86 -2.92 -53.99
CA ASN C 17 5.56 -4.25 -53.50
C ASN C 17 4.33 -4.24 -52.59
N GLU C 18 4.28 -3.29 -51.66
CA GLU C 18 3.16 -3.20 -50.72
C GLU C 18 1.84 -2.94 -51.44
N LEU C 19 1.89 -2.05 -52.42
CA LEU C 19 0.71 -1.76 -53.21
C LEU C 19 0.19 -3.04 -53.85
N VAL C 20 1.06 -3.85 -54.42
CA VAL C 20 0.62 -5.14 -55.01
C VAL C 20 -0.01 -6.02 -53.92
N ALA C 21 0.72 -6.21 -52.81
CA ALA C 21 0.27 -7.08 -51.75
C ALA C 21 -1.06 -6.64 -51.16
N ILE C 22 -1.26 -5.31 -51.04
CA ILE C 22 -2.48 -4.78 -50.49
C ILE C 22 -3.65 -5.32 -51.29
N ASN C 23 -3.58 -5.18 -52.62
CA ASN C 23 -4.66 -5.59 -53.48
C ASN C 23 -4.81 -7.10 -53.52
N GLN C 24 -3.70 -7.80 -53.65
CA GLN C 24 -3.79 -9.23 -53.84
C GLN C 24 -4.37 -9.83 -52.53
N TYR C 25 -3.93 -9.30 -51.41
CA TYR C 25 -4.39 -9.82 -50.13
C TYR C 25 -5.87 -9.49 -49.89
N PHE C 26 -6.28 -8.26 -50.22
CA PHE C 26 -7.67 -7.89 -50.07
C PHE C 26 -8.64 -8.72 -50.95
N LEU C 27 -8.31 -8.86 -52.22
CA LEU C 27 -9.09 -9.70 -53.11
C LEU C 27 -9.13 -11.13 -52.55
N HIS C 28 -7.98 -11.70 -52.21
CA HIS C 28 -7.96 -13.04 -51.66
C HIS C 28 -8.90 -13.14 -50.46
N ALA C 29 -8.76 -12.19 -49.55
CA ALA C 29 -9.62 -12.14 -48.36
C ALA C 29 -11.09 -12.29 -48.73
N ARG C 30 -11.57 -11.49 -49.67
CA ARG C 30 -12.99 -11.46 -49.97
C ARG C 30 -13.41 -12.67 -50.83
N MET C 31 -12.45 -13.27 -51.51
CA MET C 31 -12.69 -14.52 -52.22
C MET C 31 -12.94 -15.61 -51.20
N PHE C 32 -12.05 -15.71 -50.21
CA PHE C 32 -12.26 -16.61 -49.09
C PHE C 32 -13.60 -16.37 -48.40
N LYS C 33 -13.93 -15.11 -48.20
CA LYS C 33 -15.18 -14.76 -47.54
C LYS C 33 -16.36 -15.29 -48.31
N ASN C 34 -16.33 -15.07 -49.63
CA ASN C 34 -17.33 -15.61 -50.54
C ASN C 34 -17.35 -17.13 -50.51
N PHE C 35 -16.19 -17.78 -50.50
CA PHE C 35 -16.11 -19.24 -50.34
C PHE C 35 -16.68 -19.72 -48.98
N GLY C 36 -16.83 -18.82 -48.02
CA GLY C 36 -17.36 -19.19 -46.72
C GLY C 36 -16.30 -19.61 -45.75
N LEU C 37 -15.06 -19.36 -46.12
CA LEU C 37 -13.88 -19.70 -45.35
C LEU C 37 -13.57 -18.52 -44.41
N LYS C 38 -14.47 -18.32 -43.45
CA LYS C 38 -14.49 -17.11 -42.63
C LYS C 38 -13.11 -16.79 -42.01
N ARG C 39 -12.38 -17.83 -41.64
CA ARG C 39 -11.13 -17.70 -40.89
C ARG C 39 -10.02 -17.15 -41.75
N LEU C 40 -10.02 -17.55 -43.02
CA LEU C 40 -9.02 -17.11 -43.98
C LEU C 40 -9.33 -15.68 -44.41
N ASN C 41 -10.62 -15.33 -44.47
CA ASN C 41 -10.98 -13.95 -44.75
C ASN C 41 -10.41 -13.06 -43.63
N ASP C 42 -10.57 -13.46 -42.36
CA ASP C 42 -10.12 -12.62 -41.26
C ASP C 42 -8.60 -12.44 -41.32
N VAL C 43 -7.86 -13.53 -41.48
CA VAL C 43 -6.41 -13.41 -41.50
C VAL C 43 -5.92 -12.59 -42.69
N GLU C 44 -6.43 -12.90 -43.90
CA GLU C 44 -5.93 -12.20 -45.11
C GLU C 44 -6.32 -10.75 -45.10
N TYR C 45 -7.50 -10.47 -44.59
CA TYR C 45 -7.89 -9.09 -44.40
C TYR C 45 -6.89 -8.37 -43.51
N HIS C 46 -6.57 -8.97 -42.36
N HIS C 46 -6.60 -8.96 -42.35
CA HIS C 46 -5.68 -8.33 -41.38
CA HIS C 46 -5.66 -8.38 -41.38
C HIS C 46 -4.25 -8.22 -41.92
C HIS C 46 -4.38 -8.05 -42.11
N GLU C 47 -3.99 -8.94 -42.99
CA GLU C 47 -2.77 -8.78 -43.63
C GLU C 47 -2.72 -7.75 -44.68
N SER C 48 -3.83 -7.56 -45.38
CA SER C 48 -4.01 -6.41 -46.23
C SER C 48 -3.83 -5.06 -45.46
N ILE C 49 -4.46 -4.96 -44.29
CA ILE C 49 -4.31 -3.80 -43.41
C ILE C 49 -2.83 -3.63 -43.06
N ASP C 50 -2.16 -4.74 -42.81
CA ASP C 50 -0.77 -4.70 -42.45
C ASP C 50 0.07 -4.06 -43.55
N GLU C 51 -0.18 -4.45 -44.78
CA GLU C 51 0.58 -3.94 -45.92
C GLU C 51 0.22 -2.47 -46.15
N MET C 52 -1.00 -2.08 -45.80
CA MET C 52 -1.37 -0.69 -45.86
C MET C 52 -0.53 0.14 -44.90
N LYS C 53 -0.36 -0.36 -43.68
CA LYS C 53 0.50 0.29 -42.71
C LYS C 53 1.91 0.46 -43.26
N HIS C 54 2.40 -0.56 -43.96
CA HIS C 54 3.71 -0.50 -44.54
C HIS C 54 3.79 0.57 -45.60
N ALA C 55 2.81 0.58 -46.53
CA ALA C 55 2.77 1.58 -47.59
C ALA C 55 2.78 2.99 -46.99
N ASP C 56 1.95 3.20 -45.97
CA ASP C 56 1.86 4.46 -45.32
C ASP C 56 3.24 4.86 -44.80
N ARG C 57 3.96 3.92 -44.19
CA ARG C 57 5.26 4.24 -43.64
C ARG C 57 6.25 4.67 -44.71
N TYR C 58 6.24 3.97 -45.84
CA TYR C 58 7.11 4.33 -46.96
C TYR C 58 6.77 5.72 -47.50
N ILE C 59 5.46 5.97 -47.64
CA ILE C 59 4.99 7.22 -48.23
C ILE C 59 5.45 8.38 -47.36
N GLU C 60 5.36 8.21 -46.04
CA GLU C 60 5.70 9.28 -45.14
C GLU C 60 7.18 9.54 -45.13
N ARG C 61 7.92 8.46 -45.23
CA ARG C 61 9.36 8.52 -45.24
C ARG C 61 9.85 9.17 -46.53
N ILE C 62 9.29 8.75 -47.69
CA ILE C 62 9.69 9.33 -48.96
C ILE C 62 9.46 10.85 -48.94
N LEU C 63 8.30 11.24 -48.43
CA LEU C 63 7.93 12.64 -48.36
C LEU C 63 8.90 13.33 -47.43
N PHE C 64 9.25 12.67 -46.34
CA PHE C 64 10.15 13.32 -45.41
C PHE C 64 11.49 13.58 -46.09
N LEU C 65 11.98 12.57 -46.81
CA LEU C 65 13.26 12.65 -47.49
C LEU C 65 13.15 13.48 -48.76
N GLU C 66 11.98 14.03 -49.02
CA GLU C 66 11.74 14.95 -50.15
C GLU C 66 11.73 14.29 -51.55
N GLY C 67 11.34 13.04 -51.60
CA GLY C 67 11.11 12.36 -52.88
C GLY C 67 9.62 12.34 -53.22
N LEU C 68 9.31 11.72 -54.35
CA LEU C 68 7.96 11.66 -54.86
C LEU C 68 7.41 10.25 -54.73
N PRO C 69 6.52 9.99 -53.76
CA PRO C 69 5.97 8.62 -53.67
C PRO C 69 5.26 8.27 -54.96
N ASN C 70 5.51 7.06 -55.44
CA ASN C 70 4.95 6.60 -56.69
C ASN C 70 3.87 5.57 -56.39
N LEU C 71 2.61 5.99 -56.52
CA LEU C 71 1.49 5.09 -56.32
C LEU C 71 0.83 4.81 -57.68
N GLN C 72 1.53 5.19 -58.75
CA GLN C 72 0.93 5.10 -60.05
C GLN C 72 1.16 3.74 -60.68
N ASP C 73 2.36 3.22 -60.51
CA ASP C 73 2.69 1.93 -61.14
C ASP C 73 2.34 0.78 -60.23
N LEU C 74 1.66 -0.21 -60.82
CA LEU C 74 1.21 -1.36 -60.07
C LEU C 74 1.77 -2.59 -60.74
N GLY C 75 2.54 -3.36 -59.98
CA GLY C 75 3.15 -4.60 -60.50
C GLY C 75 2.11 -5.67 -60.75
N LYS C 76 2.59 -6.85 -61.14
CA LYS C 76 1.67 -7.94 -61.48
C LYS C 76 1.01 -8.59 -60.25
N LEU C 77 -0.33 -8.55 -60.23
CA LEU C 77 -1.12 -9.36 -59.31
C LEU C 77 -1.14 -10.76 -59.84
N ASN C 78 -1.00 -11.76 -58.97
CA ASN C 78 -1.27 -13.16 -59.40
C ASN C 78 -2.34 -13.72 -58.44
N ILE C 79 -3.56 -13.89 -58.96
CA ILE C 79 -4.72 -14.15 -58.11
C ILE C 79 -4.96 -15.65 -57.86
N GLY C 80 -5.10 -16.45 -58.91
CA GLY C 80 -5.31 -17.87 -58.66
C GLY C 80 -6.78 -18.19 -58.35
N GLU C 81 -7.15 -19.47 -58.43
CA GLU C 81 -8.57 -19.79 -58.37
C GLU C 81 -8.97 -20.59 -57.15
N ASP C 82 -8.09 -21.47 -56.64
CA ASP C 82 -8.37 -22.26 -55.43
C ASP C 82 -7.46 -21.88 -54.28
N VAL C 83 -7.87 -22.24 -53.05
CA VAL C 83 -7.17 -21.88 -51.82
C VAL C 83 -5.66 -22.06 -51.87
N GLU C 84 -5.20 -23.27 -52.17
CA GLU C 84 -3.77 -23.52 -52.20
C GLU C 84 -3.04 -22.57 -53.16
N GLU C 85 -3.51 -22.47 -54.39
CA GLU C 85 -2.92 -21.65 -55.39
C GLU C 85 -2.88 -20.21 -54.88
N MET C 86 -3.91 -19.80 -54.18
CA MET C 86 -3.91 -18.40 -53.77
C MET C 86 -2.95 -18.16 -52.64
N LEU C 87 -2.89 -19.11 -51.70
CA LEU C 87 -1.96 -18.97 -50.60
C LEU C 87 -0.54 -18.96 -51.13
N ARG C 88 -0.29 -19.84 -52.08
CA ARG C 88 1.04 -20.06 -52.62
C ARG C 88 1.47 -18.78 -53.35
N SER C 89 0.51 -18.12 -53.98
CA SER C 89 0.80 -16.89 -54.68
C SER C 89 1.20 -15.75 -53.73
N ASP C 90 0.51 -15.65 -52.59
CA ASP C 90 0.84 -14.71 -51.56
C ASP C 90 2.24 -14.97 -51.03
N LEU C 91 2.57 -16.25 -50.83
CA LEU C 91 3.92 -16.65 -50.37
C LEU C 91 5.02 -16.23 -51.37
N ALA C 92 4.85 -16.54 -52.66
CA ALA C 92 5.85 -16.10 -53.66
C ALA C 92 6.04 -14.57 -53.63
N LEU C 93 4.95 -13.84 -53.40
CA LEU C 93 5.02 -12.37 -53.47
C LEU C 93 5.81 -11.82 -52.30
N GLU C 94 5.60 -12.49 -51.17
CA GLU C 94 6.12 -12.10 -49.90
C GLU C 94 7.65 -12.39 -49.91
N LEU C 95 8.00 -13.52 -50.49
CA LEU C 95 9.38 -13.86 -50.75
C LEU C 95 10.11 -12.88 -51.69
N ASP C 96 9.47 -12.42 -52.76
CA ASP C 96 10.13 -11.43 -53.60
C ASP C 96 10.30 -10.11 -52.88
N GLY C 97 9.33 -9.80 -52.04
CA GLY C 97 9.40 -8.57 -51.29
C GLY C 97 10.49 -8.62 -50.23
N ALA C 98 10.65 -9.78 -49.59
CA ALA C 98 11.69 -9.91 -48.58
C ALA C 98 13.09 -9.74 -49.22
N LYS C 99 13.24 -10.26 -50.44
CA LYS C 99 14.46 -10.13 -51.21
C LYS C 99 14.80 -8.66 -51.44
N ASN C 100 13.83 -7.87 -51.90
CA ASN C 100 14.07 -6.45 -52.16
C ASN C 100 14.43 -5.69 -50.88
N LEU C 101 13.75 -6.08 -49.79
CA LEU C 101 13.97 -5.48 -48.49
C LEU C 101 15.39 -5.73 -48.01
N ARG C 102 15.87 -6.98 -48.15
CA ARG C 102 17.24 -7.33 -47.73
CA ARG C 102 17.23 -7.34 -47.73
C ARG C 102 18.22 -6.44 -48.47
N GLU C 103 17.98 -6.27 -49.76
CA GLU C 103 18.86 -5.48 -50.57
C GLU C 103 18.81 -4.01 -50.15
N ALA C 104 17.63 -3.45 -49.93
CA ALA C 104 17.48 -2.04 -49.56
C ALA C 104 18.12 -1.75 -48.22
N ILE C 105 17.96 -2.66 -47.26
CA ILE C 105 18.50 -2.50 -45.92
C ILE C 105 20.03 -2.38 -45.93
N GLY C 106 20.68 -3.22 -46.76
CA GLY C 106 22.12 -3.22 -46.88
C GLY C 106 22.57 -1.89 -47.45
N TYR C 107 21.80 -1.37 -48.40
CA TYR C 107 22.21 -0.15 -49.07
C TYR C 107 22.04 1.08 -48.18
N ALA C 108 20.89 1.17 -47.51
CA ALA C 108 20.61 2.25 -46.56
C ALA C 108 21.72 2.33 -45.49
N ASP C 109 22.18 1.18 -45.01
CA ASP C 109 23.30 1.12 -44.08
C ASP C 109 24.51 1.74 -44.69
N SER C 110 24.78 1.49 -45.95
CA SER C 110 26.07 1.91 -46.44
C SER C 110 26.10 3.38 -46.76
N VAL C 111 24.92 3.99 -46.95
CA VAL C 111 24.86 5.47 -47.08
C VAL C 111 24.44 6.15 -45.79
N HIS C 112 24.40 5.38 -44.70
CA HIS C 112 24.17 5.92 -43.35
C HIS C 112 22.73 6.38 -43.10
N ASP C 113 21.78 5.98 -43.94
CA ASP C 113 20.37 6.27 -43.66
C ASP C 113 19.84 5.25 -42.66
N TYR C 114 20.31 5.36 -41.45
CA TYR C 114 20.01 4.39 -40.44
C TYR C 114 18.54 4.38 -40.02
N VAL C 115 17.84 5.53 -40.06
CA VAL C 115 16.44 5.45 -39.72
C VAL C 115 15.57 4.82 -40.78
N SER C 116 15.85 5.08 -42.06
CA SER C 116 15.21 4.30 -43.10
C SER C 116 15.48 2.80 -42.90
N ARG C 117 16.71 2.46 -42.53
CA ARG C 117 17.06 1.08 -42.32
C ARG C 117 16.23 0.47 -41.20
N ASP C 118 16.14 1.20 -40.09
CA ASP C 118 15.44 0.76 -38.91
C ASP C 118 13.99 0.50 -39.27
N MET C 119 13.35 1.43 -39.95
CA MET C 119 12.00 1.21 -40.43
C MET C 119 11.91 -0.05 -41.28
N MET C 120 12.85 -0.23 -42.20
CA MET C 120 12.78 -1.35 -43.10
C MET C 120 12.97 -2.68 -42.36
N ILE C 121 13.80 -2.71 -41.33
CA ILE C 121 14.00 -3.94 -40.57
C ILE C 121 12.73 -4.34 -39.85
N GLU C 122 11.98 -3.35 -39.34
CA GLU C 122 10.70 -3.66 -38.68
C GLU C 122 9.73 -4.27 -39.68
N ILE C 123 9.66 -3.68 -40.87
CA ILE C 123 8.76 -4.16 -41.90
C ILE C 123 9.15 -5.58 -42.30
N LEU C 124 10.46 -5.82 -42.45
CA LEU C 124 10.95 -7.17 -42.82
C LEU C 124 10.52 -8.22 -41.79
N ARG C 125 10.67 -7.90 -40.52
CA ARG C 125 10.19 -8.70 -39.41
C ARG C 125 8.70 -9.00 -39.59
N ASP C 126 7.88 -8.00 -39.93
CA ASP C 126 6.48 -8.28 -40.19
C ASP C 126 6.33 -9.24 -41.38
N GLU C 127 7.16 -9.07 -42.42
CA GLU C 127 6.99 -9.90 -43.60
C GLU C 127 7.32 -11.32 -43.28
N GLU C 128 8.38 -11.49 -42.50
CA GLU C 128 8.79 -12.81 -42.09
C GLU C 128 7.67 -13.51 -41.29
N GLY C 129 6.92 -12.73 -40.49
CA GLY C 129 5.71 -13.23 -39.86
C GLY C 129 4.69 -13.77 -40.84
N HIS C 130 4.37 -13.00 -41.90
CA HIS C 130 3.42 -13.45 -42.91
C HIS C 130 3.94 -14.72 -43.58
N ILE C 131 5.22 -14.72 -43.92
CA ILE C 131 5.84 -15.89 -44.52
C ILE C 131 5.64 -17.15 -43.61
N ASP C 132 5.94 -17.01 -42.31
CA ASP C 132 5.75 -18.10 -41.39
C ASP C 132 4.31 -18.63 -41.44
N TRP C 133 3.36 -17.71 -41.40
CA TRP C 133 1.96 -18.10 -41.38
C TRP C 133 1.59 -18.84 -42.64
N LEU C 134 1.92 -18.28 -43.81
CA LEU C 134 1.65 -18.90 -45.09
C LEU C 134 2.26 -20.28 -45.19
N GLU C 135 3.53 -20.41 -44.83
CA GLU C 135 4.20 -21.72 -44.95
C GLU C 135 3.45 -22.76 -44.12
N THR C 136 3.09 -22.37 -42.89
CA THR C 136 2.40 -23.26 -42.01
C THR C 136 1.06 -23.72 -42.59
N GLU C 137 0.27 -22.76 -43.10
CA GLU C 137 -1.00 -23.12 -43.69
C GLU C 137 -0.81 -24.12 -44.83
N LEU C 138 0.16 -23.87 -45.69
CA LEU C 138 0.36 -24.73 -46.84
C LEU C 138 0.75 -26.13 -46.45
N ASP C 139 1.56 -26.28 -45.38
CA ASP C 139 1.89 -27.61 -44.87
C ASP C 139 0.67 -28.26 -44.23
N LEU C 140 -0.13 -27.49 -43.51
CA LEU C 140 -1.33 -28.06 -42.91
C LEU C 140 -2.20 -28.65 -44.01
N ILE C 141 -2.32 -27.95 -45.15
CA ILE C 141 -3.12 -28.45 -46.25
C ILE C 141 -2.65 -29.84 -46.68
N GLN C 142 -1.33 -30.03 -46.80
CA GLN C 142 -0.77 -31.33 -47.16
C GLN C 142 -0.98 -32.35 -46.03
N LYS C 143 -0.74 -31.95 -44.79
CA LYS C 143 -0.68 -32.94 -43.71
C LYS C 143 -2.08 -33.46 -43.40
N MET C 144 -3.07 -32.56 -43.35
CA MET C 144 -4.44 -32.96 -42.99
C MET C 144 -5.38 -33.18 -44.17
N GLY C 145 -4.93 -32.77 -45.36
CA GLY C 145 -5.74 -32.88 -46.60
C GLY C 145 -6.63 -31.68 -46.83
N LEU C 146 -6.95 -31.43 -48.10
CA LEU C 146 -7.72 -30.24 -48.45
C LEU C 146 -9.11 -30.18 -47.78
N GLN C 147 -9.85 -31.28 -47.79
CA GLN C 147 -11.20 -31.31 -47.21
C GLN C 147 -11.22 -30.93 -45.74
N ASN C 148 -10.38 -31.55 -44.92
CA ASN C 148 -10.26 -31.16 -43.51
C ASN C 148 -9.73 -29.73 -43.35
N TYR C 149 -8.81 -29.31 -44.21
CA TYR C 149 -8.31 -27.98 -44.09
C TYR C 149 -9.44 -26.98 -44.27
N LEU C 150 -10.24 -27.18 -45.31
CA LEU C 150 -11.36 -26.30 -45.62
C LEU C 150 -12.33 -26.28 -44.46
N GLN C 151 -12.77 -27.42 -43.97
CA GLN C 151 -13.72 -27.43 -42.86
C GLN C 151 -13.18 -26.57 -41.72
N ALA C 152 -11.87 -26.59 -41.54
CA ALA C 152 -11.27 -25.90 -40.41
C ALA C 152 -11.25 -24.37 -40.53
N GLN C 153 -11.62 -23.83 -41.71
CA GLN C 153 -11.63 -22.38 -41.98
C GLN C 153 -13.04 -21.79 -41.96
N ILE C 154 -14.04 -22.62 -41.70
CA ILE C 154 -15.42 -22.18 -41.76
C ILE C 154 -15.78 -21.18 -40.67
N ARG C 155 -15.32 -21.42 -39.45
N ARG C 155 -15.37 -21.42 -39.42
CA ARG C 155 -15.64 -20.52 -38.35
CA ARG C 155 -15.71 -20.48 -38.34
C ARG C 155 -14.47 -19.59 -38.07
C ARG C 155 -14.50 -19.66 -37.89
N GLU C 156 -14.73 -18.38 -37.60
CA GLU C 156 -13.64 -17.47 -37.24
C GLU C 156 -12.97 -17.87 -35.93
N GLU C 157 -11.68 -17.57 -35.77
CA GLU C 157 -10.97 -17.89 -34.51
C GLU C 157 -11.17 -16.76 -33.48
N GLY C 158 -11.71 -17.13 -32.30
CA GLY C 158 -11.95 -16.17 -31.19
C GLY C 158 -10.68 -15.52 -30.63
N MET D 1 -24.78 -16.12 -57.40
CA MET D 1 -25.86 -15.82 -58.39
C MET D 1 -25.21 -15.17 -59.64
N LYS D 2 -25.39 -15.75 -60.82
CA LYS D 2 -24.80 -15.14 -62.05
C LYS D 2 -25.43 -13.80 -62.38
N GLY D 3 -24.63 -12.74 -62.32
CA GLY D 3 -25.12 -11.42 -62.65
C GLY D 3 -25.08 -11.10 -64.14
N ASP D 4 -25.63 -9.94 -64.50
CA ASP D 4 -25.55 -9.44 -65.84
C ASP D 4 -24.10 -9.07 -66.12
N THR D 5 -23.58 -9.50 -67.26
CA THR D 5 -22.18 -9.25 -67.61
C THR D 5 -21.82 -7.77 -67.63
N LYS D 6 -22.68 -6.97 -68.24
CA LYS D 6 -22.41 -5.54 -68.39
C LYS D 6 -22.47 -4.82 -67.04
N VAL D 7 -23.30 -5.30 -66.11
CA VAL D 7 -23.29 -4.76 -64.75
C VAL D 7 -21.93 -5.00 -64.10
N ILE D 8 -21.43 -6.22 -64.22
CA ILE D 8 -20.12 -6.53 -63.72
C ILE D 8 -19.07 -5.61 -64.35
N ASN D 9 -19.12 -5.35 -65.67
CA ASN D 9 -18.10 -4.43 -66.25
C ASN D 9 -18.19 -3.03 -65.62
N TYR D 10 -19.43 -2.54 -65.44
CA TYR D 10 -19.63 -1.28 -64.76
C TYR D 10 -19.04 -1.34 -63.35
N LEU D 11 -19.35 -2.40 -62.59
CA LEU D 11 -18.86 -2.50 -61.24
C LEU D 11 -17.32 -2.47 -61.24
N ASN D 12 -16.68 -3.14 -62.22
CA ASN D 12 -15.23 -3.13 -62.32
C ASN D 12 -14.71 -1.74 -62.69
N LYS D 13 -15.44 -1.06 -63.56
CA LYS D 13 -15.03 0.29 -63.93
C LYS D 13 -15.15 1.24 -62.72
N LEU D 14 -16.24 1.12 -61.98
CA LEU D 14 -16.41 1.93 -60.80
C LEU D 14 -15.32 1.58 -59.79
N LEU D 15 -15.08 0.27 -59.59
CA LEU D 15 -14.01 -0.18 -58.70
C LEU D 15 -12.69 0.48 -59.10
N GLY D 16 -12.47 0.58 -60.41
CA GLY D 16 -11.30 1.21 -60.99
C GLY D 16 -11.16 2.65 -60.53
N ASN D 17 -12.26 3.38 -60.54
CA ASN D 17 -12.29 4.75 -60.07
C ASN D 17 -11.89 4.83 -58.61
N GLU D 18 -12.44 3.93 -57.77
CA GLU D 18 -12.16 3.94 -56.35
C GLU D 18 -10.68 3.67 -56.08
N LEU D 19 -10.14 2.71 -56.80
CA LEU D 19 -8.74 2.39 -56.69
C LEU D 19 -7.89 3.63 -56.94
N VAL D 20 -8.19 4.39 -57.99
CA VAL D 20 -7.47 5.63 -58.27
C VAL D 20 -7.63 6.62 -57.08
N ALA D 21 -8.87 6.87 -56.67
CA ALA D 21 -9.17 7.82 -55.63
C ALA D 21 -8.49 7.43 -54.32
N ILE D 22 -8.46 6.14 -54.02
CA ILE D 22 -7.85 5.66 -52.78
C ILE D 22 -6.41 6.20 -52.73
N ASN D 23 -5.66 5.97 -53.79
CA ASN D 23 -4.26 6.33 -53.82
C ASN D 23 -4.09 7.83 -53.86
N GLN D 24 -4.86 8.50 -54.71
CA GLN D 24 -4.65 9.92 -54.88
C GLN D 24 -4.98 10.61 -53.57
N TYR D 25 -6.04 10.16 -52.92
CA TYR D 25 -6.45 10.76 -51.66
C TYR D 25 -5.44 10.50 -50.53
N PHE D 26 -4.95 9.26 -50.46
CA PHE D 26 -3.95 8.92 -49.45
C PHE D 26 -2.64 9.72 -49.59
N LEU D 27 -2.09 9.76 -50.80
CA LEU D 27 -0.93 10.57 -51.07
C LEU D 27 -1.20 12.01 -50.70
N HIS D 28 -2.31 12.57 -51.18
CA HIS D 28 -2.62 13.96 -50.86
C HIS D 28 -2.64 14.18 -49.36
N ALA D 29 -3.32 13.29 -48.65
CA ALA D 29 -3.38 13.35 -47.20
C ALA D 29 -2.00 13.50 -46.58
N ARG D 30 -1.07 12.64 -46.96
CA ARG D 30 0.24 12.63 -46.30
C ARG D 30 1.12 13.78 -46.81
N MET D 31 0.81 14.30 -47.99
CA MET D 31 1.46 15.50 -48.48
C MET D 31 1.05 16.68 -47.59
N PHE D 32 -0.25 16.84 -47.39
CA PHE D 32 -0.76 17.80 -46.44
C PHE D 32 -0.13 17.63 -45.06
N LYS D 33 -0.03 16.39 -44.61
CA LYS D 33 0.52 16.13 -43.28
C LYS D 33 1.95 16.64 -43.20
N ASN D 34 2.73 16.32 -44.22
CA ASN D 34 4.08 16.83 -44.35
C ASN D 34 4.13 18.33 -44.42
N PHE D 35 3.25 18.96 -45.20
CA PHE D 35 3.11 20.43 -45.21
C PHE D 35 2.73 21.02 -43.83
N GLY D 36 2.21 20.19 -42.90
CA GLY D 36 1.85 20.65 -41.59
C GLY D 36 0.41 21.11 -41.51
N LEU D 37 -0.34 20.80 -42.56
CA LEU D 37 -1.74 21.18 -42.71
C LEU D 37 -2.60 20.07 -42.09
N LYS D 38 -2.47 19.94 -40.78
CA LYS D 38 -3.01 18.79 -40.04
C LYS D 38 -4.48 18.48 -40.39
N ARG D 39 -5.26 19.52 -40.62
CA ARG D 39 -6.70 19.42 -40.80
C ARG D 39 -7.04 18.80 -42.13
N LEU D 40 -6.26 19.12 -43.15
CA LEU D 40 -6.46 18.58 -44.47
C LEU D 40 -5.98 17.13 -44.53
N ASN D 41 -4.97 16.79 -43.74
CA ASN D 41 -4.53 15.42 -43.65
C ASN D 41 -5.66 14.60 -43.07
N ASP D 42 -6.31 15.08 -42.01
CA ASP D 42 -7.39 14.30 -41.37
C ASP D 42 -8.56 14.08 -42.34
N VAL D 43 -9.02 15.14 -42.99
CA VAL D 43 -10.14 14.98 -43.90
C VAL D 43 -9.79 14.09 -45.09
N GLU D 44 -8.63 14.32 -45.73
CA GLU D 44 -8.29 13.52 -46.94
C GLU D 44 -8.04 12.09 -46.59
N TYR D 45 -7.41 11.86 -45.45
CA TYR D 45 -7.27 10.52 -44.97
C TYR D 45 -8.63 9.84 -44.83
N HIS D 46 -9.57 10.51 -44.17
N HIS D 46 -9.57 10.50 -44.14
CA HIS D 46 -10.90 9.92 -43.93
CA HIS D 46 -10.92 9.96 -43.93
C HIS D 46 -11.69 9.73 -45.22
C HIS D 46 -11.48 9.55 -45.27
N GLU D 47 -11.23 10.38 -46.26
CA GLU D 47 -11.79 10.14 -47.51
C GLU D 47 -11.17 9.03 -48.31
N SER D 48 -9.88 8.83 -48.15
CA SER D 48 -9.25 7.62 -48.62
C SER D 48 -9.90 6.33 -48.04
N ILE D 49 -10.13 6.32 -46.72
CA ILE D 49 -10.82 5.23 -46.05
C ILE D 49 -12.20 5.04 -46.68
N ASP D 50 -12.85 6.14 -46.97
CA ASP D 50 -14.19 6.09 -47.55
C ASP D 50 -14.18 5.37 -48.89
N GLU D 51 -13.19 5.68 -49.73
CA GLU D 51 -13.10 5.07 -51.04
C GLU D 51 -12.71 3.61 -50.91
N MET D 52 -11.99 3.28 -49.85
CA MET D 52 -11.68 1.88 -49.57
C MET D 52 -12.96 1.10 -49.28
N LYS D 53 -13.84 1.67 -48.46
CA LYS D 53 -15.12 1.07 -48.19
C LYS D 53 -15.89 0.84 -49.49
N HIS D 54 -15.82 1.81 -50.40
CA HIS D 54 -16.49 1.67 -51.67
C HIS D 54 -15.91 0.52 -52.48
N ALA D 55 -14.58 0.47 -52.61
CA ALA D 55 -13.91 -0.60 -53.33
C ALA D 55 -14.34 -1.95 -52.78
N ASP D 56 -14.31 -2.09 -51.44
CA ASP D 56 -14.68 -3.30 -50.79
C ASP D 56 -16.09 -3.69 -51.22
N ARG D 57 -17.00 -2.72 -51.24
CA ARG D 57 -18.37 -3.06 -51.60
C ARG D 57 -18.50 -3.57 -53.03
N TYR D 58 -17.77 -2.94 -53.96
CA TYR D 58 -17.77 -3.40 -55.33
C TYR D 58 -17.20 -4.82 -55.44
N ILE D 59 -16.10 -5.05 -54.75
CA ILE D 59 -15.40 -6.32 -54.82
C ILE D 59 -16.33 -7.42 -54.34
N GLU D 60 -17.08 -7.17 -53.28
CA GLU D 60 -17.92 -8.18 -52.71
C GLU D 60 -19.08 -8.47 -53.58
N ARG D 61 -19.57 -7.41 -54.20
CA ARG D 61 -20.70 -7.50 -55.11
C ARG D 61 -20.30 -8.26 -56.38
N ILE D 62 -19.14 -7.91 -56.96
CA ILE D 62 -18.67 -8.59 -58.17
C ILE D 62 -18.54 -10.09 -57.90
N LEU D 63 -17.94 -10.41 -56.77
CA LEU D 63 -17.75 -11.79 -56.38
C LEU D 63 -19.10 -12.46 -56.21
N PHE D 64 -20.04 -11.74 -55.62
CA PHE D 64 -21.34 -12.33 -55.40
C PHE D 64 -21.97 -12.66 -56.74
N LEU D 65 -21.89 -11.72 -57.68
CA LEU D 65 -22.46 -11.89 -58.99
C LEU D 65 -21.61 -12.79 -59.88
N GLU D 66 -20.54 -13.33 -59.32
CA GLU D 66 -19.68 -14.33 -59.98
C GLU D 66 -18.79 -13.77 -61.10
N GLY D 67 -18.41 -12.50 -60.98
CA GLY D 67 -17.43 -11.91 -61.89
C GLY D 67 -16.07 -11.87 -61.24
N LEU D 68 -15.10 -11.34 -61.97
CA LEU D 68 -13.71 -11.27 -61.54
C LEU D 68 -13.31 -9.83 -61.19
N PRO D 69 -13.21 -9.50 -59.90
CA PRO D 69 -12.80 -8.13 -59.60
C PRO D 69 -11.43 -7.85 -60.18
N ASN D 70 -11.30 -6.67 -60.79
CA ASN D 70 -10.09 -6.28 -61.45
C ASN D 70 -9.40 -5.20 -60.62
N LEU D 71 -8.36 -5.60 -59.91
CA LEU D 71 -7.58 -4.67 -59.13
C LEU D 71 -6.21 -4.46 -59.80
N GLN D 72 -6.09 -4.92 -61.03
CA GLN D 72 -4.81 -4.92 -61.69
C GLN D 72 -4.59 -3.61 -62.41
N ASP D 73 -5.63 -3.10 -63.06
CA ASP D 73 -5.46 -1.88 -63.86
C ASP D 73 -5.72 -0.65 -63.00
N LEU D 74 -4.79 0.31 -63.09
CA LEU D 74 -4.88 1.52 -62.31
C LEU D 74 -4.88 2.69 -63.28
N GLY D 75 -5.93 3.51 -63.22
CA GLY D 75 -6.06 4.67 -64.07
C GLY D 75 -5.06 5.75 -63.71
N LYS D 76 -5.16 6.89 -64.39
CA LYS D 76 -4.21 7.97 -64.16
C LYS D 76 -4.43 8.71 -62.83
N LEU D 77 -3.40 8.71 -62.00
CA LEU D 77 -3.34 9.61 -60.84
C LEU D 77 -2.97 10.97 -61.33
N ASN D 78 -3.57 12.02 -60.81
CA ASN D 78 -3.07 13.39 -61.06
C ASN D 78 -2.81 14.04 -59.70
N ILE D 79 -1.53 14.20 -59.36
CA ILE D 79 -1.14 14.55 -57.99
C ILE D 79 -1.06 16.07 -57.75
N GLY D 80 -0.29 16.78 -58.55
CA GLY D 80 -0.24 18.23 -58.31
C GLY D 80 0.71 18.63 -57.19
N GLU D 81 1.08 19.89 -57.10
CA GLU D 81 2.17 20.24 -56.20
C GLU D 81 1.75 21.13 -55.05
N ASP D 82 0.77 22.03 -55.25
CA ASP D 82 0.26 22.89 -54.19
C ASP D 82 -1.18 22.57 -53.82
N VAL D 83 -1.61 23.02 -52.64
CA VAL D 83 -2.94 22.73 -52.08
C VAL D 83 -4.09 22.89 -53.06
N GLU D 84 -4.23 24.07 -53.66
CA GLU D 84 -5.33 24.28 -54.62
C GLU D 84 -5.33 23.24 -55.74
N GLU D 85 -4.19 23.09 -56.40
CA GLU D 85 -4.06 22.17 -57.50
C GLU D 85 -4.46 20.75 -57.02
N MET D 86 -4.08 20.41 -55.80
CA MET D 86 -4.36 19.06 -55.39
C MET D 86 -5.83 18.88 -55.08
N LEU D 87 -6.43 19.88 -54.46
CA LEU D 87 -7.84 19.79 -54.16
C LEU D 87 -8.63 19.72 -55.45
N ARG D 88 -8.21 20.53 -56.41
CA ARG D 88 -8.92 20.68 -57.68
C ARG D 88 -8.85 19.35 -58.43
N SER D 89 -7.73 18.67 -58.28
CA SER D 89 -7.54 17.38 -58.94
C SER D 89 -8.47 16.31 -58.36
N ASP D 90 -8.63 16.31 -57.03
CA ASP D 90 -9.54 15.42 -56.35
C ASP D 90 -10.97 15.68 -56.84
N LEU D 91 -11.33 16.96 -56.95
CA LEU D 91 -12.65 17.35 -57.47
C LEU D 91 -12.90 16.84 -58.91
N ALA D 92 -11.97 17.06 -59.82
CA ALA D 92 -12.15 16.54 -61.20
C ALA D 92 -12.36 15.02 -61.19
N LEU D 93 -11.66 14.32 -60.29
CA LEU D 93 -11.70 12.86 -60.28
C LEU D 93 -13.06 12.37 -59.82
N GLU D 94 -13.57 13.11 -58.85
CA GLU D 94 -14.78 12.81 -58.15
C GLU D 94 -15.97 13.07 -59.11
N LEU D 95 -15.87 14.13 -59.88
CA LEU D 95 -16.77 14.42 -60.96
C LEU D 95 -16.78 13.37 -62.08
N ASP D 96 -15.64 12.85 -62.49
CA ASP D 96 -15.65 11.78 -63.48
C ASP D 96 -16.25 10.52 -62.94
N GLY D 97 -16.02 10.29 -61.65
CA GLY D 97 -16.58 9.10 -61.03
C GLY D 97 -18.09 9.22 -60.90
N ALA D 98 -18.58 10.40 -60.56
CA ALA D 98 -20.03 10.59 -60.44
C ALA D 98 -20.73 10.34 -61.78
N LYS D 99 -20.06 10.75 -62.87
CA LYS D 99 -20.55 10.55 -64.22
C LYS D 99 -20.71 9.05 -64.50
N ASN D 100 -19.69 8.27 -64.21
CA ASN D 100 -19.76 6.83 -64.47
C ASN D 100 -20.83 6.15 -63.62
N LEU D 101 -20.97 6.62 -62.39
CA LEU D 101 -21.98 6.13 -61.46
C LEU D 101 -23.39 6.36 -61.99
N ARG D 102 -23.65 7.57 -62.48
CA ARG D 102 -24.95 7.93 -63.02
CA ARG D 102 -24.96 7.94 -63.01
C ARG D 102 -25.29 6.98 -64.17
N GLU D 103 -24.32 6.74 -65.01
CA GLU D 103 -24.51 5.87 -66.12
C GLU D 103 -24.79 4.41 -65.66
N ALA D 104 -24.01 3.90 -64.72
CA ALA D 104 -24.15 2.54 -64.23
C ALA D 104 -25.48 2.31 -63.55
N ILE D 105 -25.92 3.30 -62.77
CA ILE D 105 -27.19 3.20 -62.05
C ILE D 105 -28.38 3.04 -63.01
N GLY D 106 -28.37 3.81 -64.10
CA GLY D 106 -29.44 3.77 -65.09
C GLY D 106 -29.46 2.39 -65.73
N TYR D 107 -28.27 1.84 -65.99
CA TYR D 107 -28.21 0.57 -66.68
C TYR D 107 -28.66 -0.60 -65.77
N ALA D 108 -28.17 -0.62 -64.53
CA ALA D 108 -28.56 -1.61 -63.56
C ALA D 108 -30.09 -1.66 -63.39
N ASP D 109 -30.72 -0.49 -63.39
CA ASP D 109 -32.16 -0.39 -63.34
C ASP D 109 -32.76 -1.09 -64.54
N SER D 110 -32.19 -0.90 -65.72
CA SER D 110 -32.92 -1.40 -66.86
C SER D 110 -32.78 -2.91 -67.02
N VAL D 111 -31.74 -3.50 -66.43
CA VAL D 111 -31.64 -4.97 -66.37
C VAL D 111 -32.13 -5.54 -65.03
N HIS D 112 -32.74 -4.71 -64.20
CA HIS D 112 -33.41 -5.15 -63.00
C HIS D 112 -32.45 -5.56 -61.87
N ASP D 113 -31.18 -5.19 -61.96
CA ASP D 113 -30.27 -5.43 -60.85
C ASP D 113 -30.45 -4.33 -59.81
N TYR D 114 -31.57 -4.38 -59.15
CA TYR D 114 -31.93 -3.33 -58.23
C TYR D 114 -31.04 -3.26 -57.00
N VAL D 115 -30.49 -4.38 -56.53
CA VAL D 115 -29.62 -4.24 -55.39
C VAL D 115 -28.25 -3.67 -55.71
N SER D 116 -27.68 -4.03 -56.86
CA SER D 116 -26.52 -3.30 -57.35
C SER D 116 -26.82 -1.80 -57.47
N ARG D 117 -28.01 -1.46 -57.97
CA ARG D 117 -28.39 -0.08 -58.11
C ARG D 117 -28.41 0.63 -56.76
N ASP D 118 -29.03 -0.04 -55.80
CA ASP D 118 -29.21 0.50 -54.46
C ASP D 118 -27.84 0.79 -53.85
N MET D 119 -26.94 -0.18 -53.90
CA MET D 119 -25.59 0.03 -53.47
C MET D 119 -24.96 1.23 -54.18
N MET D 120 -25.12 1.32 -55.50
CA MET D 120 -24.48 2.40 -56.24
C MET D 120 -25.04 3.77 -55.87
N ILE D 121 -26.35 3.84 -55.57
CA ILE D 121 -26.94 5.12 -55.18
C ILE D 121 -26.38 5.60 -53.86
N GLU D 122 -26.15 4.67 -52.92
CA GLU D 122 -25.53 5.04 -51.64
C GLU D 122 -24.13 5.60 -51.86
N ILE D 123 -23.36 4.94 -52.72
CA ILE D 123 -21.99 5.36 -52.99
C ILE D 123 -22.03 6.77 -53.64
N LEU D 124 -22.96 6.97 -54.58
CA LEU D 124 -23.08 8.25 -55.27
C LEU D 124 -23.34 9.37 -54.28
N ARG D 125 -24.26 9.13 -53.35
CA ARG D 125 -24.55 10.03 -52.24
C ARG D 125 -23.27 10.37 -51.46
N ASP D 126 -22.44 9.36 -51.17
CA ASP D 126 -21.17 9.65 -50.53
C ASP D 126 -20.30 10.52 -51.43
N GLU D 127 -20.30 10.26 -52.74
CA GLU D 127 -19.42 11.02 -53.63
C GLU D 127 -19.85 12.46 -53.67
N GLU D 128 -21.16 12.67 -53.73
CA GLU D 128 -21.70 13.98 -53.75
C GLU D 128 -21.30 14.76 -52.49
N GLY D 129 -21.22 14.07 -51.34
CA GLY D 129 -20.66 14.63 -50.12
C GLY D 129 -19.23 15.13 -50.30
N HIS D 130 -18.34 14.30 -50.87
CA HIS D 130 -16.96 14.69 -51.10
C HIS D 130 -16.92 15.90 -52.03
N ILE D 131 -17.72 15.86 -53.10
CA ILE D 131 -17.81 16.96 -54.05
C ILE D 131 -18.18 18.27 -53.29
N ASP D 132 -19.22 18.23 -52.46
CA ASP D 132 -19.63 19.38 -51.68
C ASP D 132 -18.45 19.94 -50.88
N TRP D 133 -17.75 19.06 -50.18
CA TRP D 133 -16.67 19.47 -49.32
C TRP D 133 -15.56 20.14 -50.13
N LEU D 134 -15.12 19.50 -51.22
CA LEU D 134 -14.09 20.02 -52.09
C LEU D 134 -14.48 21.37 -52.63
N GLU D 135 -15.70 21.50 -53.16
CA GLU D 135 -16.11 22.78 -53.77
C GLU D 135 -16.02 23.90 -52.71
N THR D 136 -16.52 23.61 -51.50
CA THR D 136 -16.49 24.58 -50.44
C THR D 136 -15.07 25.02 -50.09
N GLU D 137 -14.16 24.06 -49.94
CA GLU D 137 -12.78 24.39 -49.62
C GLU D 137 -12.21 25.30 -50.71
N LEU D 138 -12.44 24.98 -51.97
CA LEU D 138 -11.88 25.75 -53.05
C LEU D 138 -12.39 27.17 -53.09
N ASP D 139 -13.67 27.37 -52.76
CA ASP D 139 -14.21 28.72 -52.66
C ASP D 139 -13.63 29.44 -51.45
N LEU D 140 -13.47 28.75 -50.33
CA LEU D 140 -12.88 29.38 -49.18
C LEU D 140 -11.52 29.93 -49.53
N ILE D 141 -10.72 29.15 -50.28
CA ILE D 141 -9.40 29.60 -50.68
C ILE D 141 -9.49 30.94 -51.42
N GLN D 142 -10.44 31.07 -52.34
CA GLN D 142 -10.62 32.34 -53.06
C GLN D 142 -11.13 33.44 -52.12
N LYS D 143 -12.09 33.13 -51.28
CA LYS D 143 -12.77 34.20 -50.55
C LYS D 143 -11.86 34.75 -49.46
N MET D 144 -11.13 33.88 -48.75
CA MET D 144 -10.29 34.33 -47.64
C MET D 144 -8.80 34.48 -48.00
N GLY D 145 -8.42 34.00 -49.18
CA GLY D 145 -7.04 34.04 -49.63
C GLY D 145 -6.21 32.85 -49.18
N LEU D 146 -5.17 32.51 -49.95
CA LEU D 146 -4.39 31.33 -49.67
C LEU D 146 -3.73 31.35 -48.29
N GLN D 147 -3.12 32.48 -47.92
CA GLN D 147 -2.41 32.57 -46.64
C GLN D 147 -3.32 32.27 -45.44
N ASN D 148 -4.47 32.93 -45.35
CA ASN D 148 -5.44 32.64 -44.31
C ASN D 148 -5.99 31.21 -44.43
N TYR D 149 -6.18 30.72 -45.63
CA TYR D 149 -6.69 29.38 -45.76
C TYR D 149 -5.72 28.38 -45.13
N LEU D 150 -4.44 28.53 -45.48
CA LEU D 150 -3.39 27.68 -44.95
C LEU D 150 -3.35 27.77 -43.43
N GLN D 151 -3.28 28.96 -42.86
CA GLN D 151 -3.22 29.05 -41.40
C GLN D 151 -4.37 28.26 -40.78
N ALA D 152 -5.51 28.26 -41.46
CA ALA D 152 -6.70 27.64 -40.90
C ALA D 152 -6.68 26.11 -40.90
N GLN D 153 -5.66 25.49 -41.55
CA GLN D 153 -5.53 24.03 -41.66
C GLN D 153 -4.45 23.47 -40.74
N ILE D 154 -3.80 24.35 -39.97
CA ILE D 154 -2.70 23.95 -39.13
C ILE D 154 -3.11 23.01 -37.99
N ARG D 155 -4.22 23.32 -37.34
N ARG D 155 -4.19 23.33 -37.27
CA ARG D 155 -4.67 22.52 -36.21
CA ARG D 155 -4.63 22.47 -36.16
C ARG D 155 -5.79 21.58 -36.67
C ARG D 155 -5.87 21.66 -36.50
N GLU D 156 -5.90 20.41 -36.04
CA GLU D 156 -7.00 19.50 -36.38
C GLU D 156 -8.33 19.98 -35.79
N GLU D 157 -9.44 19.66 -36.46
CA GLU D 157 -10.77 20.04 -35.92
C GLU D 157 -11.29 19.00 -34.92
N GLY D 158 -11.60 19.46 -33.69
CA GLY D 158 -12.12 18.58 -32.59
C GLY D 158 -13.47 17.94 -32.92
N MET E 1 -51.35 24.46 30.71
CA MET E 1 -52.83 24.44 30.79
C MET E 1 -53.25 23.78 32.11
N LYS E 2 -54.02 24.46 32.96
CA LYS E 2 -54.44 23.83 34.24
C LYS E 2 -55.38 22.65 34.02
N GLY E 3 -54.93 21.46 34.41
CA GLY E 3 -55.77 20.28 34.28
C GLY E 3 -56.73 20.06 35.43
N ASP E 4 -57.61 19.07 35.28
CA ASP E 4 -58.47 18.64 36.35
C ASP E 4 -57.62 18.01 37.45
N THR E 5 -57.84 18.41 38.69
CA THR E 5 -57.04 17.92 39.82
C THR E 5 -57.06 16.41 39.94
N LYS E 6 -58.26 15.83 39.83
CA LYS E 6 -58.42 14.40 40.01
C LYS E 6 -57.75 13.61 38.89
N VAL E 7 -57.71 14.17 37.67
CA VAL E 7 -56.96 13.55 36.59
C VAL E 7 -55.48 13.48 36.94
N ILE E 8 -54.94 14.60 37.43
CA ILE E 8 -53.57 14.62 37.88
C ILE E 8 -53.33 13.55 38.96
N ASN E 9 -54.24 13.39 39.95
CA ASN E 9 -54.02 12.34 40.96
C ASN E 9 -53.97 10.95 40.32
N TYR E 10 -54.88 10.70 39.37
CA TYR E 10 -54.85 9.46 38.64
C TYR E 10 -53.52 9.29 37.90
N LEU E 11 -53.08 10.34 37.18
CA LEU E 11 -51.85 10.26 36.45
C LEU E 11 -50.68 9.93 37.40
N ASN E 12 -50.68 10.54 38.60
CA ASN E 12 -49.62 10.25 39.59
C ASN E 12 -49.73 8.82 40.12
N LYS E 13 -50.95 8.35 40.30
CA LYS E 13 -51.15 6.97 40.73
C LYS E 13 -50.66 5.99 39.66
N LEU E 14 -51.02 6.26 38.41
CA LEU E 14 -50.56 5.42 37.33
C LEU E 14 -49.04 5.48 37.23
N LEU E 15 -48.47 6.69 37.33
CA LEU E 15 -47.01 6.88 37.33
C LEU E 15 -46.38 6.03 38.41
N GLY E 16 -47.08 5.96 39.56
CA GLY E 16 -46.65 5.17 40.69
C GLY E 16 -46.52 3.70 40.33
N ASN E 17 -47.51 3.18 39.60
CA ASN E 17 -47.50 1.82 39.13
C ASN E 17 -46.31 1.58 38.23
N GLU E 18 -46.06 2.49 37.30
CA GLU E 18 -44.95 2.34 36.35
C GLU E 18 -43.60 2.30 37.08
N LEU E 19 -43.44 3.19 38.06
CA LEU E 19 -42.25 3.21 38.85
C LEU E 19 -42.01 1.86 39.49
N VAL E 20 -43.05 1.25 40.05
CA VAL E 20 -42.89 -0.09 40.66
C VAL E 20 -42.46 -1.09 39.57
N ALA E 21 -43.20 -1.12 38.45
CA ALA E 21 -42.96 -2.07 37.38
C ALA E 21 -41.56 -1.93 36.81
N ILE E 22 -41.09 -0.68 36.67
CA ILE E 22 -39.78 -0.42 36.14
C ILE E 22 -38.75 -1.19 36.95
N ASN E 23 -38.79 -1.03 38.28
CA ASN E 23 -37.82 -1.67 39.14
C ASN E 23 -38.01 -3.18 39.18
N GLN E 24 -39.24 -3.63 39.33
CA GLN E 24 -39.46 -5.04 39.49
C GLN E 24 -39.01 -5.74 38.20
N TYR E 25 -39.33 -5.14 37.06
CA TYR E 25 -39.00 -5.75 35.78
C TYR E 25 -37.47 -5.75 35.56
N PHE E 26 -36.81 -4.65 35.89
CA PHE E 26 -35.37 -4.58 35.72
C PHE E 26 -34.60 -5.59 36.61
N LEU E 27 -34.96 -5.66 37.89
CA LEU E 27 -34.39 -6.66 38.78
C LEU E 27 -34.64 -8.05 38.22
N HIS E 28 -35.90 -8.35 37.87
CA HIS E 28 -36.19 -9.67 37.33
C HIS E 28 -35.29 -9.96 36.14
N ALA E 29 -35.21 -9.01 35.22
CA ALA E 29 -34.37 -9.15 34.03
C ALA E 29 -32.98 -9.60 34.38
N ARG E 30 -32.34 -8.92 35.32
CA ARG E 30 -30.93 -9.20 35.64
C ARG E 30 -30.78 -10.48 36.49
N MET E 31 -31.87 -10.84 37.18
CA MET E 31 -31.90 -12.12 37.90
C MET E 31 -31.88 -13.24 36.87
N PHE E 32 -32.77 -13.15 35.89
CA PHE E 32 -32.76 -14.07 34.77
C PHE E 32 -31.40 -14.12 34.10
N LYS E 33 -30.79 -12.97 33.89
CA LYS E 33 -29.51 -12.90 33.22
C LYS E 33 -28.47 -13.67 33.99
N ASN E 34 -28.45 -13.45 35.32
CA ASN E 34 -27.61 -14.18 36.23
C ASN E 34 -27.90 -15.67 36.20
N PHE E 35 -29.18 -16.07 36.19
CA PHE E 35 -29.57 -17.47 36.03
C PHE E 35 -29.11 -18.06 34.69
N GLY E 36 -28.77 -17.21 33.72
CA GLY E 36 -28.32 -17.69 32.42
C GLY E 36 -29.45 -17.87 31.44
N LEU E 37 -30.62 -17.37 31.83
CA LEU E 37 -31.84 -17.44 31.03
C LEU E 37 -31.88 -16.23 30.08
N LYS E 38 -30.96 -16.21 29.14
CA LYS E 38 -30.68 -15.05 28.32
C LYS E 38 -31.95 -14.44 27.70
N ARG E 39 -32.88 -15.30 27.31
CA ARG E 39 -34.08 -14.90 26.57
C ARG E 39 -35.05 -14.13 27.43
N LEU E 40 -35.14 -14.52 28.70
CA LEU E 40 -36.02 -13.87 29.65
C LEU E 40 -35.42 -12.56 30.08
N ASN E 41 -34.08 -12.48 30.13
CA ASN E 41 -33.44 -11.21 30.42
C ASN E 41 -33.78 -10.21 29.31
N ASP E 42 -33.72 -10.64 28.04
CA ASP E 42 -33.98 -9.71 26.95
C ASP E 42 -35.42 -9.21 27.00
N VAL E 43 -36.39 -10.12 27.14
CA VAL E 43 -37.78 -9.69 27.15
C VAL E 43 -38.07 -8.80 28.36
N GLU E 44 -37.66 -9.21 29.56
CA GLU E 44 -37.98 -8.43 30.77
C GLU E 44 -37.29 -7.07 30.76
N TYR E 45 -36.06 -7.04 30.26
CA TYR E 45 -35.41 -5.79 30.08
C TYR E 45 -36.22 -4.88 29.17
N HIS E 46 -36.66 -5.39 28.02
N HIS E 46 -36.63 -5.40 28.00
CA HIS E 46 -37.40 -4.58 27.04
CA HIS E 46 -37.42 -4.63 27.03
C HIS E 46 -38.76 -4.16 27.58
C HIS E 46 -38.60 -4.02 27.77
N GLU E 47 -39.19 -4.80 28.65
CA GLU E 47 -40.34 -4.38 29.28
C GLU E 47 -40.17 -3.37 30.34
N SER E 48 -39.04 -3.43 31.03
CA SER E 48 -38.62 -2.34 31.89
C SER E 48 -38.50 -1.00 31.11
N ILE E 49 -37.86 -1.03 29.95
CA ILE E 49 -37.78 0.12 29.06
C ILE E 49 -39.17 0.63 28.71
N ASP E 50 -40.06 -0.31 28.44
CA ASP E 50 -41.41 0.03 28.09
C ASP E 50 -42.10 0.83 29.18
N GLU E 51 -41.94 0.40 30.43
CA GLU E 51 -42.57 1.06 31.56
C GLU E 51 -41.91 2.41 31.79
N MET E 52 -40.64 2.53 31.44
CA MET E 52 -39.97 3.81 31.51
C MET E 52 -40.62 4.80 30.56
N LYS E 53 -40.88 4.36 29.33
CA LYS E 53 -41.56 5.17 28.35
C LYS E 53 -42.91 5.63 28.90
N HIS E 54 -43.62 4.74 29.60
CA HIS E 54 -44.90 5.09 30.18
C HIS E 54 -44.73 6.14 31.25
N ALA E 55 -43.79 5.94 32.17
CA ALA E 55 -43.52 6.92 33.23
C ALA E 55 -43.24 8.30 32.63
N ASP E 56 -42.37 8.32 31.62
CA ASP E 56 -42.01 9.54 30.95
C ASP E 56 -43.29 10.21 30.44
N ARG E 57 -44.18 9.45 29.82
CA ARG E 57 -45.38 10.06 29.28
C ARG E 57 -46.25 10.69 30.34
N TYR E 58 -46.41 9.99 31.47
CA TYR E 58 -47.18 10.54 32.59
C TYR E 58 -46.55 11.82 33.12
N ILE E 59 -45.21 11.78 33.27
CA ILE E 59 -44.48 12.90 33.87
C ILE E 59 -44.67 14.13 32.99
N GLU E 60 -44.63 13.95 31.67
CA GLU E 60 -44.73 15.07 30.77
C GLU E 60 -46.11 15.64 30.75
N ARG E 61 -47.08 14.75 30.85
CA ARG E 61 -48.47 15.11 30.85
C ARG E 61 -48.81 15.84 32.15
N ILE E 62 -48.35 15.32 33.31
CA ILE E 62 -48.64 15.97 34.58
C ILE E 62 -48.07 17.41 34.56
N LEU E 63 -46.85 17.54 34.05
CA LEU E 63 -46.20 18.82 33.98
C LEU E 63 -46.99 19.72 33.05
N PHE E 64 -47.48 19.16 31.96
CA PHE E 64 -48.22 19.98 31.01
C PHE E 64 -49.45 20.50 31.70
N LEU E 65 -50.14 19.63 32.44
CA LEU E 65 -51.38 19.99 33.11
C LEU E 65 -51.12 20.76 34.38
N GLU E 66 -49.85 21.06 34.64
CA GLU E 66 -49.43 21.91 35.77
C GLU E 66 -49.56 21.26 37.16
N GLY E 67 -49.45 19.94 37.22
CA GLY E 67 -49.37 19.24 38.49
C GLY E 67 -47.92 18.90 38.83
N LEU E 68 -47.74 18.24 39.97
CA LEU E 68 -46.44 17.88 40.48
C LEU E 68 -46.21 16.38 40.36
N PRO E 69 -45.40 15.94 39.40
CA PRO E 69 -45.16 14.49 39.31
C PRO E 69 -44.53 13.99 40.61
N ASN E 70 -45.03 12.87 41.08
CA ASN E 70 -44.59 12.30 42.33
C ASN E 70 -43.76 11.06 42.05
N LEU E 71 -42.45 11.18 42.17
CA LEU E 71 -41.54 10.07 41.96
C LEU E 71 -40.97 9.66 43.32
N GLN E 72 -41.56 10.19 44.39
CA GLN E 72 -41.00 9.97 45.70
C GLN E 72 -41.52 8.70 46.32
N ASP E 73 -42.82 8.43 46.16
CA ASP E 73 -43.40 7.26 46.80
C ASP E 73 -43.31 6.05 45.88
N LEU E 74 -42.85 4.94 46.45
CA LEU E 74 -42.66 3.72 45.71
C LEU E 74 -43.49 2.65 46.38
N GLY E 75 -44.40 2.04 45.63
CA GLY E 75 -45.26 0.97 46.15
C GLY E 75 -44.48 -0.29 46.41
N LYS E 76 -45.19 -1.34 46.79
CA LYS E 76 -44.54 -2.61 47.13
C LYS E 76 -44.02 -3.37 45.90
N LEU E 77 -42.72 -3.63 45.88
CA LEU E 77 -42.11 -4.59 44.96
C LEU E 77 -42.40 -5.96 45.49
N ASN E 78 -42.74 -6.92 44.61
CA ASN E 78 -42.77 -8.34 45.04
C ASN E 78 -41.85 -9.10 44.10
N ILE E 79 -40.69 -9.53 44.61
CA ILE E 79 -39.62 -10.05 43.77
C ILE E 79 -39.71 -11.55 43.53
N GLY E 80 -39.74 -12.36 44.58
CA GLY E 80 -39.84 -13.81 44.34
C GLY E 80 -38.49 -14.44 44.02
N GLU E 81 -38.40 -15.76 44.10
CA GLU E 81 -37.08 -16.39 44.04
C GLU E 81 -36.85 -17.25 42.82
N ASP E 82 -37.89 -17.91 42.32
CA ASP E 82 -37.79 -18.74 41.10
C ASP E 82 -38.59 -18.18 39.94
N VAL E 83 -38.26 -18.63 38.73
CA VAL E 83 -38.87 -18.13 37.48
C VAL E 83 -40.39 -17.98 37.53
N GLU E 84 -41.10 -19.07 37.82
CA GLU E 84 -42.55 -19.00 37.86
C GLU E 84 -43.06 -17.90 38.81
N GLU E 85 -42.57 -17.92 40.04
CA GLU E 85 -42.99 -16.98 41.05
C GLU E 85 -42.72 -15.57 40.54
N MET E 86 -41.60 -15.37 39.84
CA MET E 86 -41.31 -14.02 39.43
C MET E 86 -42.19 -13.58 38.30
N LEU E 87 -42.46 -14.49 37.37
CA LEU E 87 -43.33 -14.15 36.25
C LEU E 87 -44.72 -13.84 36.78
N ARG E 88 -45.16 -14.65 37.72
CA ARG E 88 -46.50 -14.57 38.27
C ARG E 88 -46.66 -13.24 38.98
N SER E 89 -45.58 -12.80 39.62
CA SER E 89 -45.60 -11.54 40.34
C SER E 89 -45.74 -10.35 39.37
N ASP E 90 -45.04 -10.42 38.24
CA ASP E 90 -45.14 -9.40 37.20
C ASP E 90 -46.58 -9.35 36.68
N LEU E 91 -47.18 -10.52 36.46
CA LEU E 91 -48.57 -10.62 36.01
C LEU E 91 -49.55 -9.98 37.00
N ALA E 92 -49.46 -10.31 38.29
CA ALA E 92 -50.34 -9.67 39.28
C ALA E 92 -50.20 -8.15 39.26
N LEU E 93 -48.99 -7.67 39.04
CA LEU E 93 -48.75 -6.22 39.10
C LEU E 93 -49.39 -5.52 37.92
N GLU E 94 -49.32 -6.22 36.80
CA GLU E 94 -49.75 -5.72 35.53
C GLU E 94 -51.29 -5.68 35.54
N LEU E 95 -51.89 -6.70 36.12
CA LEU E 95 -53.31 -6.74 36.37
C LEU E 95 -53.82 -5.63 37.31
N ASP E 96 -53.11 -5.32 38.39
CA ASP E 96 -53.53 -4.20 39.23
C ASP E 96 -53.40 -2.88 38.51
N GLY E 97 -52.38 -2.77 37.67
CA GLY E 97 -52.20 -1.57 36.91
C GLY E 97 -53.27 -1.39 35.85
N ALA E 98 -53.67 -2.47 35.21
CA ALA E 98 -54.73 -2.38 34.20
C ALA E 98 -56.04 -1.92 34.83
N LYS E 99 -56.31 -2.39 36.05
CA LYS E 99 -57.47 -2.00 36.82
C LYS E 99 -57.48 -0.50 37.04
N ASN E 100 -56.38 0.06 37.53
CA ASN E 100 -56.32 1.51 37.78
C ASN E 100 -56.47 2.33 36.49
N LEU E 101 -55.90 1.82 35.39
CA LEU E 101 -56.00 2.42 34.10
C LEU E 101 -57.43 2.49 33.62
N ARG E 102 -58.17 1.38 33.76
CA ARG E 102 -59.58 1.33 33.33
CA ARG E 102 -59.57 1.31 33.33
C ARG E 102 -60.36 2.40 34.08
N GLU E 103 -60.09 2.51 35.36
CA GLU E 103 -60.77 3.49 36.17
C GLU E 103 -60.41 4.91 35.75
N ALA E 104 -59.13 5.19 35.54
CA ALA E 104 -58.67 6.55 35.15
C ALA E 104 -59.22 6.98 33.80
N ILE E 105 -59.27 6.05 32.86
CA ILE E 105 -59.76 6.33 31.52
C ILE E 105 -61.24 6.78 31.53
N GLY E 106 -62.04 6.09 32.35
CA GLY E 106 -63.46 6.40 32.46
C GLY E 106 -63.61 7.80 33.01
N TYR E 107 -62.76 8.14 33.99
CA TYR E 107 -62.91 9.40 34.66
C TYR E 107 -62.47 10.57 33.77
N ALA E 108 -61.32 10.41 33.10
CA ALA E 108 -60.81 11.39 32.14
C ALA E 108 -61.86 11.72 31.07
N ASP E 109 -62.55 10.69 30.60
CA ASP E 109 -63.66 10.87 29.67
C ASP E 109 -64.72 11.75 30.28
N SER E 110 -65.04 11.55 31.54
CA SER E 110 -66.21 12.25 32.03
C SER E 110 -65.92 13.69 32.33
N VAL E 111 -64.65 14.04 32.53
CA VAL E 111 -64.27 15.46 32.66
C VAL E 111 -63.70 16.02 31.37
N HIS E 112 -63.83 15.26 30.27
CA HIS E 112 -63.49 15.76 28.94
C HIS E 112 -61.99 15.90 28.70
N ASP E 113 -61.13 15.30 29.52
CA ASP E 113 -59.70 15.27 29.25
C ASP E 113 -59.41 14.16 28.26
N TYR E 114 -59.85 14.37 27.05
CA TYR E 114 -59.74 13.37 26.03
C TYR E 114 -58.31 13.04 25.63
N VAL E 115 -57.38 14.00 25.68
CA VAL E 115 -56.03 13.62 25.31
C VAL E 115 -55.32 12.82 26.39
N SER E 116 -55.54 13.13 27.66
CA SER E 116 -55.08 12.23 28.71
C SER E 116 -55.66 10.84 28.51
N ARG E 117 -56.94 10.78 28.13
CA ARG E 117 -57.58 9.50 27.94
C ARG E 117 -56.89 8.72 26.82
N ASP E 118 -56.64 9.43 25.72
CA ASP E 118 -56.05 8.85 24.53
C ASP E 118 -54.67 8.26 24.86
N MET E 119 -53.85 9.04 25.54
CA MET E 119 -52.61 8.55 26.03
C MET E 119 -52.79 7.29 26.89
N MET E 120 -53.75 7.33 27.81
CA MET E 120 -53.92 6.20 28.71
C MET E 120 -54.39 4.93 27.98
N ILE E 121 -55.22 5.09 26.95
CA ILE E 121 -55.67 3.94 26.18
C ILE E 121 -54.51 3.28 25.46
N GLU E 122 -53.56 4.08 24.96
CA GLU E 122 -52.37 3.51 24.31
C GLU E 122 -51.55 2.70 25.30
N ILE E 123 -51.36 3.26 26.49
CA ILE E 123 -50.59 2.60 27.53
C ILE E 123 -51.28 1.30 27.93
N LEU E 124 -52.61 1.33 28.07
CA LEU E 124 -53.38 0.13 28.43
C LEU E 124 -53.18 -0.98 27.42
N ARG E 125 -53.28 -0.63 26.14
CA ARG E 125 -52.97 -1.52 25.04
C ARG E 125 -51.57 -2.15 25.21
N ASP E 126 -50.56 -1.34 25.55
CA ASP E 126 -49.25 -1.92 25.84
C ASP E 126 -49.31 -2.87 27.02
N GLU E 127 -50.09 -2.54 28.05
CA GLU E 127 -50.11 -3.38 29.24
C GLU E 127 -50.74 -4.71 28.91
N GLU E 128 -51.80 -4.64 28.12
CA GLU E 128 -52.48 -5.84 27.71
C GLU E 128 -51.54 -6.77 26.93
N GLY E 129 -50.63 -6.17 26.13
CA GLY E 129 -49.56 -6.91 25.49
C GLY E 129 -48.67 -7.66 26.47
N HIS E 130 -48.20 -6.97 27.52
CA HIS E 130 -47.36 -7.61 28.55
C HIS E 130 -48.15 -8.75 29.22
N ILE E 131 -49.42 -8.48 29.56
CA ILE E 131 -50.28 -9.49 30.16
C ILE E 131 -50.34 -10.75 29.24
N ASP E 132 -50.60 -10.56 27.95
CA ASP E 132 -50.65 -11.67 27.02
C ASP E 132 -49.36 -12.50 27.08
N TRP E 133 -48.24 -11.80 27.03
CA TRP E 133 -46.95 -12.47 27.01
C TRP E 133 -46.75 -13.28 28.29
N LEU E 134 -46.98 -12.65 29.45
CA LEU E 134 -46.84 -13.31 30.75
C LEU E 134 -47.72 -14.53 30.84
N GLU E 135 -48.99 -14.40 30.47
CA GLU E 135 -49.93 -15.53 30.59
C GLU E 135 -49.42 -16.72 29.75
N THR E 136 -48.99 -16.42 28.53
CA THR E 136 -48.50 -17.44 27.66
C THR E 136 -47.27 -18.16 28.25
N GLU E 137 -46.32 -17.41 28.77
CA GLU E 137 -45.14 -18.01 29.33
C GLU E 137 -45.56 -18.95 30.46
N LEU E 138 -46.46 -18.50 31.32
CA LEU E 138 -46.83 -19.29 32.48
C LEU E 138 -47.52 -20.58 32.08
N ASP E 139 -48.33 -20.55 31.03
CA ASP E 139 -48.93 -21.77 30.53
C ASP E 139 -47.88 -22.68 29.88
N LEU E 140 -46.93 -22.10 29.17
CA LEU E 140 -45.87 -22.91 28.58
C LEU E 140 -45.16 -23.69 29.67
N ILE E 141 -44.90 -23.03 30.79
CA ILE E 141 -44.22 -23.69 31.90
C ILE E 141 -44.99 -24.94 32.33
N GLN E 142 -46.32 -24.84 32.45
CA GLN E 142 -47.15 -26.00 32.81
C GLN E 142 -47.16 -27.02 31.69
N LYS E 143 -47.30 -26.59 30.45
CA LYS E 143 -47.57 -27.55 29.38
C LYS E 143 -46.30 -28.35 29.06
N MET E 144 -45.16 -27.68 29.01
CA MET E 144 -43.90 -28.37 28.65
C MET E 144 -43.03 -28.78 29.85
N GLY E 145 -43.39 -28.30 31.04
CA GLY E 145 -42.64 -28.55 32.26
C GLY E 145 -41.49 -27.58 32.51
N LEU E 146 -41.12 -27.41 33.77
CA LEU E 146 -40.12 -26.42 34.12
C LEU E 146 -38.77 -26.66 33.43
N GLN E 147 -38.27 -27.89 33.46
CA GLN E 147 -36.96 -28.20 32.89
C GLN E 147 -36.86 -27.82 31.42
N ASN E 148 -37.81 -28.25 30.59
CA ASN E 148 -37.82 -27.85 29.19
C ASN E 148 -38.04 -26.34 29.03
N TYR E 149 -38.85 -25.74 29.89
CA TYR E 149 -39.06 -24.34 29.76
C TYR E 149 -37.73 -23.59 29.93
N LEU E 150 -37.01 -23.96 30.99
CA LEU E 150 -35.72 -23.35 31.29
C LEU E 150 -34.76 -23.53 30.14
N GLN E 151 -34.59 -24.75 29.66
CA GLN E 151 -33.65 -24.96 28.54
C GLN E 151 -33.99 -24.00 27.39
N ALA E 152 -35.27 -23.74 27.21
CA ALA E 152 -35.70 -22.94 26.09
C ALA E 152 -35.40 -21.45 26.21
N GLN E 153 -34.91 -21.00 27.39
CA GLN E 153 -34.59 -19.58 27.66
C GLN E 153 -33.10 -19.30 27.65
N ILE E 154 -32.31 -20.33 27.40
CA ILE E 154 -30.87 -20.21 27.44
C ILE E 154 -30.29 -19.30 26.37
N ARG E 155 -30.78 -19.43 25.13
N ARG E 155 -30.72 -19.45 25.11
CA ARG E 155 -30.27 -18.63 24.03
CA ARG E 155 -30.19 -18.60 24.03
C ARG E 155 -31.22 -17.47 23.76
C ARG E 155 -31.20 -17.54 23.58
N GLU E 156 -30.70 -16.35 23.29
CA GLU E 156 -31.58 -15.22 22.92
C GLU E 156 -32.30 -15.47 21.61
N GLU E 157 -33.49 -14.88 21.45
CA GLU E 157 -34.26 -15.05 20.19
C GLU E 157 -33.83 -13.99 19.16
N GLY E 158 -33.38 -14.48 17.98
CA GLY E 158 -32.92 -13.59 16.86
C GLY E 158 -34.03 -12.68 16.31
N MET F 1 -20.43 -16.30 43.04
CA MET F 1 -19.31 -16.25 44.01
C MET F 1 -19.78 -15.48 45.26
N LYS F 2 -19.71 -16.06 46.45
CA LYS F 2 -20.16 -15.34 47.67
C LYS F 2 -19.25 -14.15 47.98
N GLY F 3 -19.81 -12.95 47.93
CA GLY F 3 -19.05 -11.76 48.28
C GLY F 3 -19.01 -11.44 49.76
N ASP F 4 -18.20 -10.45 50.10
CA ASP F 4 -18.16 -9.92 51.45
C ASP F 4 -19.49 -9.23 51.72
N THR F 5 -20.09 -9.52 52.88
CA THR F 5 -21.41 -8.98 53.22
C THR F 5 -21.43 -7.47 53.22
N LYS F 6 -20.41 -6.87 53.84
CA LYS F 6 -20.35 -5.42 53.97
C LYS F 6 -20.16 -4.74 52.61
N VAL F 7 -19.44 -5.38 51.69
CA VAL F 7 -19.35 -4.85 50.33
C VAL F 7 -20.74 -4.78 49.69
N ILE F 8 -21.48 -5.89 49.81
CA ILE F 8 -22.85 -5.90 49.32
C ILE F 8 -23.68 -4.76 49.95
N ASN F 9 -23.56 -4.52 51.27
CA ASN F 9 -24.35 -3.40 51.85
C ASN F 9 -23.95 -2.06 51.21
N TYR F 10 -22.64 -1.85 51.02
CA TYR F 10 -22.17 -0.67 50.33
C TYR F 10 -22.74 -0.61 48.92
N LEU F 11 -22.68 -1.71 48.16
CA LEU F 11 -23.21 -1.72 46.83
C LEU F 11 -24.71 -1.35 46.83
N ASN F 12 -25.46 -1.85 47.81
CA ASN F 12 -26.89 -1.53 47.93
C ASN F 12 -27.09 -0.06 48.30
N LYS F 13 -26.22 0.46 49.16
CA LYS F 13 -26.31 1.87 49.52
C LYS F 13 -26.01 2.77 48.31
N LEU F 14 -24.97 2.41 47.57
CA LEU F 14 -24.63 3.17 46.38
C LEU F 14 -25.79 3.05 45.37
N LEU F 15 -26.31 1.83 45.16
CA LEU F 15 -27.46 1.62 44.30
C LEU F 15 -28.61 2.53 44.70
N GLY F 16 -28.78 2.70 46.02
CA GLY F 16 -29.78 3.56 46.59
C GLY F 16 -29.61 4.98 46.11
N ASN F 17 -28.38 5.46 46.12
CA ASN F 17 -28.05 6.79 45.65
C ASN F 17 -28.43 6.95 44.19
N GLU F 18 -28.08 5.95 43.37
CA GLU F 18 -28.36 6.00 41.94
C GLU F 18 -29.87 6.07 41.68
N LEU F 19 -30.61 5.25 42.40
CA LEU F 19 -32.05 5.26 42.29
C LEU F 19 -32.61 6.67 42.55
N VAL F 20 -32.13 7.34 43.58
CA VAL F 20 -32.57 8.71 43.85
C VAL F 20 -32.22 9.62 42.67
N ALA F 21 -30.94 9.58 42.25
CA ALA F 21 -30.45 10.45 41.19
C ALA F 21 -31.20 10.23 39.90
N ILE F 22 -31.51 8.96 39.59
CA ILE F 22 -32.23 8.63 38.37
C ILE F 22 -33.52 9.45 38.32
N ASN F 23 -34.30 9.39 39.40
CA ASN F 23 -35.58 10.05 39.44
C ASN F 23 -35.43 11.57 39.47
N GLN F 24 -34.53 12.07 40.32
CA GLN F 24 -34.42 13.49 40.48
C GLN F 24 -33.95 14.08 39.15
N TYR F 25 -33.02 13.41 38.49
CA TYR F 25 -32.49 13.92 37.24
C TYR F 25 -33.55 13.87 36.12
N PHE F 26 -34.30 12.76 36.04
CA PHE F 26 -35.35 12.64 35.04
C PHE F 26 -36.45 13.70 35.19
N LEU F 27 -36.95 13.87 36.41
CA LEU F 27 -37.93 14.91 36.68
C LEU F 27 -37.34 16.27 36.29
N HIS F 28 -36.13 16.57 36.77
CA HIS F 28 -35.53 17.86 36.44
C HIS F 28 -35.49 18.05 34.93
N ALA F 29 -35.02 17.02 34.23
CA ALA F 29 -34.94 17.06 32.77
C ALA F 29 -36.25 17.51 32.15
N ARG F 30 -37.36 16.88 32.56
CA ARG F 30 -38.64 17.15 31.89
C ARG F 30 -39.24 18.48 32.39
N MET F 31 -38.82 18.93 33.57
CA MET F 31 -39.20 20.24 34.06
C MET F 31 -38.55 21.29 33.17
N PHE F 32 -37.25 21.16 32.95
CA PHE F 32 -36.54 21.99 32.00
C PHE F 32 -37.19 21.96 30.62
N LYS F 33 -37.57 20.77 30.16
CA LYS F 33 -38.17 20.62 28.86
C LYS F 33 -39.45 21.42 28.77
N ASN F 34 -40.28 21.29 29.82
CA ASN F 34 -41.48 22.08 29.96
C ASN F 34 -41.21 23.57 30.01
N PHE F 35 -40.19 23.99 30.77
CA PHE F 35 -39.74 25.40 30.77
C PHE F 35 -39.25 25.87 29.39
N GLY F 36 -38.94 24.94 28.48
CA GLY F 36 -38.50 25.31 27.16
C GLY F 36 -36.99 25.46 27.06
N LEU F 37 -36.32 24.99 28.12
CA LEU F 37 -34.86 25.04 28.25
C LEU F 37 -34.29 23.77 27.63
N LYS F 38 -34.45 23.66 26.32
CA LYS F 38 -34.18 22.43 25.59
C LYS F 38 -32.80 21.81 25.93
N ARG F 39 -31.81 22.66 26.13
CA ARG F 39 -30.43 22.24 26.32
C ARG F 39 -30.21 21.55 27.66
N LEU F 40 -30.90 22.04 28.67
CA LEU F 40 -30.82 21.50 30.00
C LEU F 40 -31.61 20.18 30.07
N ASN F 41 -32.69 20.08 29.29
CA ASN F 41 -33.39 18.83 29.21
C ASN F 41 -32.48 17.77 28.63
N ASP F 42 -31.74 18.10 27.56
CA ASP F 42 -30.87 17.10 26.92
C ASP F 42 -29.77 16.63 27.89
N VAL F 43 -29.07 17.56 28.53
CA VAL F 43 -28.01 17.17 29.43
C VAL F 43 -28.54 16.38 30.64
N GLU F 44 -29.61 16.88 31.29
CA GLU F 44 -30.12 16.18 32.48
C GLU F 44 -30.69 14.81 32.15
N TYR F 45 -31.35 14.72 31.00
CA TYR F 45 -31.78 13.45 30.54
C TYR F 45 -30.61 12.50 30.40
N HIS F 46 -29.55 12.93 29.73
N HIS F 46 -29.56 12.93 29.70
CA HIS F 46 -28.38 12.07 29.48
CA HIS F 46 -28.36 12.11 29.48
C HIS F 46 -27.65 11.73 30.77
C HIS F 46 -27.89 11.59 30.83
N GLU F 47 -27.96 12.45 31.82
CA GLU F 47 -27.45 12.10 33.07
C GLU F 47 -28.28 11.15 33.86
N SER F 48 -29.58 11.25 33.71
CA SER F 48 -30.47 10.21 34.20
C SER F 48 -30.11 8.81 33.62
N ILE F 49 -29.90 8.74 32.31
CA ILE F 49 -29.46 7.52 31.64
C ILE F 49 -28.16 7.03 32.26
N ASP F 50 -27.27 7.98 32.54
CA ASP F 50 -25.99 7.64 33.11
C ASP F 50 -26.14 6.94 34.45
N GLU F 51 -27.02 7.46 35.30
CA GLU F 51 -27.25 6.89 36.62
C GLU F 51 -27.95 5.54 36.50
N MET F 52 -28.74 5.37 35.44
CA MET F 52 -29.34 4.08 35.18
C MET F 52 -28.27 3.04 34.90
N LYS F 53 -27.29 3.40 34.06
CA LYS F 53 -26.17 2.54 33.77
C LYS F 53 -25.46 2.15 35.06
N HIS F 54 -25.30 3.11 35.97
CA HIS F 54 -24.67 2.83 37.24
C HIS F 54 -25.49 1.84 38.08
N ALA F 55 -26.79 2.10 38.20
CA ALA F 55 -27.67 1.19 38.93
C ALA F 55 -27.56 -0.24 38.38
N ASP F 56 -27.63 -0.36 37.06
CA ASP F 56 -27.54 -1.63 36.40
C ASP F 56 -26.24 -2.30 36.85
N ARG F 57 -25.13 -1.57 36.86
CA ARG F 57 -23.87 -2.18 37.20
C ARG F 57 -23.86 -2.72 38.63
N TYR F 58 -24.43 -1.96 39.55
CA TYR F 58 -24.51 -2.38 40.94
C TYR F 58 -25.36 -3.64 41.06
N ILE F 59 -26.51 -3.61 40.38
CA ILE F 59 -27.48 -4.70 40.46
C ILE F 59 -26.81 -6.00 39.98
N GLU F 60 -26.03 -5.91 38.90
CA GLU F 60 -25.43 -7.09 38.33
C GLU F 60 -24.36 -7.61 39.21
N ARG F 61 -23.64 -6.70 39.83
CA ARG F 61 -22.55 -7.02 40.71
C ARG F 61 -23.09 -7.66 42.00
N ILE F 62 -24.14 -7.06 42.59
CA ILE F 62 -24.74 -7.62 43.82
C ILE F 62 -25.21 -9.07 43.55
N LEU F 63 -25.85 -9.27 42.41
CA LEU F 63 -26.35 -10.57 42.03
C LEU F 63 -25.18 -11.50 41.86
N PHE F 64 -24.12 -11.01 41.26
CA PHE F 64 -22.98 -11.87 41.03
C PHE F 64 -22.42 -12.32 42.36
N LEU F 65 -22.31 -11.38 43.31
CA LEU F 65 -21.77 -11.66 44.62
C LEU F 65 -22.78 -12.35 45.52
N GLU F 66 -23.95 -12.66 44.96
CA GLU F 66 -24.99 -13.43 45.64
C GLU F 66 -25.74 -12.68 46.76
N GLY F 67 -25.83 -11.35 46.64
CA GLY F 67 -26.66 -10.56 47.55
C GLY F 67 -27.99 -10.24 46.89
N LEU F 68 -28.82 -9.51 47.63
CA LEU F 68 -30.16 -9.14 47.21
C LEU F 68 -30.22 -7.66 46.86
N PRO F 69 -30.27 -7.31 45.57
CA PRO F 69 -30.37 -5.87 45.25
C PRO F 69 -31.63 -5.31 45.83
N ASN F 70 -31.51 -4.13 46.45
CA ASN F 70 -32.61 -3.48 47.11
C ASN F 70 -33.04 -2.30 46.29
N LEU F 71 -34.15 -2.44 45.58
CA LEU F 71 -34.70 -1.36 44.79
C LEU F 71 -35.99 -0.87 45.46
N GLN F 72 -36.19 -1.30 46.71
CA GLN F 72 -37.45 -1.00 47.37
C GLN F 72 -37.37 0.33 48.09
N ASP F 73 -36.25 0.61 48.74
CA ASP F 73 -36.14 1.84 49.52
C ASP F 73 -35.62 2.98 48.66
N LEU F 74 -36.32 4.12 48.75
CA LEU F 74 -35.97 5.27 47.95
C LEU F 74 -35.71 6.42 48.92
N GLY F 75 -34.50 6.97 48.84
CA GLY F 75 -34.13 8.10 49.70
C GLY F 75 -34.87 9.37 49.33
N LYS F 76 -34.52 10.46 50.00
CA LYS F 76 -35.21 11.73 49.76
C LYS F 76 -34.83 12.40 48.43
N LEU F 77 -35.84 12.61 47.59
CA LEU F 77 -35.72 13.49 46.44
C LEU F 77 -35.79 14.91 46.93
N ASN F 78 -34.96 15.80 46.37
CA ASN F 78 -35.16 17.25 46.64
C ASN F 78 -35.28 17.93 45.27
N ILE F 79 -36.49 18.36 44.94
CA ILE F 79 -36.81 18.78 43.57
C ILE F 79 -36.55 20.28 43.32
N GLY F 80 -37.15 21.16 44.12
CA GLY F 80 -36.89 22.58 43.88
C GLY F 80 -37.72 23.16 42.74
N GLU F 81 -37.81 24.49 42.66
CA GLU F 81 -38.80 25.07 41.76
C GLU F 81 -38.20 25.83 40.60
N ASP F 82 -37.06 26.49 40.81
CA ASP F 82 -36.37 27.22 39.72
C ASP F 82 -35.04 26.57 39.35
N VAL F 83 -34.54 26.92 38.17
CA VAL F 83 -33.30 26.36 37.60
C VAL F 83 -32.13 26.26 38.58
N GLU F 84 -31.73 27.38 39.18
CA GLU F 84 -30.61 27.36 40.10
C GLU F 84 -30.83 26.34 41.25
N GLU F 85 -31.97 26.44 41.91
CA GLU F 85 -32.29 25.59 43.02
C GLU F 85 -32.22 24.12 42.56
N MET F 86 -32.67 23.85 41.33
CA MET F 86 -32.69 22.47 40.92
C MET F 86 -31.32 21.97 40.61
N LEU F 87 -30.51 22.81 39.97
CA LEU F 87 -29.14 22.42 39.68
C LEU F 87 -28.37 22.18 40.97
N ARG F 88 -28.59 23.07 41.91
CA ARG F 88 -27.88 23.07 43.17
C ARG F 88 -28.23 21.79 43.94
N SER F 89 -29.49 21.37 43.80
CA SER F 89 -29.94 20.16 44.46
C SER F 89 -29.26 18.91 43.87
N ASP F 90 -29.11 18.88 42.55
CA ASP F 90 -28.42 17.79 41.88
C ASP F 90 -26.97 17.74 42.36
N LEU F 91 -26.34 18.91 42.46
CA LEU F 91 -24.96 19.00 42.97
C LEU F 91 -24.82 18.46 44.40
N ALA F 92 -25.68 18.87 45.33
CA ALA F 92 -25.61 18.34 46.70
C ALA F 92 -25.74 16.81 46.70
N LEU F 93 -26.57 16.28 45.81
CA LEU F 93 -26.85 14.85 45.81
C LEU F 93 -25.64 14.07 45.34
N GLU F 94 -24.99 14.68 44.37
CA GLU F 94 -23.88 14.11 43.66
C GLU F 94 -22.65 14.10 44.63
N LEU F 95 -22.52 15.17 45.39
CA LEU F 95 -21.56 15.26 46.45
C LEU F 95 -21.76 14.24 47.57
N ASP F 96 -23.01 13.98 48.00
CA ASP F 96 -23.21 12.95 49.00
C ASP F 96 -22.90 11.57 48.46
N GLY F 97 -23.18 11.38 47.19
CA GLY F 97 -22.90 10.11 46.58
C GLY F 97 -21.41 9.90 46.42
N ALA F 98 -20.67 10.95 46.07
CA ALA F 98 -19.23 10.80 45.94
C ALA F 98 -18.58 10.40 47.28
N LYS F 99 -19.12 10.97 48.36
CA LYS F 99 -18.68 10.68 49.71
C LYS F 99 -18.86 9.19 50.00
N ASN F 100 -20.04 8.63 49.73
CA ASN F 100 -20.28 7.22 49.99
C ASN F 100 -19.39 6.31 49.14
N LEU F 101 -19.15 6.75 47.90
CA LEU F 101 -18.29 6.04 46.98
C LEU F 101 -16.87 5.97 47.50
N ARG F 102 -16.34 7.10 47.98
CA ARG F 102 -14.97 7.15 48.51
CA ARG F 102 -14.97 7.16 48.51
C ARG F 102 -14.84 6.15 49.64
N GLU F 103 -15.84 6.12 50.51
CA GLU F 103 -15.84 5.24 51.63
C GLU F 103 -15.90 3.78 51.19
N ALA F 104 -16.79 3.45 50.25
CA ALA F 104 -16.95 2.07 49.76
C ALA F 104 -15.68 1.55 49.06
N ILE F 105 -15.04 2.41 48.28
CA ILE F 105 -13.84 2.03 47.56
C ILE F 105 -12.70 1.63 48.53
N GLY F 106 -12.54 2.38 49.60
CA GLY F 106 -11.51 2.11 50.59
C GLY F 106 -11.78 0.78 51.21
N TYR F 107 -13.05 0.49 51.47
CA TYR F 107 -13.39 -0.72 52.19
C TYR F 107 -13.21 -1.96 51.30
N ALA F 108 -13.70 -1.87 50.06
CA ALA F 108 -13.52 -2.93 49.07
C ALA F 108 -12.05 -3.32 48.90
N ASP F 109 -11.18 -2.32 48.87
CA ASP F 109 -9.75 -2.54 48.84
C ASP F 109 -9.32 -3.35 50.05
N SER F 110 -9.83 -3.03 51.22
CA SER F 110 -9.23 -3.67 52.36
C SER F 110 -9.70 -5.10 52.54
N VAL F 111 -10.83 -5.47 51.94
CA VAL F 111 -11.24 -6.89 51.90
C VAL F 111 -10.89 -7.55 50.58
N HIS F 112 -10.10 -6.87 49.74
CA HIS F 112 -9.57 -7.45 48.52
C HIS F 112 -10.59 -7.65 47.41
N ASP F 113 -11.76 -7.02 47.51
CA ASP F 113 -12.73 -7.05 46.40
C ASP F 113 -12.32 -6.01 45.34
N TYR F 114 -11.22 -6.31 44.69
CA TYR F 114 -10.65 -5.38 43.76
C TYR F 114 -11.52 -5.12 42.52
N VAL F 115 -12.29 -6.11 42.05
CA VAL F 115 -13.13 -5.78 40.93
C VAL F 115 -14.34 -4.91 41.25
N SER F 116 -14.95 -5.13 42.42
CA SER F 116 -15.95 -4.17 42.91
C SER F 116 -15.32 -2.78 43.01
N ARG F 117 -14.08 -2.71 43.49
CA ARG F 117 -13.42 -1.43 43.63
C ARG F 117 -13.25 -0.75 42.28
N ASP F 118 -12.78 -1.56 41.32
CA ASP F 118 -12.49 -1.07 39.99
C ASP F 118 -13.78 -0.48 39.36
N MET F 119 -14.87 -1.23 39.43
CA MET F 119 -16.15 -0.74 39.00
C MET F 119 -16.49 0.57 39.71
N MET F 120 -16.31 0.62 41.03
CA MET F 120 -16.68 1.82 41.75
C MET F 120 -15.84 3.04 41.38
N ILE F 121 -14.56 2.84 41.09
CA ILE F 121 -13.70 3.94 40.69
C ILE F 121 -14.15 4.51 39.36
N GLU F 122 -14.59 3.65 38.43
CA GLU F 122 -15.12 4.15 37.16
C GLU F 122 -16.37 5.01 37.37
N ILE F 123 -17.27 4.54 38.24
CA ILE F 123 -18.49 5.24 38.51
C ILE F 123 -18.15 6.59 39.14
N LEU F 124 -17.19 6.61 40.07
CA LEU F 124 -16.78 7.84 40.76
C LEU F 124 -16.29 8.88 39.76
N ARG F 125 -15.44 8.44 38.84
CA ARG F 125 -14.98 9.23 37.74
C ARG F 125 -16.17 9.84 36.96
N ASP F 126 -17.19 9.05 36.67
CA ASP F 126 -18.38 9.60 36.02
C ASP F 126 -19.03 10.62 36.93
N GLU F 127 -19.06 10.40 38.25
CA GLU F 127 -19.75 11.32 39.13
C GLU F 127 -19.02 12.64 39.17
N GLU F 128 -17.70 12.55 39.22
CA GLU F 128 -16.90 13.72 39.22
C GLU F 128 -17.11 14.56 37.95
N GLY F 129 -17.34 13.90 36.81
CA GLY F 129 -17.78 14.56 35.61
C GLY F 129 -19.07 15.35 35.78
N HIS F 130 -20.11 14.75 36.36
CA HIS F 130 -21.38 15.43 36.60
C HIS F 130 -21.14 16.62 37.53
N ILE F 131 -20.37 16.41 38.59
CA ILE F 131 -20.03 17.47 39.51
C ILE F 131 -19.39 18.68 38.75
N ASP F 132 -18.39 18.41 37.91
CA ASP F 132 -17.75 19.44 37.13
C ASP F 132 -18.79 20.23 36.33
N TRP F 133 -19.66 19.51 35.64
CA TRP F 133 -20.63 20.16 34.79
C TRP F 133 -21.56 21.05 35.60
N LEU F 134 -22.13 20.51 36.68
CA LEU F 134 -23.00 21.26 37.56
C LEU F 134 -22.33 22.51 38.12
N GLU F 135 -21.11 22.37 38.63
CA GLU F 135 -20.41 23.53 39.20
C GLU F 135 -20.26 24.64 38.16
N THR F 136 -19.84 24.23 36.97
CA THR F 136 -19.69 25.18 35.88
C THR F 136 -21.00 25.93 35.53
N GLU F 137 -22.08 25.20 35.39
CA GLU F 137 -23.34 25.81 35.08
C GLU F 137 -23.69 26.83 36.17
N LEU F 138 -23.53 26.47 37.43
CA LEU F 138 -23.93 27.35 38.51
C LEU F 138 -23.09 28.63 38.53
N ASP F 139 -21.81 28.54 38.20
CA ASP F 139 -21.00 29.73 38.08
C ASP F 139 -21.38 30.56 36.87
N LEU F 140 -21.70 29.91 35.76
CA LEU F 140 -22.16 30.65 34.60
C LEU F 140 -23.37 31.49 34.96
N ILE F 141 -24.31 30.91 35.73
CA ILE F 141 -25.50 31.63 36.13
C ILE F 141 -25.12 32.92 36.86
N GLN F 142 -24.15 32.87 37.77
CA GLN F 142 -23.70 34.06 38.48
C GLN F 142 -22.97 35.01 37.54
N LYS F 143 -22.10 34.48 36.68
CA LYS F 143 -21.21 35.37 35.94
C LYS F 143 -21.98 36.12 34.85
N MET F 144 -22.89 35.42 34.16
CA MET F 144 -23.63 36.05 33.04
C MET F 144 -25.03 36.53 33.41
N GLY F 145 -25.51 36.14 34.60
CA GLY F 145 -26.85 36.48 35.07
C GLY F 145 -27.93 35.50 34.64
N LEU F 146 -28.99 35.41 35.41
CA LEU F 146 -30.02 34.42 35.14
C LEU F 146 -30.67 34.58 33.76
N GLN F 147 -31.04 35.80 33.38
CA GLN F 147 -31.70 36.04 32.10
C GLN F 147 -30.88 35.55 30.92
N ASN F 148 -29.61 35.93 30.83
CA ASN F 148 -28.75 35.43 29.77
C ASN F 148 -28.52 33.93 29.87
N TYR F 149 -28.41 33.42 31.08
CA TYR F 149 -28.21 32.00 31.22
C TYR F 149 -29.40 31.24 30.60
N LEU F 150 -30.61 31.67 30.95
CA LEU F 150 -31.83 31.06 30.43
C LEU F 150 -31.86 31.13 28.92
N GLN F 151 -31.65 32.31 28.35
CA GLN F 151 -31.70 32.41 26.88
C GLN F 151 -30.77 31.38 26.25
N ALA F 152 -29.65 31.13 26.92
CA ALA F 152 -28.63 30.27 26.36
C ALA F 152 -29.00 28.77 26.38
N GLN F 153 -30.12 28.41 27.03
CA GLN F 153 -30.56 27.00 27.15
C GLN F 153 -31.74 26.68 26.24
N ILE F 154 -32.19 27.68 25.49
CA ILE F 154 -33.35 27.53 24.64
C ILE F 154 -33.16 26.52 23.51
N ARG F 155 -32.02 26.58 22.84
N ARG F 155 -32.04 26.60 22.79
CA ARG F 155 -31.76 25.69 21.72
CA ARG F 155 -31.81 25.66 21.68
C ARG F 155 -30.87 24.53 22.18
C ARG F 155 -30.78 24.60 22.01
N GLU F 156 -31.01 23.37 21.56
CA GLU F 156 -30.13 22.24 21.90
C GLU F 156 -28.75 22.41 21.31
N GLU F 157 -27.72 21.85 21.97
CA GLU F 157 -26.35 21.93 21.42
C GLU F 157 -26.08 20.79 20.42
N GLY F 158 -25.68 21.17 19.19
CA GLY F 158 -25.39 20.20 18.10
C GLY F 158 -24.20 19.28 18.41
N MET G 1 9.48 44.91 -19.18
CA MET G 1 9.87 46.03 -18.27
C MET G 1 11.39 46.11 -18.17
N LYS G 2 12.00 47.23 -18.51
CA LYS G 2 13.49 47.34 -18.42
C LYS G 2 13.98 47.28 -16.98
N GLY G 3 14.76 46.24 -16.67
CA GLY G 3 15.30 46.09 -15.34
C GLY G 3 16.59 46.85 -15.11
N ASP G 4 17.05 46.86 -13.86
CA ASP G 4 18.36 47.39 -13.53
C ASP G 4 19.42 46.49 -14.14
N THR G 5 20.39 47.09 -14.83
CA THR G 5 21.43 46.33 -15.52
C THR G 5 22.20 45.40 -14.59
N LYS G 6 22.58 45.92 -13.41
CA LYS G 6 23.39 45.17 -12.47
C LYS G 6 22.59 44.00 -11.88
N VAL G 7 21.28 44.17 -11.71
CA VAL G 7 20.43 43.05 -11.30
C VAL G 7 20.49 41.93 -12.33
N ILE G 8 20.32 42.30 -13.59
CA ILE G 8 20.46 41.32 -14.67
C ILE G 8 21.84 40.62 -14.61
N ASN G 9 22.95 41.35 -14.40
CA ASN G 9 24.24 40.66 -14.30
C ASN G 9 24.27 39.64 -13.14
N TYR G 10 23.71 40.03 -12.00
CA TYR G 10 23.58 39.12 -10.89
C TYR G 10 22.74 37.93 -11.28
N LEU G 11 21.60 38.14 -11.91
CA LEU G 11 20.74 37.05 -12.31
C LEU G 11 21.48 36.09 -13.24
N ASN G 12 22.28 36.63 -14.15
CA ASN G 12 23.07 35.80 -15.06
C ASN G 12 24.17 35.05 -14.31
N LYS G 13 24.78 35.71 -13.33
CA LYS G 13 25.79 35.03 -12.53
C LYS G 13 25.16 33.88 -11.72
N LEU G 14 24.01 34.15 -11.11
CA LEU G 14 23.33 33.13 -10.37
C LEU G 14 22.92 31.99 -11.31
N LEU G 15 22.37 32.34 -12.48
CA LEU G 15 22.01 31.36 -13.51
C LEU G 15 23.21 30.48 -13.83
N GLY G 16 24.40 31.13 -13.88
CA GLY G 16 25.64 30.46 -14.14
C GLY G 16 25.92 29.39 -13.12
N ASN G 17 25.69 29.73 -11.85
CA ASN G 17 25.86 28.79 -10.75
C ASN G 17 24.93 27.59 -10.93
N GLU G 18 23.67 27.85 -11.28
CA GLU G 18 22.69 26.78 -11.44
C GLU G 18 23.09 25.84 -12.57
N LEU G 19 23.54 26.42 -13.67
CA LEU G 19 24.00 25.63 -14.80
C LEU G 19 25.10 24.68 -14.36
N VAL G 20 26.07 25.15 -13.57
CA VAL G 20 27.13 24.27 -13.07
C VAL G 20 26.51 23.15 -12.20
N ALA G 21 25.69 23.54 -11.22
CA ALA G 21 25.11 22.60 -10.27
C ALA G 21 24.27 21.55 -10.99
N ILE G 22 23.52 21.97 -12.03
CA ILE G 22 22.67 21.06 -12.77
C ILE G 22 23.53 19.91 -13.27
N ASN G 23 24.63 20.23 -13.94
CA ASN G 23 25.48 19.20 -14.52
C ASN G 23 26.20 18.38 -13.46
N GLN G 24 26.76 19.05 -12.47
CA GLN G 24 27.55 18.35 -11.48
C GLN G 24 26.62 17.39 -10.73
N TYR G 25 25.42 17.84 -10.42
CA TYR G 25 24.49 17.01 -9.67
C TYR G 25 24.00 15.84 -10.50
N PHE G 26 23.69 16.09 -11.79
CA PHE G 26 23.24 15.02 -12.66
C PHE G 26 24.31 13.92 -12.86
N LEU G 27 25.53 14.32 -13.17
CA LEU G 27 26.61 13.38 -13.29
C LEU G 27 26.77 12.60 -11.98
N HIS G 28 26.83 13.32 -10.85
CA HIS G 28 26.99 12.64 -9.57
C HIS G 28 25.88 11.60 -9.40
N ALA G 29 24.64 12.01 -9.66
CA ALA G 29 23.50 11.12 -9.56
C ALA G 29 23.73 9.81 -10.29
N ARG G 30 24.14 9.90 -11.55
CA ARG G 30 24.26 8.70 -12.38
C ARG G 30 25.55 7.91 -12.04
N MET G 31 26.53 8.57 -11.44
CA MET G 31 27.70 7.89 -10.93
C MET G 31 27.27 7.03 -9.76
N PHE G 32 26.52 7.61 -8.81
CA PHE G 32 25.93 6.86 -7.72
C PHE G 32 25.09 5.71 -8.24
N LYS G 33 24.30 5.96 -9.26
CA LYS G 33 23.44 4.93 -9.81
C LYS G 33 24.26 3.76 -10.31
N ASN G 34 25.32 4.08 -11.05
CA ASN G 34 26.27 3.09 -11.50
C ASN G 34 26.94 2.36 -10.36
N PHE G 35 27.35 3.09 -9.31
CA PHE G 35 27.88 2.46 -8.09
C PHE G 35 26.85 1.55 -7.38
N GLY G 36 25.56 1.69 -7.71
CA GLY G 36 24.54 0.87 -7.10
C GLY G 36 23.97 1.47 -5.84
N LEU G 37 24.30 2.73 -5.61
CA LEU G 37 23.89 3.50 -4.45
C LEU G 37 22.55 4.18 -4.79
N LYS G 38 21.53 3.35 -4.95
CA LYS G 38 20.24 3.76 -5.50
C LYS G 38 19.68 5.03 -4.82
N ARG G 39 19.90 5.14 -3.52
CA ARG G 39 19.31 6.19 -2.70
C ARG G 39 19.92 7.55 -2.99
N LEU G 40 21.22 7.54 -3.25
CA LEU G 40 21.96 8.75 -3.54
C LEU G 40 21.66 9.19 -4.96
N ASN G 41 21.41 8.24 -5.86
CA ASN G 41 21.00 8.60 -7.20
C ASN G 41 19.66 9.33 -7.13
N ASP G 42 18.71 8.83 -6.33
CA ASP G 42 17.40 9.47 -6.26
C ASP G 42 17.51 10.89 -5.71
N VAL G 43 18.19 11.07 -4.60
CA VAL G 43 18.31 12.40 -4.02
C VAL G 43 19.05 13.36 -4.96
N GLU G 44 20.21 12.95 -5.49
CA GLU G 44 21.00 13.86 -6.34
C GLU G 44 20.28 14.19 -7.63
N TYR G 45 19.60 13.21 -8.18
CA TYR G 45 18.76 13.48 -9.30
C TYR G 45 17.73 14.55 -8.99
N HIS G 46 17.02 14.39 -7.88
N HIS G 46 17.00 14.37 -7.88
CA HIS G 46 15.96 15.33 -7.50
CA HIS G 46 15.97 15.33 -7.45
C HIS G 46 16.52 16.72 -7.15
C HIS G 46 16.59 16.71 -7.43
N GLU G 47 17.81 16.77 -6.96
CA GLU G 47 18.43 18.01 -6.80
C GLU G 47 18.90 18.67 -8.03
N SER G 48 19.32 17.88 -9.01
CA SER G 48 19.53 18.37 -10.36
C SER G 48 18.24 19.03 -10.94
N ILE G 49 17.11 18.35 -10.79
CA ILE G 49 15.80 18.90 -11.21
C ILE G 49 15.55 20.22 -10.50
N ASP G 50 15.91 20.27 -9.22
CA ASP G 50 15.70 21.45 -8.44
C ASP G 50 16.46 22.65 -9.02
N GLU G 51 17.71 22.42 -9.39
CA GLU G 51 18.54 23.48 -9.94
C GLU G 51 18.04 23.87 -11.32
N MET G 52 17.43 22.93 -12.03
CA MET G 52 16.82 23.25 -13.31
C MET G 52 15.68 24.23 -13.11
N LYS G 53 14.83 23.97 -12.11
CA LYS G 53 13.75 24.87 -11.77
C LYS G 53 14.30 26.28 -11.47
N HIS G 54 15.43 26.35 -10.77
CA HIS G 54 16.04 27.61 -10.47
C HIS G 54 16.51 28.31 -11.74
N ALA G 55 17.23 27.59 -12.59
CA ALA G 55 17.70 28.17 -13.86
C ALA G 55 16.51 28.75 -14.65
N ASP G 56 15.45 27.97 -14.77
CA ASP G 56 14.27 28.36 -15.48
C ASP G 56 13.78 29.68 -14.89
N ARG G 57 13.73 29.79 -13.56
CA ARG G 57 13.22 31.00 -12.96
C ARG G 57 14.07 32.23 -13.31
N TYR G 58 15.38 32.06 -13.28
CA TYR G 58 16.29 33.15 -13.64
C TYR G 58 16.09 33.54 -15.09
N ILE G 59 15.99 32.54 -15.96
CA ILE G 59 15.89 32.78 -17.39
C ILE G 59 14.63 33.60 -17.68
N GLU G 60 13.53 33.26 -17.00
CA GLU G 60 12.28 33.91 -17.26
C GLU G 60 12.29 35.31 -16.76
N ARG G 61 12.95 35.49 -15.63
CA ARG G 61 13.07 36.79 -15.00
C ARG G 61 13.97 37.70 -15.84
N ILE G 62 15.12 37.19 -16.30
CA ILE G 62 16.02 37.99 -17.13
C ILE G 62 15.27 38.48 -18.39
N LEU G 63 14.54 37.56 -19.00
CA LEU G 63 13.79 37.86 -20.20
C LEU G 63 12.75 38.90 -19.87
N PHE G 64 12.11 38.75 -18.72
CA PHE G 64 11.08 39.70 -18.37
C PHE G 64 11.68 41.09 -18.24
N LEU G 65 12.84 41.17 -17.57
CA LEU G 65 13.53 42.43 -17.34
C LEU G 65 14.28 42.89 -18.57
N GLU G 66 14.14 42.14 -19.66
CA GLU G 66 14.68 42.53 -20.98
C GLU G 66 16.21 42.41 -21.12
N GLY G 67 16.81 41.50 -20.34
CA GLY G 67 18.23 41.16 -20.51
C GLY G 67 18.38 39.90 -21.35
N LEU G 68 19.63 39.51 -21.55
CA LEU G 68 20.00 38.36 -22.36
C LEU G 68 20.48 37.21 -21.47
N PRO G 69 19.65 36.17 -21.26
CA PRO G 69 20.16 35.06 -20.44
C PRO G 69 21.37 34.46 -21.09
N ASN G 70 22.38 34.19 -20.27
CA ASN G 70 23.65 33.66 -20.74
C ASN G 70 23.75 32.20 -20.33
N LEU G 71 23.55 31.31 -21.28
CA LEU G 71 23.68 29.89 -21.04
C LEU G 71 24.94 29.39 -21.73
N GLN G 72 25.78 30.32 -22.18
CA GLN G 72 26.92 29.93 -22.99
C GLN G 72 28.11 29.61 -22.11
N ASP G 73 28.32 30.40 -21.06
CA ASP G 73 29.50 30.19 -20.23
C ASP G 73 29.20 29.22 -19.09
N LEU G 74 30.09 28.24 -18.92
CA LEU G 74 29.92 27.21 -17.92
C LEU G 74 31.13 27.26 -17.03
N GLY G 75 30.89 27.47 -15.74
CA GLY G 75 31.97 27.51 -14.74
C GLY G 75 32.59 26.15 -14.53
N LYS G 76 33.53 26.08 -13.58
CA LYS G 76 34.24 24.82 -13.33
C LYS G 76 33.39 23.77 -12.59
N LEU G 77 33.22 22.62 -13.25
CA LEU G 77 32.70 21.42 -12.60
C LEU G 77 33.82 20.83 -11.76
N ASN G 78 33.51 20.37 -10.54
CA ASN G 78 34.50 19.55 -9.81
C ASN G 78 33.82 18.24 -9.45
N ILE G 79 34.23 17.16 -10.13
CA ILE G 79 33.50 15.90 -10.10
C ILE G 79 33.95 14.96 -8.95
N GLY G 80 35.22 14.62 -8.89
CA GLY G 80 35.64 13.75 -7.80
C GLY G 80 35.36 12.27 -8.08
N GLU G 81 35.98 11.38 -7.32
CA GLU G 81 35.95 9.98 -7.71
C GLU G 81 35.20 9.08 -6.75
N ASP G 82 35.24 9.39 -5.45
CA ASP G 82 34.50 8.61 -4.44
C ASP G 82 33.38 9.42 -3.78
N VAL G 83 32.43 8.71 -3.16
CA VAL G 83 31.24 9.31 -2.54
C VAL G 83 31.52 10.57 -1.71
N GLU G 84 32.38 10.45 -0.71
CA GLU G 84 32.66 11.61 0.13
C GLU G 84 33.14 12.83 -0.68
N GLU G 85 34.15 12.61 -1.52
CA GLU G 85 34.71 13.66 -2.32
C GLU G 85 33.61 14.29 -3.17
N MET G 86 32.68 13.46 -3.66
CA MET G 86 31.69 14.05 -4.54
C MET G 86 30.67 14.83 -3.76
N LEU G 87 30.29 14.33 -2.60
CA LEU G 87 29.34 15.05 -1.77
C LEU G 87 29.94 16.37 -1.34
N ARG G 88 31.20 16.33 -0.97
CA ARG G 88 31.91 17.48 -0.44
C ARG G 88 32.00 18.55 -1.52
N SER G 89 32.16 18.09 -2.76
CA SER G 89 32.25 19.01 -3.89
C SER G 89 30.92 19.74 -4.12
N ASP G 90 29.82 19.01 -4.00
CA ASP G 90 28.50 19.58 -4.13
C ASP G 90 28.29 20.63 -3.05
N LEU G 91 28.72 20.31 -1.83
CA LEU G 91 28.63 21.24 -0.68
C LEU G 91 29.43 22.54 -0.92
N ALA G 92 30.68 22.44 -1.35
CA ALA G 92 31.46 23.65 -1.67
C ALA G 92 30.75 24.50 -2.72
N LEU G 93 30.11 23.87 -3.69
CA LEU G 93 29.51 24.59 -4.79
C LEU G 93 28.30 25.38 -4.31
N GLU G 94 27.59 24.72 -3.42
CA GLU G 94 26.34 25.18 -2.90
C GLU G 94 26.62 26.39 -1.96
N LEU G 95 27.69 26.27 -1.19
CA LEU G 95 28.20 27.36 -0.40
C LEU G 95 28.66 28.59 -1.22
N ASP G 96 29.33 28.39 -2.36
CA ASP G 96 29.68 29.54 -3.18
C ASP G 96 28.45 30.18 -3.78
N GLY G 97 27.47 29.36 -4.11
CA GLY G 97 26.26 29.88 -4.68
C GLY G 97 25.45 30.65 -3.65
N ALA G 98 25.43 30.18 -2.40
CA ALA G 98 24.70 30.90 -1.36
C ALA G 98 25.32 32.29 -1.12
N LYS G 99 26.65 32.35 -1.20
CA LYS G 99 27.39 33.59 -1.07
C LYS G 99 26.95 34.59 -2.14
N ASN G 100 26.90 34.17 -3.41
CA ASN G 100 26.50 35.07 -4.47
C ASN G 100 25.06 35.54 -4.33
N LEU G 101 24.21 34.63 -3.85
CA LEU G 101 22.81 34.89 -3.63
C LEU G 101 22.64 35.96 -2.56
N ARG G 102 23.37 35.84 -1.45
CA ARG G 102 23.29 36.81 -0.35
CA ARG G 102 23.30 36.80 -0.34
C ARG G 102 23.64 38.19 -0.89
N GLU G 103 24.68 38.25 -1.70
CA GLU G 103 25.11 39.48 -2.26
C GLU G 103 24.07 40.06 -3.22
N ALA G 104 23.50 39.23 -4.11
CA ALA G 104 22.50 39.70 -5.09
C ALA G 104 21.24 40.21 -4.42
N ILE G 105 20.80 39.52 -3.36
CA ILE G 105 19.60 39.88 -2.63
C ILE G 105 19.71 41.28 -2.01
N GLY G 106 20.87 41.58 -1.44
CA GLY G 106 21.12 42.86 -0.81
C GLY G 106 21.07 43.94 -1.87
N TYR G 107 21.60 43.64 -3.05
CA TYR G 107 21.67 44.65 -4.08
C TYR G 107 20.30 44.94 -4.70
N ALA G 108 19.56 43.88 -5.02
CA ALA G 108 18.19 43.99 -5.54
C ALA G 108 17.32 44.84 -4.61
N ASP G 109 17.47 44.66 -3.29
CA ASP G 109 16.78 45.47 -2.31
C ASP G 109 17.15 46.92 -2.50
N SER G 110 18.41 47.21 -2.72
CA SER G 110 18.76 48.61 -2.67
C SER G 110 18.37 49.34 -3.92
N VAL G 111 18.14 48.63 -5.02
CA VAL G 111 17.57 49.26 -6.23
C VAL G 111 16.09 49.01 -6.37
N HIS G 112 15.47 48.48 -5.31
CA HIS G 112 14.02 48.34 -5.23
C HIS G 112 13.44 47.25 -6.15
N ASP G 113 14.28 46.34 -6.67
CA ASP G 113 13.76 45.21 -7.42
C ASP G 113 13.30 44.12 -6.45
N TYR G 114 12.22 44.43 -5.76
CA TYR G 114 11.74 43.57 -4.72
C TYR G 114 11.23 42.21 -5.22
N VAL G 115 10.68 42.13 -6.44
CA VAL G 115 10.28 40.82 -6.88
C VAL G 115 11.43 39.91 -7.28
N SER G 116 12.46 40.46 -7.91
CA SER G 116 13.69 39.68 -8.10
C SER G 116 14.21 39.21 -6.73
N ARG G 117 14.17 40.09 -5.73
CA ARG G 117 14.65 39.73 -4.42
C ARG G 117 13.85 38.57 -3.85
N ASP G 118 12.53 38.68 -3.94
CA ASP G 118 11.63 37.69 -3.42
C ASP G 118 11.92 36.33 -4.06
N MET G 119 12.01 36.29 -5.37
CA MET G 119 12.41 35.08 -6.05
C MET G 119 13.75 34.55 -5.52
N MET G 120 14.73 35.43 -5.36
CA MET G 120 16.03 34.99 -4.92
C MET G 120 16.01 34.43 -3.50
N ILE G 121 15.20 35.01 -2.61
CA ILE G 121 15.11 34.51 -1.25
C ILE G 121 14.52 33.10 -1.22
N GLU G 122 13.56 32.83 -2.09
CA GLU G 122 13.00 31.47 -2.18
C GLU G 122 14.06 30.48 -2.62
N ILE G 123 14.84 30.85 -3.62
CA ILE G 123 15.88 29.99 -4.14
C ILE G 123 16.93 29.74 -3.05
N LEU G 124 17.28 30.79 -2.32
CA LEU G 124 18.27 30.67 -1.23
C LEU G 124 17.81 29.66 -0.17
N ARG G 125 16.56 29.77 0.22
CA ARG G 125 15.91 28.82 1.10
C ARG G 125 16.05 27.39 0.55
N ASP G 126 15.82 27.18 -0.74
CA ASP G 126 16.04 25.86 -1.31
C ASP G 126 17.51 25.47 -1.18
N GLU G 127 18.43 26.42 -1.38
CA GLU G 127 19.85 26.05 -1.35
C GLU G 127 20.25 25.65 0.03
N GLU G 128 19.74 26.40 1.01
CA GLU G 128 20.02 26.08 2.38
C GLU G 128 19.52 24.67 2.74
N GLY G 129 18.39 24.25 2.17
CA GLY G 129 17.95 22.89 2.26
C GLY G 129 18.96 21.88 1.75
N HIS G 130 19.52 22.10 0.54
CA HIS G 130 20.53 21.20 -0.03
C HIS G 130 21.75 21.17 0.89
N ILE G 131 22.17 22.35 1.35
CA ILE G 131 23.30 22.44 2.27
C ILE G 131 23.05 21.56 3.52
N ASP G 132 21.89 21.71 4.15
CA ASP G 132 21.54 20.90 5.30
C ASP G 132 21.71 19.41 5.00
N TRP G 133 21.13 18.98 3.88
CA TRP G 133 21.16 17.59 3.53
C TRP G 133 22.59 17.09 3.35
N LEU G 134 23.38 17.82 2.55
CA LEU G 134 24.79 17.47 2.33
C LEU G 134 25.57 17.38 3.62
N GLU G 135 25.44 18.38 4.48
CA GLU G 135 26.20 18.39 5.75
C GLU G 135 25.87 17.14 6.55
N THR G 136 24.58 16.84 6.65
CA THR G 136 24.14 15.69 7.40
C THR G 136 24.73 14.37 6.85
N GLU G 137 24.68 14.19 5.53
CA GLU G 137 25.22 13.00 4.94
C GLU G 137 26.70 12.89 5.28
N LEU G 138 27.44 13.97 5.15
CA LEU G 138 28.87 13.92 5.38
C LEU G 138 29.22 13.57 6.82
N ASP G 139 28.42 14.05 7.78
CA ASP G 139 28.61 13.67 9.18
C ASP G 139 28.23 12.21 9.40
N LEU G 140 27.16 11.76 8.75
CA LEU G 140 26.78 10.35 8.88
C LEU G 140 27.95 9.47 8.44
N ILE G 141 28.61 9.84 7.35
CA ILE G 141 29.73 9.06 6.85
C ILE G 141 30.79 8.92 7.95
N GLN G 142 31.12 10.00 8.66
CA GLN G 142 32.09 9.94 9.75
C GLN G 142 31.54 9.15 10.92
N LYS G 143 30.29 9.36 11.29
CA LYS G 143 29.81 8.81 12.55
C LYS G 143 29.62 7.29 12.42
N MET G 144 29.07 6.83 11.30
CA MET G 144 28.80 5.40 11.13
C MET G 144 29.85 4.64 10.31
N GLY G 145 30.77 5.38 9.69
CA GLY G 145 31.83 4.80 8.85
C GLY G 145 31.40 4.60 7.41
N LEU G 146 32.37 4.62 6.51
CA LEU G 146 32.06 4.54 5.08
C LEU G 146 31.30 3.25 4.68
N GLN G 147 31.75 2.09 5.17
CA GLN G 147 31.12 0.82 4.82
C GLN G 147 29.65 0.76 5.17
N ASN G 148 29.28 1.11 6.40
CA ASN G 148 27.88 1.18 6.79
C ASN G 148 27.12 2.27 6.02
N TYR G 149 27.79 3.39 5.75
CA TYR G 149 27.11 4.43 5.02
C TYR G 149 26.70 3.93 3.65
N LEU G 150 27.65 3.29 2.96
CA LEU G 150 27.40 2.73 1.63
C LEU G 150 26.27 1.73 1.67
N GLN G 151 26.33 0.75 2.57
CA GLN G 151 25.26 -0.25 2.61
C GLN G 151 23.90 0.46 2.71
N ALA G 152 23.88 1.58 3.44
CA ALA G 152 22.62 2.25 3.70
C ALA G 152 22.04 2.99 2.50
N GLN G 153 22.79 3.07 1.37
CA GLN G 153 22.36 3.77 0.14
C GLN G 153 21.94 2.81 -0.96
N ILE G 154 22.01 1.50 -0.68
CA ILE G 154 21.72 0.49 -1.69
C ILE G 154 20.25 0.49 -2.14
N ARG G 155 19.33 0.61 -1.20
N ARG G 155 19.31 0.55 -1.20
CA ARG G 155 17.91 0.58 -1.53
CA ARG G 155 17.88 0.54 -1.59
C ARG G 155 17.37 2.00 -1.56
C ARG G 155 17.23 1.91 -1.45
N GLU G 156 16.36 2.25 -2.40
CA GLU G 156 15.74 3.59 -2.42
C GLU G 156 14.82 3.79 -1.22
N GLU G 157 14.67 5.05 -0.79
CA GLU G 157 13.77 5.34 0.36
C GLU G 157 12.32 5.53 -0.13
N GLY G 158 11.40 4.73 0.43
CA GLY G 158 9.95 4.79 0.08
C GLY G 158 9.28 6.13 0.44
N MET H 1 31.83 -2.72 -17.74
CA MET H 1 32.45 -3.38 -18.92
C MET H 1 33.31 -2.36 -19.67
N LYS H 2 34.61 -2.60 -19.85
CA LYS H 2 35.47 -1.64 -20.58
C LYS H 2 35.08 -1.53 -22.05
N GLY H 3 34.63 -0.35 -22.44
CA GLY H 3 34.26 -0.12 -23.83
C GLY H 3 35.42 0.27 -24.74
N ASP H 4 35.15 0.36 -26.03
CA ASP H 4 36.11 0.85 -26.99
C ASP H 4 36.33 2.33 -26.71
N THR H 5 37.59 2.76 -26.66
CA THR H 5 37.92 4.15 -26.35
C THR H 5 37.28 5.15 -27.31
N LYS H 6 37.36 4.83 -28.59
CA LYS H 6 36.86 5.74 -29.62
C LYS H 6 35.33 5.84 -29.58
N VAL H 7 34.65 4.76 -29.19
CA VAL H 7 33.22 4.83 -28.99
C VAL H 7 32.89 5.83 -27.87
N ILE H 8 33.61 5.72 -26.77
CA ILE H 8 33.45 6.65 -25.69
C ILE H 8 33.66 8.10 -26.18
N ASN H 9 34.71 8.37 -26.99
CA ASN H 9 34.90 9.74 -27.47
C ASN H 9 33.70 10.22 -28.30
N TYR H 10 33.18 9.33 -29.16
CA TYR H 10 31.97 9.63 -29.91
C TYR H 10 30.82 9.93 -28.97
N LEU H 11 30.61 9.06 -27.95
CA LEU H 11 29.52 9.26 -27.04
C LEU H 11 29.65 10.62 -26.33
N ASN H 12 30.89 11.01 -25.98
CA ASN H 12 31.11 12.31 -25.34
C ASN H 12 30.86 13.45 -26.32
N LYS H 13 31.24 13.26 -27.56
CA LYS H 13 30.98 14.28 -28.57
C LYS H 13 29.47 14.44 -28.81
N LEU H 14 28.77 13.32 -28.90
CA LEU H 14 27.33 13.36 -29.06
C LEU H 14 26.69 14.02 -27.82
N LEU H 15 27.15 13.63 -26.63
CA LEU H 15 26.69 14.22 -25.39
C LEU H 15 26.87 15.73 -25.44
N GLY H 16 28.01 16.15 -26.03
CA GLY H 16 28.33 17.55 -26.20
C GLY H 16 27.28 18.28 -27.01
N ASN H 17 26.84 17.65 -28.10
CA ASN H 17 25.79 18.18 -28.94
C ASN H 17 24.51 18.36 -28.16
N GLU H 18 24.14 17.34 -27.37
CA GLU H 18 22.90 17.38 -26.59
C GLU H 18 22.93 18.53 -25.57
N LEU H 19 24.06 18.68 -24.90
CA LEU H 19 24.23 19.74 -23.96
C LEU H 19 23.98 21.08 -24.62
N VAL H 20 24.53 21.31 -25.81
CA VAL H 20 24.27 22.56 -26.54
C VAL H 20 22.76 22.70 -26.83
N ALA H 21 22.16 21.66 -27.41
CA ALA H 21 20.76 21.69 -27.80
C ALA H 21 19.84 21.92 -26.60
N ILE H 22 20.17 21.32 -25.46
CA ILE H 22 19.38 21.46 -24.28
C ILE H 22 19.23 22.96 -23.96
N ASN H 23 20.36 23.66 -23.92
CA ASN H 23 20.34 25.06 -23.56
C ASN H 23 19.71 25.91 -24.64
N GLN H 24 20.06 25.66 -25.88
CA GLN H 24 19.59 26.51 -26.95
C GLN H 24 18.07 26.36 -27.04
N TYR H 25 17.60 25.13 -26.89
CA TYR H 25 16.16 24.87 -26.99
C TYR H 25 15.40 25.47 -25.80
N PHE H 26 15.95 25.34 -24.59
CA PHE H 26 15.32 25.91 -23.42
C PHE H 26 15.21 27.44 -23.47
N LEU H 27 16.31 28.11 -23.80
CA LEU H 27 16.29 29.55 -23.97
C LEU H 27 15.28 29.92 -25.04
N HIS H 28 15.33 29.27 -26.20
CA HIS H 28 14.37 29.58 -27.26
C HIS H 28 12.94 29.45 -26.74
N ALA H 29 12.66 28.35 -26.07
CA ALA H 29 11.36 28.12 -25.50
C ALA H 29 10.88 29.30 -24.69
N ARG H 30 11.70 29.78 -23.76
CA ARG H 30 11.26 30.84 -22.85
C ARG H 30 11.24 32.21 -23.53
N MET H 31 12.02 32.33 -24.61
CA MET H 31 11.96 33.53 -25.44
C MET H 31 10.60 33.59 -26.11
N PHE H 32 10.22 32.49 -26.76
CA PHE H 32 8.88 32.35 -27.30
C PHE H 32 7.81 32.63 -26.27
N LYS H 33 7.98 32.09 -25.07
CA LYS H 33 7.00 32.26 -24.01
C LYS H 33 6.82 33.73 -23.69
N ASN H 34 7.97 34.43 -23.55
CA ASN H 34 7.99 35.85 -23.37
C ASN H 34 7.36 36.60 -24.51
N PHE H 35 7.66 36.22 -25.76
CA PHE H 35 6.97 36.78 -26.94
C PHE H 35 5.45 36.50 -26.94
N GLY H 36 4.98 35.55 -26.13
CA GLY H 36 3.56 35.26 -26.07
C GLY H 36 3.13 34.20 -27.06
N LEU H 37 4.13 33.54 -27.66
CA LEU H 37 3.94 32.51 -28.65
C LEU H 37 3.82 31.17 -27.92
N LYS H 38 2.75 31.03 -27.19
CA LYS H 38 2.56 29.93 -26.24
C LYS H 38 2.87 28.55 -26.85
N ARG H 39 2.52 28.37 -28.10
CA ARG H 39 2.58 27.08 -28.78
C ARG H 39 4.00 26.67 -29.07
N LEU H 40 4.84 27.65 -29.41
CA LEU H 40 6.23 27.41 -29.69
C LEU H 40 7.00 27.18 -28.39
N ASN H 41 6.56 27.81 -27.30
CA ASN H 41 7.16 27.55 -26.01
C ASN H 41 6.90 26.09 -25.65
N ASP H 42 5.69 25.59 -25.86
CA ASP H 42 5.38 24.22 -25.48
C ASP H 42 6.23 23.23 -26.29
N VAL H 43 6.25 23.40 -27.61
CA VAL H 43 7.03 22.48 -28.43
C VAL H 43 8.53 22.54 -28.12
N GLU H 44 9.10 23.75 -28.05
CA GLU H 44 10.55 23.85 -27.82
C GLU H 44 10.94 23.36 -26.44
N TYR H 45 10.10 23.64 -25.47
CA TYR H 45 10.31 23.09 -24.17
C TYR H 45 10.36 21.57 -24.22
N HIS H 46 9.38 20.95 -24.87
N HIS H 46 9.36 20.95 -24.86
CA HIS H 46 9.31 19.49 -24.94
CA HIS H 46 9.29 19.50 -24.99
C HIS H 46 10.46 18.89 -25.75
C HIS H 46 10.61 19.00 -25.54
N GLU H 47 11.13 19.73 -26.50
CA GLU H 47 12.28 19.31 -27.14
C GLU H 47 13.54 19.44 -26.37
N SER H 48 13.63 20.47 -25.53
CA SER H 48 14.67 20.54 -24.54
C SER H 48 14.69 19.31 -23.61
N ILE H 49 13.51 18.91 -23.11
CA ILE H 49 13.35 17.70 -22.30
C ILE H 49 13.85 16.49 -23.09
N ASP H 50 13.53 16.46 -24.36
CA ASP H 50 13.93 15.36 -25.21
C ASP H 50 15.45 15.23 -25.26
N GLU H 51 16.15 16.36 -25.41
CA GLU H 51 17.60 16.35 -25.49
C GLU H 51 18.19 15.99 -24.15
N MET H 52 17.49 16.32 -23.08
CA MET H 52 17.91 15.92 -21.75
C MET H 52 17.91 14.40 -21.62
N LYS H 53 16.83 13.77 -22.10
CA LYS H 53 16.74 12.34 -22.12
C LYS H 53 17.90 11.74 -22.89
N HIS H 54 18.28 12.37 -23.99
CA HIS H 54 19.39 11.89 -24.79
C HIS H 54 20.71 11.99 -24.01
N ALA H 55 20.96 13.16 -23.42
CA ALA H 55 22.15 13.35 -22.60
C ALA H 55 22.25 12.29 -21.52
N ASP H 56 21.15 12.07 -20.81
CA ASP H 56 21.09 11.08 -19.77
C ASP H 56 21.51 9.73 -20.33
N ARG H 57 21.00 9.37 -21.50
CA ARG H 57 21.32 8.07 -22.05
C ARG H 57 22.81 7.93 -22.36
N TYR H 58 23.41 8.98 -22.91
CA TYR H 58 24.84 8.97 -23.19
C TYR H 58 25.64 8.82 -21.89
N ILE H 59 25.24 9.60 -20.89
CA ILE H 59 25.96 9.65 -19.62
C ILE H 59 25.95 8.26 -19.00
N GLU H 60 24.82 7.58 -19.06
CA GLU H 60 24.71 6.28 -18.43
C GLU H 60 25.51 5.25 -19.16
N ARG H 61 25.51 5.38 -20.47
CA ARG H 61 26.23 4.48 -21.34
C ARG H 61 27.74 4.67 -21.16
N ILE H 62 28.21 5.93 -21.15
CA ILE H 62 29.64 6.20 -20.95
C ILE H 62 30.12 5.58 -19.62
N LEU H 63 29.32 5.80 -18.58
CA LEU H 63 29.63 5.28 -17.26
C LEU H 63 29.65 3.77 -17.31
N PHE H 64 28.70 3.20 -18.04
CA PHE H 64 28.66 1.75 -18.10
C PHE H 64 29.93 1.23 -18.75
N LEU H 65 30.33 1.88 -19.84
CA LEU H 65 31.51 1.48 -20.59
C LEU H 65 32.80 1.93 -19.90
N GLU H 66 32.65 2.55 -18.72
CA GLU H 66 33.78 2.94 -17.87
C GLU H 66 34.60 4.13 -18.39
N GLY H 67 33.96 5.05 -19.13
CA GLY H 67 34.59 6.30 -19.53
C GLY H 67 34.12 7.42 -18.61
N LEU H 68 34.61 8.62 -18.89
CA LEU H 68 34.32 9.80 -18.10
C LEU H 68 33.41 10.76 -18.84
N PRO H 69 32.13 10.82 -18.47
CA PRO H 69 31.26 11.76 -19.20
C PRO H 69 31.77 13.17 -19.03
N ASN H 70 31.79 13.90 -20.13
CA ASN H 70 32.32 15.25 -20.15
C ASN H 70 31.15 16.22 -20.26
N LEU H 71 30.81 16.87 -19.15
CA LEU H 71 29.76 17.87 -19.15
C LEU H 71 30.39 19.25 -18.97
N GLN H 72 31.72 19.31 -19.11
CA GLN H 72 32.42 20.54 -18.81
C GLN H 72 32.47 21.44 -20.03
N ASP H 73 32.72 20.86 -21.21
CA ASP H 73 32.86 21.68 -22.40
C ASP H 73 31.52 21.90 -23.08
N LEU H 74 31.25 23.15 -23.41
CA LEU H 74 29.99 23.53 -24.02
C LEU H 74 30.30 24.20 -25.34
N GLY H 75 29.76 23.64 -26.43
CA GLY H 75 29.98 24.19 -27.76
C GLY H 75 29.26 25.49 -27.95
N LYS H 76 29.32 26.02 -29.16
CA LYS H 76 28.71 27.32 -29.44
C LYS H 76 27.17 27.28 -29.52
N LEU H 77 26.53 28.05 -28.65
CA LEU H 77 25.11 28.36 -28.77
C LEU H 77 24.95 29.40 -29.86
N ASN H 78 23.95 29.26 -30.72
CA ASN H 78 23.59 30.36 -31.63
C ASN H 78 22.12 30.70 -31.39
N ILE H 79 21.86 31.84 -30.75
CA ILE H 79 20.53 32.15 -30.23
C ILE H 79 19.64 32.88 -31.23
N GLY H 80 20.08 34.00 -31.77
CA GLY H 80 19.21 34.68 -32.74
C GLY H 80 18.12 35.53 -32.08
N GLU H 81 17.50 36.44 -32.84
CA GLU H 81 16.65 37.42 -32.19
C GLU H 81 15.18 37.30 -32.54
N ASP H 82 14.86 36.87 -33.77
CA ASP H 82 13.46 36.67 -34.19
C ASP H 82 13.15 35.21 -34.45
N VAL H 83 11.85 34.87 -34.47
CA VAL H 83 11.36 33.50 -34.63
C VAL H 83 12.05 32.69 -35.72
N GLU H 84 12.02 33.20 -36.95
CA GLU H 84 12.64 32.45 -38.05
C GLU H 84 14.13 32.14 -37.78
N GLU H 85 14.89 33.17 -37.42
CA GLU H 85 16.29 33.01 -37.16
C GLU H 85 16.49 31.95 -36.06
N MET H 86 15.60 31.95 -35.06
CA MET H 86 15.85 31.02 -33.99
C MET H 86 15.51 29.62 -34.40
N LEU H 87 14.44 29.46 -35.17
CA LEU H 87 14.07 28.13 -35.62
C LEU H 87 15.19 27.60 -36.52
N ARG H 88 15.68 28.47 -37.38
CA ARG H 88 16.66 28.09 -38.38
C ARG H 88 17.94 27.65 -37.68
N SER H 89 18.24 28.30 -36.55
CA SER H 89 19.42 27.98 -35.80
C SER H 89 19.32 26.59 -35.16
N ASP H 90 18.12 26.25 -34.65
CA ASP H 90 17.85 24.94 -34.09
C ASP H 90 18.01 23.89 -35.17
N LEU H 91 17.49 24.17 -36.36
CA LEU H 91 17.64 23.27 -37.51
C LEU H 91 19.12 23.02 -37.89
N ALA H 92 19.92 24.07 -38.02
CA ALA H 92 21.34 23.87 -38.34
C ALA H 92 22.02 22.99 -37.28
N LEU H 93 21.62 23.15 -36.01
CA LEU H 93 22.29 22.44 -34.92
C LEU H 93 21.96 20.96 -34.98
N GLU H 94 20.73 20.70 -35.35
CA GLU H 94 20.13 19.41 -35.37
C GLU H 94 20.74 18.63 -36.55
N LEU H 95 20.93 19.33 -37.65
CA LEU H 95 21.66 18.81 -38.79
C LEU H 95 23.13 18.47 -38.51
N ASP H 96 23.85 19.31 -37.76
CA ASP H 96 25.22 18.94 -37.40
C ASP H 96 25.25 17.74 -36.47
N GLY H 97 24.25 17.65 -35.61
CA GLY H 97 24.20 16.55 -34.70
C GLY H 97 23.87 15.26 -35.42
N ALA H 98 22.98 15.31 -36.40
CA ALA H 98 22.64 14.11 -37.16
C ALA H 98 23.88 13.57 -37.90
N LYS H 99 24.71 14.49 -38.41
CA LYS H 99 25.95 14.17 -39.10
C LYS H 99 26.87 13.38 -38.16
N ASN H 100 27.09 13.88 -36.95
CA ASN H 100 27.97 13.19 -36.01
C ASN H 100 27.43 11.82 -35.60
N LEU H 101 26.11 11.73 -35.47
CA LEU H 101 25.42 10.50 -35.15
C LEU H 101 25.64 9.45 -36.23
N ARG H 102 25.47 9.85 -37.50
CA ARG H 102 25.66 8.92 -38.62
CA ARG H 102 25.66 8.94 -38.63
C ARG H 102 27.07 8.36 -38.57
N GLU H 103 28.03 9.22 -38.31
CA GLU H 103 29.40 8.80 -38.24
C GLU H 103 29.64 7.85 -37.07
N ALA H 104 29.13 8.17 -35.89
CA ALA H 104 29.30 7.34 -34.69
C ALA H 104 28.67 5.97 -34.84
N ILE H 105 27.50 5.92 -35.44
CA ILE H 105 26.78 4.67 -35.65
C ILE H 105 27.58 3.69 -36.52
N GLY H 106 28.18 4.22 -37.57
CA GLY H 106 28.98 3.39 -38.49
C GLY H 106 30.16 2.82 -37.75
N TYR H 107 30.75 3.64 -36.88
CA TYR H 107 31.95 3.22 -36.20
C TYR H 107 31.66 2.17 -35.11
N ALA H 108 30.62 2.42 -34.31
CA ALA H 108 30.16 1.47 -33.30
C ALA H 108 29.88 0.08 -33.91
N ASP H 109 29.29 0.06 -35.09
CA ASP H 109 29.07 -1.16 -35.83
C ASP H 109 30.39 -1.83 -36.12
N SER H 110 31.40 -1.08 -36.51
CA SER H 110 32.58 -1.77 -36.99
C SER H 110 33.41 -2.32 -35.87
N VAL H 111 33.26 -1.77 -34.65
CA VAL H 111 33.90 -2.37 -33.47
C VAL H 111 32.94 -3.25 -32.66
N HIS H 112 31.77 -3.53 -33.22
CA HIS H 112 30.84 -4.49 -32.65
C HIS H 112 30.13 -4.00 -31.37
N ASP H 113 30.17 -2.69 -31.10
CA ASP H 113 29.38 -2.16 -29.99
C ASP H 113 27.94 -1.95 -30.45
N TYR H 114 27.28 -3.06 -30.65
CA TYR H 114 25.95 -3.02 -31.19
C TYR H 114 24.92 -2.37 -30.27
N VAL H 115 25.07 -2.48 -28.94
CA VAL H 115 24.08 -1.81 -28.13
C VAL H 115 24.24 -0.30 -28.07
N SER H 116 25.49 0.19 -28.05
CA SER H 116 25.69 1.63 -28.27
C SER H 116 25.08 2.06 -29.60
N ARG H 117 25.24 1.25 -30.64
CA ARG H 117 24.69 1.57 -31.93
C ARG H 117 23.17 1.69 -31.88
N ASP H 118 22.56 0.69 -31.24
CA ASP H 118 21.12 0.59 -31.12
C ASP H 118 20.58 1.83 -30.42
N MET H 119 21.16 2.19 -29.29
CA MET H 119 20.82 3.42 -28.62
C MET H 119 20.96 4.62 -29.54
N MET H 120 22.06 4.71 -30.28
CA MET H 120 22.28 5.86 -31.14
C MET H 120 21.26 5.95 -32.28
N ILE H 121 20.86 4.78 -32.82
CA ILE H 121 19.86 4.79 -33.89
C ILE H 121 18.52 5.33 -33.38
N GLU H 122 18.14 4.97 -32.15
CA GLU H 122 16.91 5.50 -31.58
C GLU H 122 16.98 7.01 -31.44
N ILE H 123 18.11 7.51 -30.96
CA ILE H 123 18.30 8.95 -30.77
C ILE H 123 18.23 9.64 -32.14
N LEU H 124 18.86 9.05 -33.16
CA LEU H 124 18.87 9.64 -34.49
C LEU H 124 17.44 9.78 -35.02
N ARG H 125 16.66 8.72 -34.87
CA ARG H 125 15.23 8.73 -35.18
C ARG H 125 14.52 9.90 -34.48
N ASP H 126 14.81 10.12 -33.19
CA ASP H 126 14.24 11.28 -32.53
C ASP H 126 14.72 12.57 -33.18
N GLU H 127 15.98 12.62 -33.59
CA GLU H 127 16.50 13.87 -34.14
C GLU H 127 15.84 14.16 -35.45
N GLU H 128 15.67 13.11 -36.25
CA GLU H 128 15.02 13.25 -37.52
C GLU H 128 13.59 13.79 -37.36
N GLY H 129 12.90 13.37 -36.28
CA GLY H 129 11.62 13.95 -35.89
C GLY H 129 11.69 15.46 -35.67
N HIS H 130 12.66 15.93 -34.89
CA HIS H 130 12.83 17.37 -34.64
C HIS H 130 13.10 18.08 -35.96
N ILE H 131 13.98 17.51 -36.78
CA ILE H 131 14.29 18.08 -38.09
C ILE H 131 12.98 18.25 -38.91
N ASP H 132 12.17 17.20 -38.99
CA ASP H 132 10.90 17.26 -39.72
C ASP H 132 10.05 18.43 -39.23
N TRP H 133 9.91 18.53 -37.91
CA TRP H 133 9.08 19.56 -37.33
C TRP H 133 9.60 20.95 -37.69
N LEU H 134 10.89 21.20 -37.50
CA LEU H 134 11.52 22.46 -37.80
C LEU H 134 11.35 22.82 -39.25
N GLU H 135 11.63 21.88 -40.15
CA GLU H 135 11.52 22.20 -41.60
C GLU H 135 10.08 22.64 -41.92
N THR H 136 9.12 21.90 -41.41
CA THR H 136 7.73 22.22 -41.64
C THR H 136 7.36 23.62 -41.15
N GLU H 137 7.76 23.96 -39.91
CA GLU H 137 7.47 25.26 -39.39
C GLU H 137 8.06 26.34 -40.30
N LEU H 138 9.30 26.16 -40.73
CA LEU H 138 9.95 27.16 -41.54
C LEU H 138 9.26 27.37 -42.87
N ASP H 139 8.77 26.29 -43.47
CA ASP H 139 8.00 26.43 -44.71
C ASP H 139 6.65 27.09 -44.45
N LEU H 140 6.02 26.76 -43.33
CA LEU H 140 4.76 27.40 -43.02
C LEU H 140 4.95 28.89 -42.96
N ILE H 141 6.05 29.34 -42.35
CA ILE H 141 6.32 30.77 -42.24
C ILE H 141 6.35 31.41 -43.62
N GLN H 142 7.00 30.77 -44.60
CA GLN H 142 7.03 31.28 -45.96
C GLN H 142 5.66 31.21 -46.61
N LYS H 143 4.96 30.10 -46.44
CA LYS H 143 3.76 29.88 -47.25
C LYS H 143 2.62 30.79 -46.76
N MET H 144 2.48 30.94 -45.43
CA MET H 144 1.36 31.73 -44.88
C MET H 144 1.76 33.15 -44.46
N GLY H 145 3.07 33.43 -44.45
CA GLY H 145 3.59 34.72 -44.04
C GLY H 145 3.83 34.85 -42.54
N LEU H 146 4.76 35.72 -42.15
CA LEU H 146 5.14 35.82 -40.75
C LEU H 146 3.96 36.21 -39.85
N GLN H 147 3.19 37.21 -40.23
CA GLN H 147 2.08 37.69 -39.39
C GLN H 147 1.07 36.60 -39.06
N ASN H 148 0.58 35.87 -40.05
CA ASN H 148 -0.30 34.74 -39.81
C ASN H 148 0.40 33.62 -39.04
N TYR H 149 1.68 33.40 -39.31
CA TYR H 149 2.35 32.34 -38.58
C TYR H 149 2.34 32.65 -37.09
N LEU H 150 2.70 33.90 -36.75
CA LEU H 150 2.75 34.36 -35.37
C LEU H 150 1.39 34.22 -34.73
N GLN H 151 0.34 34.74 -35.36
CA GLN H 151 -0.99 34.64 -34.74
C GLN H 151 -1.28 33.17 -34.40
N ALA H 152 -0.81 32.27 -35.24
CA ALA H 152 -1.13 30.86 -35.06
C ALA H 152 -0.41 30.18 -33.90
N GLN H 153 0.54 30.88 -33.26
CA GLN H 153 1.32 30.34 -32.12
C GLN H 153 0.87 30.90 -30.78
N ILE H 154 -0.13 31.76 -30.79
CA ILE H 154 -0.59 32.42 -29.59
C ILE H 154 -1.20 31.49 -28.56
N ARG H 155 -2.03 30.55 -29.03
N ARG H 155 -2.08 30.58 -28.99
CA ARG H 155 -2.70 29.63 -28.12
CA ARG H 155 -2.71 29.64 -28.05
C ARG H 155 -1.98 28.29 -28.14
C ARG H 155 -2.17 28.23 -28.16
N GLU H 156 -1.99 27.57 -27.01
CA GLU H 156 -1.39 26.23 -26.99
C GLU H 156 -2.26 25.20 -27.72
N GLU H 157 -1.63 24.16 -28.28
CA GLU H 157 -2.41 23.10 -28.97
C GLU H 157 -2.86 22.02 -27.97
N GLY H 158 -4.20 21.80 -27.90
CA GLY H 158 -4.80 20.78 -26.99
C GLY H 158 -4.35 19.35 -27.28
N MET I 1 13.80 -2.34 33.73
CA MET I 1 13.68 -1.74 35.07
C MET I 1 13.68 -2.85 36.13
N LYS I 2 14.60 -2.85 37.09
CA LYS I 2 14.61 -3.91 38.13
C LYS I 2 13.38 -3.84 39.03
N GLY I 3 12.56 -4.88 38.99
CA GLY I 3 11.38 -4.94 39.82
C GLY I 3 11.64 -5.47 41.22
N ASP I 4 10.62 -5.41 42.07
CA ASP I 4 10.67 -6.02 43.37
C ASP I 4 10.70 -7.54 43.20
N THR I 5 11.62 -8.20 43.89
CA THR I 5 11.79 -9.65 43.76
C THR I 5 10.51 -10.43 44.05
N LYS I 6 9.83 -10.05 45.14
CA LYS I 6 8.65 -10.77 45.57
C LYS I 6 7.50 -10.58 44.59
N VAL I 7 7.41 -9.42 43.94
CA VAL I 7 6.42 -9.22 42.89
C VAL I 7 6.67 -10.20 41.75
N ILE I 8 7.92 -10.30 41.31
CA ILE I 8 8.28 -11.27 40.30
C ILE I 8 7.87 -12.69 40.73
N ASN I 9 8.12 -13.10 42.00
CA ASN I 9 7.69 -14.45 42.41
C ASN I 9 6.17 -14.62 42.28
N TYR I 10 5.41 -13.59 42.69
CA TYR I 10 4.00 -13.61 42.52
C TYR I 10 3.64 -13.72 41.04
N LEU I 11 4.25 -12.90 40.18
CA LEU I 11 3.95 -12.95 38.78
C LEU I 11 4.22 -14.37 38.22
N ASN I 12 5.31 -15.01 38.66
CA ASN I 12 5.62 -16.37 38.23
C ASN I 12 4.60 -17.37 38.77
N LYS I 13 4.15 -17.16 39.99
CA LYS I 13 3.14 -18.04 40.55
C LYS I 13 1.81 -17.89 39.79
N LEU I 14 1.42 -16.67 39.49
CA LEU I 14 0.22 -16.43 38.73
C LEU I 14 0.38 -17.01 37.33
N LEU I 15 1.55 -16.79 36.71
CA LEU I 15 1.84 -17.38 35.40
C LEU I 15 1.64 -18.89 35.45
N GLY I 16 2.06 -19.49 36.57
CA GLY I 16 1.94 -20.89 36.82
C GLY I 16 0.50 -21.34 36.76
N ASN I 17 -0.38 -20.57 37.39
CA ASN I 17 -1.80 -20.82 37.37
C ASN I 17 -2.34 -20.81 35.95
N GLU I 18 -1.93 -19.80 35.17
CA GLU I 18 -2.42 -19.66 33.79
C GLU I 18 -1.98 -20.84 32.94
N LEU I 19 -0.73 -21.25 33.10
CA LEU I 19 -0.22 -22.40 32.39
C LEU I 19 -1.10 -23.61 32.68
N VAL I 20 -1.47 -23.85 33.93
CA VAL I 20 -2.34 -24.98 34.24
C VAL I 20 -3.70 -24.80 33.52
N ALA I 21 -4.31 -23.64 33.68
CA ALA I 21 -5.62 -23.37 33.14
C ALA I 21 -5.64 -23.50 31.63
N ILE I 22 -4.56 -23.03 30.97
CA ILE I 22 -4.46 -23.11 29.53
C ILE I 22 -4.67 -24.58 29.10
N ASN I 23 -3.91 -25.50 29.70
CA ASN I 23 -3.98 -26.88 29.32
C ASN I 23 -5.30 -27.51 29.73
N GLN I 24 -5.74 -27.26 30.94
CA GLN I 24 -6.93 -27.93 31.41
C GLN I 24 -8.11 -27.46 30.56
N TYR I 25 -8.13 -26.18 30.23
CA TYR I 25 -9.24 -25.65 29.45
C TYR I 25 -9.20 -26.16 28.01
N PHE I 26 -8.01 -26.22 27.41
CA PHE I 26 -7.89 -26.73 26.05
C PHE I 26 -8.30 -28.21 25.92
N LEU I 27 -7.80 -29.06 26.82
CA LEU I 27 -8.20 -30.45 26.85
C LEU I 27 -9.72 -30.53 27.03
N HIS I 28 -10.26 -29.82 28.01
CA HIS I 28 -11.69 -29.89 28.23
C HIS I 28 -12.43 -29.53 26.95
N ALA I 29 -12.02 -28.44 26.33
CA ALA I 29 -12.63 -27.97 25.08
C ALA I 29 -12.72 -29.09 24.07
N ARG I 30 -11.62 -29.80 23.83
CA ARG I 30 -11.60 -30.81 22.77
C ARG I 30 -12.29 -32.11 23.21
N MET I 31 -12.40 -32.32 24.52
CA MET I 31 -13.17 -33.41 25.05
C MET I 31 -14.66 -33.14 24.74
N PHE I 32 -15.11 -31.95 25.08
CA PHE I 32 -16.45 -31.52 24.70
C PHE I 32 -16.68 -31.66 23.20
N LYS I 33 -15.69 -31.26 22.41
CA LYS I 33 -15.84 -31.30 20.97
C LYS I 33 -16.06 -32.72 20.51
N ASN I 34 -15.24 -33.63 21.04
CA ASN I 34 -15.39 -35.04 20.81
C ASN I 34 -16.73 -35.57 21.28
N PHE I 35 -17.20 -35.17 22.46
CA PHE I 35 -18.54 -35.51 22.93
C PHE I 35 -19.66 -34.95 22.01
N GLY I 36 -19.33 -33.98 21.15
CA GLY I 36 -20.32 -33.41 20.25
C GLY I 36 -21.03 -32.24 20.84
N LEU I 37 -20.52 -31.76 21.96
CA LEU I 37 -21.07 -30.63 22.71
C LEU I 37 -20.45 -29.33 22.15
N LYS I 38 -20.80 -29.02 20.90
CA LYS I 38 -20.13 -28.00 20.12
C LYS I 38 -20.00 -26.66 20.89
N ARG I 39 -21.03 -26.33 21.66
CA ARG I 39 -21.13 -25.03 22.32
C ARG I 39 -20.14 -24.89 23.45
N LEU I 40 -19.91 -25.99 24.16
CA LEU I 40 -18.98 -26.02 25.26
C LEU I 40 -17.55 -26.04 24.73
N ASN I 41 -17.34 -26.64 23.56
CA ASN I 41 -16.03 -26.58 22.94
C ASN I 41 -15.70 -25.14 22.60
N ASP I 42 -16.66 -24.40 22.03
CA ASP I 42 -16.40 -23.01 21.64
C ASP I 42 -16.07 -22.16 22.88
N VAL I 43 -16.88 -22.23 23.92
CA VAL I 43 -16.62 -21.42 25.09
C VAL I 43 -15.32 -21.79 25.77
N GLU I 44 -15.06 -23.09 25.99
CA GLU I 44 -13.84 -23.50 26.70
C GLU I 44 -12.61 -23.19 25.89
N TYR I 45 -12.70 -23.37 24.58
CA TYR I 45 -11.62 -22.96 23.74
C TYR I 45 -11.32 -21.47 23.92
N HIS I 46 -12.35 -20.63 23.86
N HIS I 46 -12.35 -20.63 23.84
CA HIS I 46 -12.15 -19.17 23.97
CA HIS I 46 -12.20 -19.17 23.99
C HIS I 46 -11.67 -18.77 25.35
C HIS I 46 -11.44 -18.91 25.27
N GLU I 47 -11.76 -19.69 26.30
CA GLU I 47 -11.21 -19.45 27.54
C GLU I 47 -9.80 -19.87 27.71
N SER I 48 -9.42 -20.94 27.04
CA SER I 48 -8.02 -21.29 26.90
C SER I 48 -7.19 -20.14 26.25
N ILE I 49 -7.72 -19.57 25.17
CA ILE I 49 -7.11 -18.41 24.52
C ILE I 49 -6.96 -17.27 25.53
N ASP I 50 -7.99 -17.09 26.34
CA ASP I 50 -7.98 -16.04 27.31
C ASP I 50 -6.83 -16.19 28.30
N GLU I 51 -6.61 -17.42 28.77
CA GLU I 51 -5.56 -17.68 29.73
C GLU I 51 -4.21 -17.55 29.07
N MET I 52 -4.16 -17.81 27.77
CA MET I 52 -2.93 -17.59 27.01
C MET I 52 -2.55 -16.11 27.03
N LYS I 53 -3.55 -15.25 26.78
CA LYS I 53 -3.36 -13.83 26.83
C LYS I 53 -2.82 -13.41 28.19
N HIS I 54 -3.35 -14.03 29.25
CA HIS I 54 -2.89 -13.73 30.58
C HIS I 54 -1.45 -14.14 30.78
N ALA I 55 -1.11 -15.37 30.38
CA ALA I 55 0.27 -15.85 30.47
C ALA I 55 1.24 -14.88 29.76
N ASP I 56 0.87 -14.50 28.54
CA ASP I 56 1.67 -13.61 27.75
C ASP I 56 1.90 -12.33 28.54
N ARG I 57 0.86 -11.79 29.16
CA ARG I 57 1.02 -10.55 29.88
C ARG I 57 1.99 -10.68 31.06
N TYR I 58 1.89 -11.78 31.80
CA TYR I 58 2.81 -12.02 32.88
C TYR I 58 4.25 -12.14 32.38
N ILE I 59 4.41 -12.89 31.29
CA ILE I 59 5.74 -13.16 30.74
C ILE I 59 6.40 -11.85 30.35
N GLU I 60 5.62 -10.95 29.75
CA GLU I 60 6.18 -9.70 29.26
C GLU I 60 6.54 -8.80 30.40
N ARG I 61 5.72 -8.85 31.42
CA ARG I 61 5.91 -8.04 32.61
C ARG I 61 7.14 -8.54 33.38
N ILE I 62 7.26 -9.87 33.57
CA ILE I 62 8.41 -10.41 34.28
C ILE I 62 9.70 -9.99 33.57
N LEU I 63 9.69 -10.11 32.25
CA LEU I 63 10.84 -9.78 31.46
C LEU I 63 11.13 -8.31 31.61
N PHE I 64 10.08 -7.49 31.63
CA PHE I 64 10.28 -6.07 31.74
C PHE I 64 10.95 -5.77 33.08
N LEU I 65 10.45 -6.40 34.13
CA LEU I 65 10.97 -6.20 35.47
C LEU I 65 12.28 -6.93 35.69
N GLU I 66 12.77 -7.58 34.65
CA GLU I 66 14.10 -8.25 34.66
C GLU I 66 14.17 -9.55 35.49
N GLY I 67 13.04 -10.24 35.61
CA GLY I 67 13.03 -11.56 36.20
C GLY I 67 13.01 -12.64 35.13
N LEU I 68 12.99 -13.90 35.57
CA LEU I 68 13.04 -15.04 34.70
C LEU I 68 11.68 -15.75 34.66
N PRO I 69 10.93 -15.59 33.57
CA PRO I 69 9.64 -16.29 33.53
C PRO I 69 9.86 -17.80 33.64
N ASN I 70 9.05 -18.45 34.46
CA ASN I 70 9.17 -19.85 34.70
C ASN I 70 8.02 -20.57 34.01
N LEU I 71 8.31 -21.21 32.89
CA LEU I 71 7.32 -21.98 32.16
C LEU I 71 7.65 -23.47 32.33
N GLN I 72 8.55 -23.78 33.25
CA GLN I 72 9.04 -25.13 33.37
C GLN I 72 8.15 -25.93 34.30
N ASP I 73 7.73 -25.33 35.39
CA ASP I 73 6.94 -26.08 36.38
C ASP I 73 5.45 -25.98 36.04
N LEU I 74 4.80 -27.13 36.06
CA LEU I 74 3.38 -27.21 35.74
C LEU I 74 2.69 -27.84 36.94
N GLY I 75 1.73 -27.12 37.50
CA GLY I 75 0.94 -27.60 38.63
C GLY I 75 0.01 -28.74 38.24
N LYS I 76 -0.80 -29.18 39.20
CA LYS I 76 -1.68 -30.31 38.96
C LYS I 76 -2.88 -29.96 38.06
N LEU I 77 -3.00 -30.67 36.94
CA LEU I 77 -4.21 -30.69 36.14
C LEU I 77 -5.20 -31.58 36.82
N ASN I 78 -6.48 -31.20 36.86
CA ASN I 78 -7.53 -32.14 37.29
C ASN I 78 -8.55 -32.19 36.18
N ILE I 79 -8.59 -33.31 35.45
CA ILE I 79 -9.34 -33.40 34.19
C ILE I 79 -10.78 -33.86 34.36
N GLY I 80 -11.00 -35.01 34.99
CA GLY I 80 -12.39 -35.44 35.17
C GLY I 80 -12.98 -36.10 33.93
N GLU I 81 -14.09 -36.80 34.08
CA GLU I 81 -14.53 -37.65 32.98
C GLU I 81 -15.85 -37.22 32.36
N ASP I 82 -16.76 -36.66 33.15
CA ASP I 82 -18.05 -36.16 32.63
C ASP I 82 -18.18 -34.64 32.75
N VAL I 83 -19.10 -34.06 31.97
CA VAL I 83 -19.30 -32.62 31.89
C VAL I 83 -19.29 -31.89 33.22
N GLU I 84 -20.18 -32.28 34.13
CA GLU I 84 -20.23 -31.60 35.44
C GLU I 84 -18.88 -31.61 36.16
N GLU I 85 -18.27 -32.78 36.29
CA GLU I 85 -17.01 -32.92 36.96
C GLU I 85 -15.98 -32.01 36.29
N MET I 86 -16.04 -31.91 34.96
CA MET I 86 -15.01 -31.12 34.32
C MET I 86 -15.24 -29.65 34.53
N LEU I 87 -16.50 -29.23 34.46
CA LEU I 87 -16.81 -27.82 34.71
C LEU I 87 -16.42 -27.44 36.13
N ARG I 88 -16.72 -28.33 37.05
CA ARG I 88 -16.53 -28.09 38.46
C ARG I 88 -15.03 -27.95 38.73
N SER I 89 -14.24 -28.74 38.01
CA SER I 89 -12.80 -28.70 38.15
C SER I 89 -12.22 -27.36 37.68
N ASP I 90 -12.75 -26.85 36.56
CA ASP I 90 -12.35 -25.55 36.05
C ASP I 90 -12.69 -24.47 37.08
N LEU I 91 -13.88 -24.56 37.67
CA LEU I 91 -14.29 -23.62 38.71
C LEU I 91 -13.37 -23.63 39.93
N ALA I 92 -13.05 -24.80 40.48
CA ALA I 92 -12.10 -24.87 41.61
C ALA I 92 -10.76 -24.22 41.26
N LEU I 93 -10.32 -24.39 40.00
CA LEU I 93 -9.01 -23.90 39.61
C LEU I 93 -9.00 -22.39 39.55
N GLU I 94 -10.12 -21.88 39.09
CA GLU I 94 -10.32 -20.49 38.82
C GLU I 94 -10.44 -19.76 40.20
N LEU I 95 -11.12 -20.38 41.14
CA LEU I 95 -11.16 -19.94 42.50
C LEU I 95 -9.80 -19.92 43.20
N ASP I 96 -8.94 -20.93 43.00
CA ASP I 96 -7.62 -20.87 43.60
C ASP I 96 -6.78 -19.79 42.97
N GLY I 97 -6.99 -19.57 41.68
CA GLY I 97 -6.27 -18.53 41.00
C GLY I 97 -6.70 -17.15 41.46
N ALA I 98 -7.99 -16.96 41.69
CA ALA I 98 -8.48 -15.66 42.15
C ALA I 98 -7.89 -15.33 43.53
N LYS I 99 -7.76 -16.36 44.36
CA LYS I 99 -7.18 -16.22 45.69
C LYS I 99 -5.73 -15.71 45.58
N ASN I 100 -4.92 -16.33 44.73
CA ASN I 100 -3.54 -15.89 44.58
C ASN I 100 -3.43 -14.47 44.03
N LEU I 101 -4.35 -14.12 43.13
CA LEU I 101 -4.42 -12.82 42.53
C LEU I 101 -4.71 -11.76 43.57
N ARG I 102 -5.69 -12.03 44.45
CA ARG I 102 -6.07 -11.09 45.51
CA ARG I 102 -6.07 -11.09 45.51
C ARG I 102 -4.85 -10.81 46.38
N GLU I 103 -4.13 -11.86 46.70
CA GLU I 103 -2.96 -11.73 47.51
C GLU I 103 -1.87 -10.92 46.80
N ALA I 104 -1.59 -11.21 45.53
CA ALA I 104 -0.55 -10.53 44.77
C ALA I 104 -0.85 -9.04 44.59
N ILE I 105 -2.12 -8.72 44.35
CA ILE I 105 -2.56 -7.34 44.14
C ILE I 105 -2.29 -6.48 45.38
N GLY I 106 -2.59 -7.03 46.55
CA GLY I 106 -2.39 -6.32 47.82
C GLY I 106 -0.91 -6.05 48.01
N TYR I 107 -0.07 -7.03 47.65
CA TYR I 107 1.34 -6.89 47.89
C TYR I 107 1.99 -5.89 46.92
N ALA I 108 1.64 -5.98 45.62
CA ALA I 108 2.10 -5.03 44.62
C ALA I 108 1.79 -3.60 45.03
N ASP I 109 0.61 -3.38 45.58
CA ASP I 109 0.23 -2.09 46.10
C ASP I 109 1.19 -1.66 47.18
N SER I 110 1.55 -2.55 48.08
CA SER I 110 2.29 -2.06 49.22
C SER I 110 3.73 -1.78 48.88
N VAL I 111 4.26 -2.35 47.80
CA VAL I 111 5.61 -1.98 47.31
C VAL I 111 5.55 -1.01 46.15
N HIS I 112 4.35 -0.46 45.89
CA HIS I 112 4.20 0.62 44.92
C HIS I 112 4.36 0.18 43.45
N ASP I 113 4.29 -1.12 43.17
CA ASP I 113 4.27 -1.57 41.78
C ASP I 113 2.84 -1.46 41.24
N TYR I 114 2.44 -0.23 41.05
CA TYR I 114 1.08 0.03 40.65
C TYR I 114 0.74 -0.46 39.24
N VAL I 115 1.69 -0.49 38.32
CA VAL I 115 1.31 -1.02 37.03
C VAL I 115 1.17 -2.52 36.99
N SER I 116 2.02 -3.24 37.71
CA SER I 116 1.77 -4.67 37.90
C SER I 116 0.39 -4.87 38.53
N ARG I 117 0.03 -4.02 39.50
CA ARG I 117 -1.24 -4.15 40.16
C ARG I 117 -2.37 -3.98 39.17
N ASP I 118 -2.24 -2.94 38.34
CA ASP I 118 -3.26 -2.57 37.38
C ASP I 118 -3.49 -3.72 36.41
N MET I 119 -2.40 -4.26 35.88
CA MET I 119 -2.50 -5.45 35.06
C MET I 119 -3.21 -6.58 35.78
N MET I 120 -2.84 -6.81 37.03
CA MET I 120 -3.43 -7.94 37.76
C MET I 120 -4.92 -7.74 38.02
N ILE I 121 -5.35 -6.50 38.25
CA ILE I 121 -6.77 -6.24 38.48
C ILE I 121 -7.58 -6.52 37.24
N GLU I 122 -7.02 -6.20 36.07
CA GLU I 122 -7.72 -6.52 34.81
C GLU I 122 -7.88 -8.02 34.63
N ILE I 123 -6.81 -8.77 34.92
CA ILE I 123 -6.83 -10.22 34.80
C ILE I 123 -7.87 -10.79 35.78
N LEU I 124 -7.89 -10.27 37.01
CA LEU I 124 -8.85 -10.74 38.03
C LEU I 124 -10.27 -10.56 37.55
N ARG I 125 -10.57 -9.39 37.01
CA ARG I 125 -11.84 -9.10 36.38
C ARG I 125 -12.19 -10.16 35.31
N ASP I 126 -11.23 -10.51 34.46
CA ASP I 126 -11.48 -11.59 33.51
C ASP I 126 -11.78 -12.89 34.24
N GLU I 127 -11.06 -13.18 35.33
CA GLU I 127 -11.25 -14.47 36.01
C GLU I 127 -12.63 -14.51 36.60
N GLU I 128 -13.04 -13.40 37.19
CA GLU I 128 -14.34 -13.32 37.78
C GLU I 128 -15.44 -13.57 36.73
N GLY I 129 -15.22 -13.11 35.49
CA GLY I 129 -16.06 -13.45 34.36
C GLY I 129 -16.17 -14.96 34.12
N HIS I 130 -15.04 -15.66 34.07
CA HIS I 130 -15.04 -17.12 33.89
C HIS I 130 -15.80 -17.79 35.04
N ILE I 131 -15.53 -17.33 36.27
CA ILE I 131 -16.20 -17.85 37.45
C ILE I 131 -17.75 -17.71 37.28
N ASP I 132 -18.20 -16.51 36.91
CA ASP I 132 -19.61 -16.28 36.69
C ASP I 132 -20.19 -17.30 35.71
N TRP I 133 -19.51 -17.47 34.59
CA TRP I 133 -19.99 -18.34 33.54
C TRP I 133 -20.09 -19.79 34.05
N LEU I 134 -19.02 -20.29 34.66
CA LEU I 134 -18.97 -21.64 35.21
C LEU I 134 -20.08 -21.85 36.22
N GLU I 135 -20.25 -20.93 37.16
CA GLU I 135 -21.28 -21.11 38.21
C GLU I 135 -22.66 -21.24 37.55
N THR I 136 -22.93 -20.36 36.59
CA THR I 136 -24.19 -20.38 35.90
C THR I 136 -24.44 -21.72 35.20
N GLU I 137 -23.46 -22.22 34.47
CA GLU I 137 -23.61 -23.47 33.77
C GLU I 137 -23.94 -24.56 34.78
N LEU I 138 -23.21 -24.60 35.89
CA LEU I 138 -23.41 -25.67 36.87
C LEU I 138 -24.80 -25.65 37.48
N ASP I 139 -25.34 -24.45 37.70
CA ASP I 139 -26.71 -24.35 38.20
C ASP I 139 -27.71 -24.75 37.11
N LEU I 140 -27.45 -24.39 35.87
CA LEU I 140 -28.33 -24.79 34.80
C LEU I 140 -28.43 -26.30 34.76
N ILE I 141 -27.31 -26.98 34.94
CA ILE I 141 -27.31 -28.43 34.93
C ILE I 141 -28.27 -28.98 36.00
N GLN I 142 -28.24 -28.41 37.20
CA GLN I 142 -29.16 -28.83 38.25
C GLN I 142 -30.60 -28.44 37.92
N LYS I 143 -30.82 -27.22 37.43
CA LYS I 143 -32.19 -26.72 37.33
C LYS I 143 -32.92 -27.42 36.19
N MET I 144 -32.25 -27.62 35.04
CA MET I 144 -32.91 -28.23 33.88
C MET I 144 -32.63 -29.73 33.69
N GLY I 145 -31.67 -30.26 34.47
CA GLY I 145 -31.27 -31.66 34.38
C GLY I 145 -30.20 -31.92 33.35
N LEU I 146 -29.42 -32.97 33.56
CA LEU I 146 -28.28 -33.24 32.70
C LEU I 146 -28.68 -33.46 31.22
N GLN I 147 -29.72 -34.26 30.99
CA GLN I 147 -30.14 -34.57 29.63
C GLN I 147 -30.48 -33.33 28.81
N ASN I 148 -31.33 -32.46 29.34
CA ASN I 148 -31.63 -31.20 28.68
C ASN I 148 -30.40 -30.30 28.58
N TYR I 149 -29.55 -30.31 29.59
CA TYR I 149 -28.40 -29.47 29.51
C TYR I 149 -27.53 -29.88 28.32
N LEU I 150 -27.29 -31.18 28.20
CA LEU I 150 -26.50 -31.72 27.10
C LEU I 150 -27.12 -31.37 25.76
N GLN I 151 -28.40 -31.65 25.57
CA GLN I 151 -29.02 -31.32 24.28
C GLN I 151 -28.74 -29.84 23.94
N ALA I 152 -28.71 -28.99 24.95
CA ALA I 152 -28.58 -27.58 24.71
C ALA I 152 -27.18 -27.14 24.28
N GLN I 153 -26.20 -28.05 24.30
CA GLN I 153 -24.79 -27.75 23.94
C GLN I 153 -24.42 -28.31 22.58
N ILE I 154 -25.37 -28.95 21.91
CA ILE I 154 -25.10 -29.60 20.64
C ILE I 154 -24.74 -28.62 19.52
N ARG I 155 -25.48 -27.51 19.43
N ARG I 155 -25.50 -27.53 19.37
CA ARG I 155 -25.25 -26.55 18.37
CA ARG I 155 -25.22 -26.57 18.30
C ARG I 155 -24.44 -25.38 18.93
C ARG I 155 -24.60 -25.29 18.83
N GLU I 156 -23.63 -24.74 18.08
CA GLU I 156 -22.89 -23.55 18.52
C GLU I 156 -23.81 -22.33 18.62
N GLU I 157 -23.47 -21.39 19.53
CA GLU I 157 -24.27 -20.16 19.66
C GLU I 157 -23.79 -19.09 18.65
N GLY I 158 -24.72 -18.61 17.81
CA GLY I 158 -24.43 -17.57 16.78
C GLY I 158 -23.99 -16.22 17.39
N MET J 1 -13.33 -44.54 17.79
CA MET J 1 -12.72 -45.77 17.24
C MET J 1 -11.52 -46.15 18.10
N LYS J 2 -11.48 -47.35 18.66
CA LYS J 2 -10.31 -47.75 19.50
C LYS J 2 -9.03 -47.87 18.66
N GLY J 3 -8.06 -47.02 18.96
CA GLY J 3 -6.78 -47.08 18.26
C GLY J 3 -5.79 -48.09 18.85
N ASP J 4 -4.66 -48.26 18.16
CA ASP J 4 -3.58 -49.08 18.64
C ASP J 4 -2.97 -48.37 19.84
N THR J 5 -2.75 -49.09 20.93
CA THR J 5 -2.24 -48.51 22.18
C THR J 5 -0.91 -47.81 21.97
N LYS J 6 0.00 -48.48 21.25
CA LYS J 6 1.34 -47.95 21.07
C LYS J 6 1.34 -46.69 20.20
N VAL J 7 0.40 -46.60 19.23
CA VAL J 7 0.23 -45.37 18.48
C VAL J 7 -0.15 -44.21 19.41
N ILE J 8 -1.13 -44.46 20.27
CA ILE J 8 -1.50 -43.47 21.25
C ILE J 8 -0.27 -43.05 22.10
N ASN J 9 0.58 -43.99 22.56
CA ASN J 9 1.74 -43.57 23.36
C ASN J 9 2.66 -42.65 22.54
N TYR J 10 2.87 -43.01 21.27
CA TYR J 10 3.64 -42.17 20.37
C TYR J 10 2.98 -40.79 20.25
N LEU J 11 1.67 -40.76 20.01
CA LEU J 11 0.98 -39.50 19.87
C LEU J 11 1.17 -38.64 21.14
N ASN J 12 1.12 -39.27 22.32
CA ASN J 12 1.30 -38.55 23.58
C ASN J 12 2.76 -38.09 23.72
N LYS J 13 3.69 -38.90 23.25
CA LYS J 13 5.10 -38.50 23.30
C LYS J 13 5.35 -37.30 22.36
N LEU J 14 4.79 -37.37 21.17
CA LEU J 14 4.92 -36.28 20.24
C LEU J 14 4.24 -35.03 20.80
N LEU J 15 3.03 -35.20 21.36
CA LEU J 15 2.33 -34.11 22.00
C LEU J 15 3.21 -33.46 23.06
N GLY J 16 3.95 -34.31 23.79
CA GLY J 16 4.88 -33.88 24.81
C GLY J 16 5.92 -32.96 24.24
N ASN J 17 6.47 -33.32 23.09
CA ASN J 17 7.45 -32.50 22.41
C ASN J 17 6.86 -31.14 22.06
N GLU J 18 5.65 -31.12 21.51
CA GLU J 18 5.01 -29.87 21.12
C GLU J 18 4.79 -28.96 22.34
N LEU J 19 4.34 -29.54 23.44
CA LEU J 19 4.16 -28.79 24.65
C LEU J 19 5.45 -28.10 25.05
N VAL J 20 6.57 -28.80 25.00
CA VAL J 20 7.86 -28.18 25.32
C VAL J 20 8.13 -27.03 24.34
N ALA J 21 8.03 -27.30 23.04
CA ALA J 21 8.34 -26.34 22.00
C ALA J 21 7.46 -25.10 22.11
N ILE J 22 6.19 -25.30 22.44
CA ILE J 22 5.26 -24.19 22.57
C ILE J 22 5.83 -23.19 23.56
N ASN J 23 6.21 -23.68 24.75
CA ASN J 23 6.70 -22.81 25.81
C ASN J 23 8.04 -22.21 25.47
N GLN J 24 8.96 -23.05 24.97
CA GLN J 24 10.31 -22.58 24.75
C GLN J 24 10.25 -21.50 23.66
N TYR J 25 9.42 -21.73 22.65
CA TYR J 25 9.35 -20.79 21.55
C TYR J 25 8.67 -19.49 21.98
N PHE J 26 7.60 -19.59 22.77
CA PHE J 26 6.93 -18.40 23.26
C PHE J 26 7.82 -17.51 24.16
N LEU J 27 8.50 -18.13 25.12
CA LEU J 27 9.45 -17.42 25.96
C LEU J 27 10.52 -16.77 25.07
N HIS J 28 11.12 -17.56 24.17
CA HIS J 28 12.15 -16.99 23.31
C HIS J 28 11.61 -15.78 22.58
N ALA J 29 10.42 -15.93 21.99
CA ALA J 29 9.80 -14.85 21.27
C ALA J 29 9.78 -13.56 22.09
N ARG J 30 9.31 -13.63 23.34
CA ARG J 30 9.11 -12.43 24.13
C ARG J 30 10.46 -11.92 24.70
N MET J 31 11.43 -12.81 24.77
CA MET J 31 12.79 -12.41 25.14
C MET J 31 13.36 -11.56 24.02
N PHE J 32 13.24 -12.06 22.79
CA PHE J 32 13.60 -11.27 21.62
C PHE J 32 12.88 -9.93 21.58
N LYS J 33 11.58 -9.96 21.89
CA LYS J 33 10.77 -8.75 21.85
C LYS J 33 11.33 -7.73 22.83
N ASN J 34 11.63 -8.20 24.05
CA ASN J 34 12.27 -7.39 25.06
C ASN J 34 13.62 -6.89 24.63
N PHE J 35 14.45 -7.74 24.01
CA PHE J 35 15.72 -7.31 23.42
C PHE J 35 15.54 -6.26 22.31
N GLY J 36 14.33 -6.13 21.76
CA GLY J 36 14.08 -5.16 20.71
C GLY J 36 14.30 -5.72 19.32
N LEU J 37 14.46 -7.04 19.26
CA LEU J 37 14.71 -7.78 18.04
C LEU J 37 13.35 -8.15 17.43
N LYS J 38 12.64 -7.15 16.99
CA LYS J 38 11.23 -7.27 16.60
C LYS J 38 10.97 -8.43 15.63
N ARG J 39 11.91 -8.66 14.73
CA ARG J 39 11.76 -9.63 13.65
C ARG J 39 11.81 -11.06 14.15
N LEU J 40 12.65 -11.30 15.14
CA LEU J 40 12.79 -12.61 15.74
C LEU J 40 11.59 -12.88 16.66
N ASN J 41 11.03 -11.85 17.28
CA ASN J 41 9.83 -12.03 18.05
C ASN J 41 8.71 -12.49 17.12
N ASP J 42 8.57 -11.86 15.95
CA ASP J 42 7.48 -12.23 15.04
C ASP J 42 7.63 -13.69 14.57
N VAL J 43 8.82 -14.06 14.12
CA VAL J 43 9.00 -15.42 13.63
C VAL J 43 8.81 -16.46 14.76
N GLU J 44 9.45 -16.24 15.92
CA GLU J 44 9.34 -17.24 17.01
C GLU J 44 7.94 -17.34 17.54
N TYR J 45 7.26 -16.21 17.63
CA TYR J 45 5.88 -16.22 17.98
C TYR J 45 5.08 -17.10 17.02
N HIS J 46 5.26 -16.88 15.73
N HIS J 46 5.24 -16.85 15.72
CA HIS J 46 4.49 -17.62 14.71
CA HIS J 46 4.54 -17.61 14.68
C HIS J 46 4.87 -19.10 14.69
C HIS J 46 4.75 -19.09 14.95
N GLU J 47 5.96 -19.41 15.35
CA GLU J 47 6.29 -20.76 15.49
C GLU J 47 5.75 -21.42 16.70
N SER J 48 5.62 -20.66 17.76
CA SER J 48 4.86 -21.10 18.91
C SER J 48 3.40 -21.46 18.55
N ILE J 49 2.74 -20.58 17.78
CA ILE J 49 1.39 -20.83 17.27
C ILE J 49 1.39 -22.13 16.47
N ASP J 50 2.42 -22.33 15.67
CA ASP J 50 2.52 -23.50 14.85
C ASP J 50 2.52 -24.77 15.69
N GLU J 51 3.29 -24.77 16.78
CA GLU J 51 3.39 -25.93 17.64
C GLU J 51 2.09 -26.13 18.39
N MET J 52 1.37 -25.05 18.65
CA MET J 52 0.05 -25.16 19.23
C MET J 52 -0.90 -25.91 18.31
N LYS J 53 -0.87 -25.57 17.02
CA LYS J 53 -1.66 -26.26 16.03
C LYS J 53 -1.33 -27.75 16.04
N HIS J 54 -0.05 -28.07 16.18
CA HIS J 54 0.36 -29.46 16.23
C HIS J 54 -0.19 -30.16 17.45
N ALA J 55 -0.04 -29.54 18.62
CA ALA J 55 -0.58 -30.10 19.86
C ALA J 55 -2.07 -30.38 19.73
N ASP J 56 -2.79 -29.40 19.20
CA ASP J 56 -4.22 -29.52 18.99
C ASP J 56 -4.49 -30.75 18.14
N ARG J 57 -3.72 -30.95 17.08
CA ARG J 57 -3.98 -32.07 16.20
C ARG J 57 -3.79 -33.40 16.90
N TYR J 58 -2.74 -33.50 17.71
CA TYR J 58 -2.48 -34.72 18.46
C TYR J 58 -3.61 -34.99 19.46
N ILE J 59 -4.02 -33.92 20.15
CA ILE J 59 -5.04 -34.04 21.19
C ILE J 59 -6.32 -34.57 20.59
N GLU J 60 -6.68 -34.06 19.40
CA GLU J 60 -7.92 -34.44 18.79
C GLU J 60 -7.87 -35.86 18.30
N ARG J 61 -6.71 -36.24 17.81
CA ARG J 61 -6.48 -37.56 17.30
C ARG J 61 -6.48 -38.58 18.45
N ILE J 62 -5.79 -38.27 19.55
CA ILE J 62 -5.76 -39.18 20.71
C ILE J 62 -7.20 -39.43 21.20
N LEU J 63 -7.97 -38.34 21.30
CA LEU J 63 -9.33 -38.42 21.75
C LEU J 63 -10.12 -39.24 20.77
N PHE J 64 -9.87 -39.06 19.49
CA PHE J 64 -10.63 -39.81 18.51
C PHE J 64 -10.35 -41.29 18.68
N LEU J 65 -9.08 -41.63 18.87
CA LEU J 65 -8.65 -43.01 19.02
C LEU J 65 -8.94 -43.54 20.41
N GLU J 66 -9.58 -42.71 21.23
CA GLU J 66 -10.05 -43.11 22.56
C GLU J 66 -8.93 -43.28 23.63
N GLY J 67 -7.83 -42.54 23.47
CA GLY J 67 -6.79 -42.50 24.49
C GLY J 67 -6.93 -41.25 25.33
N LEU J 68 -6.02 -41.08 26.28
CA LEU J 68 -6.02 -39.97 27.22
C LEU J 68 -4.90 -39.00 26.92
N PRO J 69 -5.21 -37.84 26.32
CA PRO J 69 -4.09 -36.90 26.06
C PRO J 69 -3.43 -36.50 27.36
N ASN J 70 -2.12 -36.50 27.35
CA ASN J 70 -1.34 -36.19 28.53
C ASN J 70 -0.71 -34.83 28.38
N LEU J 71 -1.28 -33.84 29.07
CA LEU J 71 -0.76 -32.48 29.04
C LEU J 71 -0.12 -32.20 30.42
N GLN J 72 0.05 -33.24 31.22
CA GLN J 72 0.50 -33.04 32.57
C GLN J 72 2.01 -33.00 32.63
N ASP J 73 2.67 -33.89 31.89
CA ASP J 73 4.13 -33.98 31.98
C ASP J 73 4.78 -33.05 30.98
N LEU J 74 5.76 -32.27 31.47
CA LEU J 74 6.43 -31.30 30.65
C LEU J 74 7.90 -31.63 30.69
N GLY J 75 8.48 -31.88 29.51
CA GLY J 75 9.92 -32.19 29.40
C GLY J 75 10.78 -30.99 29.70
N LYS J 76 12.08 -31.17 29.53
CA LYS J 76 13.02 -30.10 29.86
C LYS J 76 13.03 -28.94 28.83
N LEU J 77 12.73 -27.75 29.33
CA LEU J 77 12.96 -26.51 28.57
C LEU J 77 14.43 -26.21 28.66
N ASN J 78 15.05 -25.76 27.55
CA ASN J 78 16.42 -25.22 27.64
C ASN J 78 16.37 -23.82 27.02
N ILE J 79 16.47 -22.79 27.88
CA ILE J 79 16.18 -21.43 27.49
C ILE J 79 17.40 -20.67 26.94
N GLY J 80 18.48 -20.59 27.70
CA GLY J 80 19.65 -19.89 27.15
C GLY J 80 19.55 -18.38 27.32
N GLU J 81 20.67 -17.67 27.17
CA GLU J 81 20.66 -16.27 27.56
C GLU J 81 20.85 -15.31 26.40
N ASP J 82 21.63 -15.69 25.38
CA ASP J 82 21.83 -14.85 24.20
C ASP J 82 21.23 -15.46 22.94
N VAL J 83 21.04 -14.63 21.92
CA VAL J 83 20.38 -15.03 20.66
C VAL J 83 20.87 -16.37 20.08
N GLU J 84 22.16 -16.50 19.84
CA GLU J 84 22.68 -17.73 19.27
C GLU J 84 22.29 -18.96 20.11
N GLU J 85 22.58 -18.89 21.40
CA GLU J 85 22.32 -19.98 22.29
C GLU J 85 20.83 -20.32 22.23
N MET J 86 19.99 -19.30 22.13
CA MET J 86 18.58 -19.62 22.15
C MET J 86 18.13 -20.25 20.87
N LEU J 87 18.64 -19.75 19.75
CA LEU J 87 18.29 -20.31 18.47
C LEU J 87 18.75 -21.77 18.42
N ARG J 88 19.96 -21.99 18.90
CA ARG J 88 20.61 -23.28 18.82
C ARG J 88 19.81 -24.27 19.67
N SER J 89 19.25 -23.78 20.77
CA SER J 89 18.46 -24.63 21.64
C SER J 89 17.15 -25.07 20.96
N ASP J 90 16.50 -24.15 20.24
CA ASP J 90 15.32 -24.45 19.49
C ASP J 90 15.63 -25.50 18.42
N LEU J 91 16.78 -25.34 17.74
CA LEU J 91 17.22 -26.31 16.74
C LEU J 91 17.43 -27.72 17.34
N ALA J 92 18.15 -27.83 18.44
CA ALA J 92 18.32 -29.16 19.07
C ALA J 92 16.97 -29.80 19.41
N LEU J 93 16.01 -28.97 19.83
CA LEU J 93 14.72 -29.50 20.28
C LEU J 93 13.91 -30.06 19.10
N GLU J 94 14.07 -29.35 18.00
CA GLU J 94 13.34 -29.58 16.79
C GLU J 94 13.91 -30.88 16.14
N LEU J 95 15.22 -31.02 16.21
CA LEU J 95 15.89 -32.24 15.83
C LEU J 95 15.49 -33.47 16.66
N ASP J 96 15.34 -33.34 17.99
CA ASP J 96 14.89 -34.48 18.76
C ASP J 96 13.46 -34.82 18.45
N GLY J 97 12.67 -33.81 18.14
CA GLY J 97 11.29 -34.05 17.79
C GLY J 97 11.17 -34.71 16.44
N ALA J 98 12.01 -34.32 15.49
CA ALA J 98 11.95 -34.95 14.17
C ALA J 98 12.30 -36.44 14.26
N LYS J 99 13.24 -36.76 15.15
CA LYS J 99 13.66 -38.13 15.40
C LYS J 99 12.47 -38.95 15.90
N ASN J 100 11.75 -38.46 16.90
CA ASN J 100 10.60 -39.19 17.42
C ASN J 100 9.49 -39.37 16.38
N LEU J 101 9.30 -38.34 15.55
CA LEU J 101 8.33 -38.34 14.49
C LEU J 101 8.66 -39.43 13.47
N ARG J 102 9.93 -39.53 13.06
CA ARG J 102 10.35 -40.54 12.08
CA ARG J 102 10.36 -40.53 12.08
C ARG J 102 10.02 -41.91 12.62
N GLU J 103 10.31 -42.11 13.90
CA GLU J 103 10.05 -43.38 14.53
C GLU J 103 8.55 -43.68 14.59
N ALA J 104 7.73 -42.70 15.00
CA ALA J 104 6.28 -42.89 15.11
C ALA J 104 5.63 -43.18 13.76
N ILE J 105 6.08 -42.48 12.72
CA ILE J 105 5.53 -42.65 11.38
C ILE J 105 5.73 -44.09 10.87
N GLY J 106 6.92 -44.64 11.11
CA GLY J 106 7.24 -45.99 10.68
C GLY J 106 6.32 -46.97 11.38
N TYR J 107 6.07 -46.71 12.66
CA TYR J 107 5.29 -47.65 13.45
C TYR J 107 3.82 -47.62 13.09
N ALA J 108 3.28 -46.40 12.94
CA ALA J 108 1.89 -46.21 12.49
C ALA J 108 1.61 -46.94 11.17
N ASP J 109 2.57 -46.86 10.25
CA ASP J 109 2.50 -47.61 9.00
C ASP J 109 2.39 -49.09 9.26
N SER J 110 3.14 -49.60 10.21
CA SER J 110 3.19 -51.04 10.28
C SER J 110 1.98 -51.61 10.97
N VAL J 111 1.26 -50.79 11.75
CA VAL J 111 -0.04 -51.22 12.31
C VAL J 111 -1.21 -50.68 11.50
N HIS J 112 -0.92 -50.11 10.33
CA HIS J 112 -1.95 -49.67 9.38
C HIS J 112 -2.76 -48.45 9.83
N ASP J 113 -2.26 -47.70 10.81
CA ASP J 113 -2.90 -46.42 11.18
C ASP J 113 -2.45 -45.33 10.20
N TYR J 114 -2.91 -45.47 8.98
CA TYR J 114 -2.47 -44.60 7.92
C TYR J 114 -2.90 -43.14 8.10
N VAL J 115 -4.06 -42.88 8.71
CA VAL J 115 -4.38 -41.48 8.91
C VAL J 115 -3.58 -40.80 10.00
N SER J 116 -3.30 -41.49 11.10
CA SER J 116 -2.31 -40.97 12.04
C SER J 116 -0.98 -40.70 11.34
N ARG J 117 -0.58 -41.61 10.46
CA ARG J 117 0.67 -41.43 9.75
C ARG J 117 0.65 -40.18 8.90
N ASP J 118 -0.45 -40.02 8.17
CA ASP J 118 -0.62 -38.91 7.26
C ASP J 118 -0.53 -37.59 8.03
N MET J 119 -1.26 -37.48 9.12
CA MET J 119 -1.13 -36.34 9.99
C MET J 119 0.30 -36.11 10.42
N MET J 120 0.99 -37.18 10.85
CA MET J 120 2.34 -37.02 11.34
C MET J 120 3.32 -36.57 10.25
N ILE J 121 3.12 -37.03 9.01
CA ILE J 121 4.00 -36.62 7.92
C ILE J 121 3.84 -35.12 7.64
N GLU J 122 2.60 -34.61 7.75
CA GLU J 122 2.39 -33.17 7.56
C GLU J 122 3.13 -32.37 8.64
N ILE J 123 3.03 -32.83 9.88
CA ILE J 123 3.67 -32.16 10.99
C ILE J 123 5.19 -32.19 10.77
N LEU J 124 5.71 -33.33 10.34
CA LEU J 124 7.16 -33.47 10.11
C LEU J 124 7.65 -32.47 9.08
N ARG J 125 6.92 -32.35 8.00
CA ARG J 125 7.15 -31.36 6.97
C ARG J 125 7.20 -29.95 7.58
N ASP J 126 6.26 -29.62 8.47
CA ASP J 126 6.34 -28.34 9.16
C ASP J 126 7.62 -28.25 10.00
N GLU J 127 8.01 -29.34 10.66
CA GLU J 127 9.17 -29.28 11.52
C GLU J 127 10.41 -29.04 10.71
N GLU J 128 10.49 -29.74 9.57
CA GLU J 128 11.60 -29.58 8.68
C GLU J 128 11.73 -28.11 8.19
N GLY J 129 10.58 -27.45 7.98
CA GLY J 129 10.56 -26.02 7.74
C GLY J 129 11.22 -25.20 8.83
N HIS J 130 10.87 -25.45 10.11
CA HIS J 130 11.45 -24.74 11.23
C HIS J 130 12.96 -25.00 11.27
N ILE J 131 13.35 -26.26 11.09
CA ILE J 131 14.74 -26.63 11.06
C ILE J 131 15.50 -25.80 9.99
N ASP J 132 14.96 -25.75 8.77
CA ASP J 132 15.57 -24.98 7.69
C ASP J 132 15.79 -23.53 8.14
N TRP J 133 14.76 -22.92 8.70
CA TRP J 133 14.83 -21.53 9.09
C TRP J 133 15.91 -21.32 10.15
N LEU J 134 15.90 -22.13 11.20
CA LEU J 134 16.88 -22.06 12.27
C LEU J 134 18.28 -22.23 11.74
N GLU J 135 18.52 -23.24 10.92
CA GLU J 135 19.88 -23.47 10.41
C GLU J 135 20.37 -22.23 9.65
N THR J 136 19.50 -21.69 8.79
CA THR J 136 19.84 -20.52 8.03
C THR J 136 20.22 -19.32 8.91
N GLU J 137 19.38 -19.05 9.92
CA GLU J 137 19.68 -17.95 10.82
C GLU J 137 21.04 -18.15 11.47
N LEU J 138 21.33 -19.34 11.95
CA LEU J 138 22.57 -19.59 12.65
C LEU J 138 23.78 -19.40 11.74
N ASP J 139 23.67 -19.79 10.47
CA ASP J 139 24.75 -19.53 9.53
C ASP J 139 24.87 -18.04 9.22
N LEU J 140 23.74 -17.34 9.10
CA LEU J 140 23.82 -15.92 8.87
C LEU J 140 24.60 -15.25 9.98
N ILE J 141 24.36 -15.68 11.23
CA ILE J 141 25.08 -15.10 12.36
C ILE J 141 26.58 -15.24 12.17
N GLN J 142 27.04 -16.41 11.74
CA GLN J 142 28.48 -16.62 11.48
C GLN J 142 28.95 -15.80 10.28
N LYS J 143 28.16 -15.78 9.20
CA LYS J 143 28.67 -15.22 7.95
C LYS J 143 28.75 -13.71 8.05
N MET J 144 27.74 -13.08 8.64
CA MET J 144 27.69 -11.61 8.70
C MET J 144 28.15 -11.02 10.04
N GLY J 145 28.32 -11.88 11.03
CA GLY J 145 28.71 -11.46 12.39
C GLY J 145 27.54 -11.09 13.29
N LEU J 146 27.71 -11.22 14.58
CA LEU J 146 26.63 -11.00 15.51
C LEU J 146 26.05 -9.57 15.43
N GLN J 147 26.92 -8.56 15.42
CA GLN J 147 26.47 -7.17 15.40
C GLN J 147 25.56 -6.85 14.22
N ASN J 148 25.98 -7.19 13.01
CA ASN J 148 25.13 -7.03 11.85
C ASN J 148 23.88 -7.90 11.90
N TYR J 149 24.01 -9.11 12.43
CA TYR J 149 22.84 -9.94 12.51
C TYR J 149 21.76 -9.27 13.37
N LEU J 150 22.19 -8.77 14.54
CA LEU J 150 21.29 -8.11 15.47
C LEU J 150 20.65 -6.91 14.81
N GLN J 151 21.43 -6.03 14.22
CA GLN J 151 20.84 -4.85 13.59
C GLN J 151 19.73 -5.28 12.62
N ALA J 152 19.94 -6.41 11.98
CA ALA J 152 19.00 -6.84 10.95
C ALA J 152 17.67 -7.37 11.49
N GLN J 153 17.55 -7.53 12.82
CA GLN J 153 16.32 -8.05 13.47
C GLN J 153 15.50 -6.94 14.14
N ILE J 154 15.97 -5.71 14.05
CA ILE J 154 15.34 -4.61 14.74
C ILE J 154 13.96 -4.28 14.19
N ARG J 155 13.80 -4.28 12.88
N ARG J 155 13.78 -4.22 12.87
CA ARG J 155 12.52 -3.95 12.27
CA ARG J 155 12.47 -3.90 12.31
C ARG J 155 11.79 -5.23 11.86
C ARG J 155 11.79 -5.12 11.69
N GLU J 156 10.47 -5.22 11.89
CA GLU J 156 9.72 -6.40 11.42
C GLU J 156 9.74 -6.50 9.90
N GLU J 157 9.65 -7.73 9.38
CA GLU J 157 9.60 -7.91 7.90
C GLU J 157 8.15 -7.79 7.37
N GLY J 158 7.94 -6.86 6.43
CA GLY J 158 6.61 -6.61 5.81
C GLY J 158 6.06 -7.83 5.03
N MET K 1 -14.81 21.36 42.39
CA MET K 1 -14.78 20.59 43.67
C MET K 1 -13.45 20.85 44.37
N LYS K 2 -13.46 21.35 45.60
CA LYS K 2 -12.19 21.61 46.32
C LYS K 2 -11.43 20.32 46.63
N GLY K 3 -10.25 20.17 46.04
CA GLY K 3 -9.42 19.00 46.28
C GLY K 3 -8.57 19.09 47.53
N ASP K 4 -7.90 18.00 47.87
CA ASP K 4 -6.93 17.98 48.94
C ASP K 4 -5.73 18.82 48.49
N THR K 5 -5.27 19.72 49.36
CA THR K 5 -4.17 20.61 49.04
C THR K 5 -2.90 19.86 48.61
N LYS K 6 -2.55 18.83 49.37
CA LYS K 6 -1.32 18.09 49.13
C LYS K 6 -1.40 17.32 47.80
N VAL K 7 -2.61 16.86 47.42
CA VAL K 7 -2.77 16.24 46.13
C VAL K 7 -2.45 17.24 45.01
N ILE K 8 -3.01 18.44 45.14
CA ILE K 8 -2.70 19.49 44.21
C ILE K 8 -1.18 19.74 44.14
N ASN K 9 -0.47 19.81 45.27
CA ASN K 9 0.98 20.01 45.20
C ASN K 9 1.67 18.87 44.42
N TYR K 10 1.24 17.63 44.66
CA TYR K 10 1.75 16.51 43.91
C TYR K 10 1.46 16.68 42.44
N LEU K 11 0.22 17.02 42.11
CA LEU K 11 -0.15 17.19 40.71
C LEU K 11 0.73 18.26 40.04
N ASN K 12 1.01 19.35 40.77
CA ASN K 12 1.88 20.42 40.24
C ASN K 12 3.33 19.92 40.10
N LYS K 13 3.76 19.12 41.05
CA LYS K 13 5.11 18.56 40.95
C LYS K 13 5.23 17.61 39.74
N LEU K 14 4.22 16.76 39.57
CA LEU K 14 4.21 15.87 38.43
C LEU K 14 4.13 16.67 37.15
N LEU K 15 3.26 17.69 37.12
CA LEU K 15 3.15 18.58 35.96
C LEU K 15 4.53 19.16 35.64
N GLY K 16 5.27 19.50 36.70
CA GLY K 16 6.61 20.03 36.58
C GLY K 16 7.52 19.09 35.83
N ASN K 17 7.44 17.80 36.18
CA ASN K 17 8.21 16.76 35.52
C ASN K 17 7.88 16.69 34.04
N GLU K 18 6.59 16.75 33.72
CA GLU K 18 6.14 16.66 32.32
C GLU K 18 6.67 17.85 31.52
N LEU K 19 6.60 19.03 32.09
CA LEU K 19 7.10 20.22 31.45
C LEU K 19 8.56 20.04 31.10
N VAL K 20 9.37 19.50 32.01
CA VAL K 20 10.78 19.25 31.71
C VAL K 20 10.89 18.25 30.56
N ALA K 21 10.20 17.12 30.67
CA ALA K 21 10.29 16.05 29.68
C ALA K 21 9.84 16.52 28.31
N ILE K 22 8.80 17.37 28.27
CA ILE K 22 8.29 17.88 27.01
C ILE K 22 9.45 18.55 26.25
N ASN K 23 10.15 19.45 26.92
CA ASN K 23 11.20 20.21 26.29
C ASN K 23 12.40 19.33 25.98
N GLN K 24 12.80 18.49 26.92
CA GLN K 24 14.01 17.73 26.72
C GLN K 24 13.77 16.76 25.56
N TYR K 25 12.58 16.18 25.50
CA TYR K 25 12.27 15.22 24.46
C TYR K 25 12.14 15.91 23.10
N PHE K 26 11.51 17.09 23.04
CA PHE K 26 11.39 17.83 21.79
C PHE K 26 12.76 18.25 21.21
N LEU K 27 13.61 18.84 22.05
CA LEU K 27 14.95 19.20 21.64
C LEU K 27 15.69 17.95 21.15
N HIS K 28 15.65 16.88 21.94
CA HIS K 28 16.35 15.65 21.52
C HIS K 28 15.86 15.21 20.14
N ALA K 29 14.54 15.21 19.98
CA ALA K 29 13.92 14.82 18.72
C ALA K 29 14.54 15.57 17.57
N ARG K 30 14.62 16.90 17.67
CA ARG K 30 15.07 17.71 16.54
C ARG K 30 16.61 17.64 16.38
N MET K 31 17.30 17.31 17.46
CA MET K 31 18.73 17.07 17.39
C MET K 31 18.96 15.81 16.55
N PHE K 32 18.26 14.73 16.89
CA PHE K 32 18.28 13.54 16.10
C PHE K 32 17.92 13.83 14.64
N LYS K 33 16.91 14.65 14.43
CA LYS K 33 16.46 14.95 13.07
C LYS K 33 17.59 15.62 12.29
N ASN K 34 18.24 16.61 12.92
CA ASN K 34 19.40 17.24 12.38
C ASN K 34 20.54 16.26 12.14
N PHE K 35 20.81 15.36 13.09
CA PHE K 35 21.79 14.28 12.88
C PHE K 35 21.42 13.34 11.70
N GLY K 36 20.16 13.35 11.27
CA GLY K 36 19.73 12.53 10.18
C GLY K 36 19.23 11.19 10.62
N LEU K 37 19.06 11.06 11.92
CA LEU K 37 18.58 9.84 12.58
C LEU K 37 17.05 9.86 12.59
N LYS K 38 16.47 9.77 11.40
CA LYS K 38 15.04 10.01 11.18
C LYS K 38 14.15 9.24 12.17
N ARG K 39 14.55 8.02 12.50
CA ARG K 39 13.76 7.10 13.30
C ARG K 39 13.67 7.53 14.75
N LEU K 40 14.76 8.09 15.26
CA LEU K 40 14.82 8.57 16.61
C LEU K 40 14.08 9.88 16.73
N ASN K 41 14.08 10.69 15.67
CA ASN K 41 13.29 11.90 15.67
C ASN K 41 11.82 11.54 15.78
N ASP K 42 11.36 10.54 15.04
CA ASP K 42 9.94 10.16 15.07
C ASP K 42 9.54 9.67 16.47
N VAL K 43 10.32 8.76 17.04
CA VAL K 43 9.97 8.24 18.35
C VAL K 43 10.02 9.33 19.43
N GLU K 44 11.10 10.11 19.47
CA GLU K 44 11.22 11.14 20.53
C GLU K 44 10.18 12.22 20.39
N TYR K 45 9.88 12.60 19.15
CA TYR K 45 8.82 13.50 18.92
C TYR K 45 7.51 12.95 19.49
N HIS K 46 7.18 11.71 19.18
N HIS K 46 7.17 11.71 19.16
CA HIS K 46 5.91 11.11 19.64
CA HIS K 46 5.94 11.06 19.65
C HIS K 46 5.89 10.93 21.16
C HIS K 46 5.91 11.20 21.16
N GLU K 47 7.05 11.03 21.78
CA GLU K 47 7.08 11.03 23.16
C GLU K 47 6.96 12.37 23.81
N SER K 48 7.46 13.40 23.16
CA SER K 48 7.16 14.75 23.54
C SER K 48 5.65 15.04 23.54
N ILE K 49 4.96 14.62 22.47
CA ILE K 49 3.48 14.73 22.38
C ILE K 49 2.85 13.99 23.56
N ASP K 50 3.40 12.84 23.89
CA ASP K 50 2.89 12.05 24.96
C ASP K 50 2.91 12.80 26.29
N GLU K 51 4.03 13.47 26.56
CA GLU K 51 4.20 14.20 27.80
C GLU K 51 3.32 15.43 27.79
N MET K 52 3.06 15.97 26.61
CA MET K 52 2.10 17.07 26.51
C MET K 52 0.71 16.63 26.94
N LYS K 53 0.28 15.46 26.48
CA LYS K 53 -0.98 14.88 26.88
C LYS K 53 -1.03 14.74 28.40
N HIS K 54 0.08 14.32 29.00
CA HIS K 54 0.13 14.19 30.44
C HIS K 54 -0.02 15.54 31.13
N ALA K 55 0.74 16.54 30.69
CA ALA K 55 0.66 17.88 31.25
C ALA K 55 -0.79 18.39 31.19
N ASP K 56 -1.41 18.23 30.02
CA ASP K 56 -2.77 18.66 29.82
C ASP K 56 -3.65 17.99 30.88
N ARG K 57 -3.47 16.69 31.11
CA ARG K 57 -4.32 16.01 32.06
C ARG K 57 -4.16 16.54 33.49
N TYR K 58 -2.92 16.81 33.89
CA TYR K 58 -2.67 17.40 35.19
C TYR K 58 -3.31 18.79 35.31
N ILE K 59 -3.14 19.60 34.27
CA ILE K 59 -3.63 20.96 34.29
C ILE K 59 -5.16 20.96 34.46
N GLU K 60 -5.84 20.05 33.78
CA GLU K 60 -7.27 20.01 33.82
C GLU K 60 -7.75 19.54 35.15
N ARG K 61 -7.03 18.59 35.69
CA ARG K 61 -7.34 18.03 37.00
C ARG K 61 -7.12 19.07 38.10
N ILE K 62 -5.96 19.78 38.05
CA ILE K 62 -5.68 20.81 39.06
C ILE K 62 -6.81 21.86 39.07
N LEU K 63 -7.20 22.29 37.87
CA LEU K 63 -8.23 23.27 37.69
C LEU K 63 -9.52 22.72 38.23
N PHE K 64 -9.80 21.45 37.96
CA PHE K 64 -11.04 20.89 38.43
C PHE K 64 -11.07 20.92 39.96
N LEU K 65 -9.94 20.53 40.59
CA LEU K 65 -9.81 20.49 42.02
C LEU K 65 -9.61 21.87 42.62
N GLU K 66 -9.65 22.90 41.77
CA GLU K 66 -9.61 24.31 42.18
C GLU K 66 -8.23 24.78 42.70
N GLY K 67 -7.16 24.16 42.19
CA GLY K 67 -5.81 24.65 42.47
C GLY K 67 -5.29 25.48 41.29
N LEU K 68 -4.06 25.96 41.43
CA LEU K 68 -3.43 26.80 40.45
C LEU K 68 -2.33 26.07 39.71
N PRO K 69 -2.56 25.65 38.47
CA PRO K 69 -1.48 24.96 37.77
C PRO K 69 -0.28 25.86 37.65
N ASN K 70 0.89 25.28 37.91
CA ASN K 70 2.13 26.04 37.90
C ASN K 70 2.93 25.63 36.67
N LEU K 71 2.95 26.51 35.68
CA LEU K 71 3.71 26.27 34.47
C LEU K 71 4.90 27.23 34.46
N GLN K 72 5.15 27.88 35.59
CA GLN K 72 6.16 28.92 35.64
C GLN K 72 7.53 28.34 35.93
N ASP K 73 7.58 27.39 36.85
CA ASP K 73 8.88 26.84 37.25
C ASP K 73 9.25 25.66 36.37
N LEU K 74 10.50 25.69 35.88
CA LEU K 74 10.98 24.67 34.99
C LEU K 74 12.22 24.07 35.62
N GLY K 75 12.18 22.77 35.87
CA GLY K 75 13.33 22.06 36.46
C GLY K 75 14.49 21.97 35.51
N LYS K 76 15.53 21.26 35.92
CA LYS K 76 16.75 21.17 35.11
C LYS K 76 16.60 20.25 33.90
N LEU K 77 16.80 20.82 32.72
CA LEU K 77 17.00 20.04 31.50
C LEU K 77 18.41 19.49 31.52
N ASN K 78 18.60 18.24 31.11
CA ASN K 78 19.96 17.73 30.86
C ASN K 78 19.99 17.21 29.42
N ILE K 79 20.69 17.95 28.55
CA ILE K 79 20.59 17.71 27.11
C ILE K 79 21.61 16.71 26.58
N GLY K 80 22.89 16.95 26.80
CA GLY K 80 23.86 15.96 26.31
C GLY K 80 24.19 16.15 24.84
N GLU K 81 25.28 15.54 24.37
CA GLU K 81 25.77 15.90 23.04
C GLU K 81 25.67 14.77 22.03
N ASP K 82 25.86 13.52 22.47
CA ASP K 82 25.75 12.36 21.57
C ASP K 82 24.54 11.47 21.92
N VAL K 83 24.15 10.63 20.96
CA VAL K 83 22.97 9.77 21.08
C VAL K 83 22.84 9.05 22.42
N GLU K 84 23.86 8.27 22.80
CA GLU K 84 23.79 7.54 24.04
C GLU K 84 23.52 8.43 25.24
N GLU K 85 24.32 9.48 25.37
CA GLU K 85 24.20 10.42 26.47
C GLU K 85 22.77 11.00 26.48
N MET K 86 22.22 11.26 25.30
CA MET K 86 20.92 11.88 25.31
C MET K 86 19.86 10.90 25.69
N LEU K 87 19.97 9.67 25.20
CA LEU K 87 18.99 8.66 25.55
C LEU K 87 19.04 8.39 27.06
N ARG K 88 20.25 8.32 27.57
CA ARG K 88 20.49 7.98 28.95
C ARG K 88 19.89 9.08 29.84
N SER K 89 19.97 10.32 29.36
CA SER K 89 19.43 11.44 30.10
C SER K 89 17.89 11.37 30.19
N ASP K 90 17.26 11.01 29.08
CA ASP K 90 15.82 10.82 29.04
C ASP K 90 15.41 9.72 30.03
N LEU K 91 16.17 8.62 30.06
CA LEU K 91 15.93 7.53 30.98
C LEU K 91 16.04 7.96 32.46
N ALA K 92 17.11 8.65 32.84
CA ALA K 92 17.20 9.15 34.22
C ALA K 92 16.00 10.03 34.59
N LEU K 93 15.51 10.82 33.62
CA LEU K 93 14.43 11.76 33.92
C LEU K 93 13.13 11.04 34.18
N GLU K 94 12.97 9.98 33.41
CA GLU K 94 11.78 9.20 33.35
C GLU K 94 11.70 8.37 34.67
N LEU K 95 12.86 7.87 35.08
CA LEU K 95 13.01 7.23 36.37
C LEU K 95 12.71 8.15 37.56
N ASP K 96 13.16 9.41 37.54
CA ASP K 96 12.81 10.30 38.64
C ASP K 96 11.33 10.61 38.64
N GLY K 97 10.74 10.69 37.46
CA GLY K 97 9.34 10.97 37.36
C GLY K 97 8.51 9.79 37.85
N ALA K 98 8.95 8.57 37.55
CA ALA K 98 8.21 7.39 38.01
C ALA K 98 8.22 7.32 39.55
N LYS K 99 9.34 7.70 40.15
CA LYS K 99 9.50 7.77 41.58
C LYS K 99 8.45 8.72 42.19
N ASN K 100 8.34 9.94 41.65
CA ASN K 100 7.38 10.91 42.18
C ASN K 100 5.93 10.44 42.01
N LEU K 101 5.66 9.76 40.88
CA LEU K 101 4.38 9.21 40.58
C LEU K 101 3.98 8.15 41.60
N ARG K 102 4.92 7.23 41.92
CA ARG K 102 4.65 6.17 42.89
CA ARG K 102 4.65 6.16 42.88
C ARG K 102 4.26 6.78 44.22
N GLU K 103 4.98 7.81 44.61
CA GLU K 103 4.72 8.49 45.84
C GLU K 103 3.36 9.18 45.82
N ALA K 104 3.03 9.89 44.75
CA ALA K 104 1.75 10.62 44.63
C ALA K 104 0.56 9.69 44.64
N ILE K 105 0.69 8.55 43.96
CA ILE K 105 -0.38 7.56 43.88
C ILE K 105 -0.76 7.00 45.26
N GLY K 106 0.26 6.72 46.07
CA GLY K 106 0.06 6.20 47.41
C GLY K 106 -0.69 7.21 48.23
N TYR K 107 -0.33 8.48 48.05
CA TYR K 107 -0.92 9.52 48.88
C TYR K 107 -2.36 9.81 48.51
N ALA K 108 -2.62 9.91 47.21
CA ALA K 108 -3.98 10.11 46.69
C ALA K 108 -4.92 9.02 47.20
N ASP K 109 -4.45 7.80 47.24
CA ASP K 109 -5.20 6.68 47.79
C ASP K 109 -5.53 6.96 49.24
N SER K 110 -4.58 7.47 50.00
CA SER K 110 -4.86 7.53 51.43
C SER K 110 -5.77 8.66 51.79
N VAL K 111 -5.90 9.68 50.92
CA VAL K 111 -6.92 10.73 51.12
C VAL K 111 -8.15 10.51 50.26
N HIS K 112 -8.23 9.33 49.65
CA HIS K 112 -9.45 8.92 48.92
C HIS K 112 -9.67 9.65 47.59
N ASP K 113 -8.65 10.34 47.07
CA ASP K 113 -8.78 10.93 45.75
C ASP K 113 -8.53 9.86 44.68
N TYR K 114 -9.48 8.96 44.58
CA TYR K 114 -9.33 7.83 43.72
C TYR K 114 -9.27 8.17 42.24
N VAL K 115 -9.98 9.22 41.80
CA VAL K 115 -9.85 9.53 40.39
C VAL K 115 -8.55 10.17 40.00
N SER K 116 -8.00 11.04 40.86
CA SER K 116 -6.63 11.50 40.64
C SER K 116 -5.69 10.28 40.59
N ARG K 117 -5.89 9.31 41.46
CA ARG K 117 -5.04 8.15 41.50
C ARG K 117 -5.11 7.38 40.18
N ASP K 118 -6.35 7.19 39.71
CA ASP K 118 -6.63 6.45 38.51
C ASP K 118 -5.92 7.10 37.32
N MET K 119 -6.08 8.40 37.19
CA MET K 119 -5.34 9.15 36.19
C MET K 119 -3.86 8.94 36.32
N MET K 120 -3.34 9.02 37.53
CA MET K 120 -1.89 8.89 37.72
C MET K 120 -1.37 7.49 37.39
N ILE K 121 -2.17 6.45 37.66
CA ILE K 121 -1.75 5.10 37.32
C ILE K 121 -1.65 4.92 35.81
N GLU K 122 -2.58 5.53 35.05
CA GLU K 122 -2.51 5.47 33.59
C GLU K 122 -1.22 6.13 33.09
N ILE K 123 -0.91 7.30 33.65
CA ILE K 123 0.27 8.03 33.24
C ILE K 123 1.51 7.20 33.56
N LEU K 124 1.52 6.58 34.74
CA LEU K 124 2.67 5.76 35.16
C LEU K 124 2.92 4.62 34.19
N ARG K 125 1.84 3.94 33.81
CA ARG K 125 1.87 2.91 32.77
C ARG K 125 2.49 3.46 31.48
N ASP K 126 2.10 4.67 31.05
CA ASP K 126 2.76 5.26 29.88
C ASP K 126 4.25 5.47 30.15
N GLU K 127 4.62 5.89 31.37
CA GLU K 127 6.01 6.20 31.64
C GLU K 127 6.82 4.93 31.58
N GLU K 128 6.25 3.87 32.16
CA GLU K 128 6.91 2.60 32.14
C GLU K 128 7.16 2.10 30.71
N GLY K 129 6.24 2.39 29.79
CA GLY K 129 6.45 2.19 28.38
C GLY K 129 7.66 2.90 27.83
N HIS K 130 7.80 4.21 28.11
CA HIS K 130 8.94 4.98 27.67
C HIS K 130 10.23 4.37 28.24
N ILE K 131 10.21 4.05 29.54
CA ILE K 131 11.34 3.42 30.20
C ILE K 131 11.76 2.13 29.44
N ASP K 132 10.79 1.26 29.17
CA ASP K 132 11.06 0.04 28.42
C ASP K 132 11.80 0.34 27.09
N TRP K 133 11.26 1.31 26.35
CA TRP K 133 11.80 1.63 25.06
C TRP K 133 13.23 2.12 25.20
N LEU K 134 13.45 3.08 26.10
CA LEU K 134 14.77 3.63 26.33
C LEU K 134 15.77 2.56 26.71
N GLU K 135 15.39 1.70 27.65
CA GLU K 135 16.33 0.67 28.11
C GLU K 135 16.75 -0.23 26.94
N THR K 136 15.75 -0.61 26.15
CA THR K 136 16.02 -1.46 25.01
C THR K 136 16.99 -0.80 24.01
N GLU K 137 16.75 0.46 23.67
CA GLU K 137 17.61 1.16 22.76
C GLU K 137 19.04 1.17 23.30
N LEU K 138 19.22 1.47 24.57
CA LEU K 138 20.53 1.57 25.14
C LEU K 138 21.27 0.24 25.12
N ASP K 139 20.56 -0.86 25.33
CA ASP K 139 21.18 -2.18 25.22
C ASP K 139 21.51 -2.51 23.77
N LEU K 140 20.63 -2.13 22.85
CA LEU K 140 20.93 -2.35 21.45
C LEU K 140 22.24 -1.68 21.08
N ILE K 141 22.45 -0.45 21.57
CA ILE K 141 23.67 0.26 21.28
C ILE K 141 24.88 -0.54 21.70
N GLN K 142 24.84 -1.14 22.91
CA GLN K 142 25.94 -1.98 23.38
C GLN K 142 26.05 -3.26 22.56
N LYS K 143 24.93 -3.90 22.27
CA LYS K 143 25.01 -5.25 21.70
C LYS K 143 25.47 -5.19 20.24
N MET K 144 24.95 -4.24 19.48
CA MET K 144 25.29 -4.15 18.06
C MET K 144 26.36 -3.12 17.70
N GLY K 145 26.74 -2.28 18.70
CA GLY K 145 27.73 -1.23 18.51
C GLY K 145 27.16 0.07 17.97
N LEU K 146 27.81 1.17 18.30
CA LEU K 146 27.28 2.49 17.94
C LEU K 146 27.09 2.67 16.42
N GLN K 147 28.08 2.30 15.61
CA GLN K 147 28.00 2.48 14.18
C GLN K 147 26.79 1.78 13.55
N ASN K 148 26.58 0.49 13.83
CA ASN K 148 25.38 -0.20 13.38
C ASN K 148 24.10 0.39 13.97
N TYR K 149 24.15 0.82 15.21
CA TYR K 149 22.97 1.39 15.80
C TYR K 149 22.54 2.61 15.01
N LEU K 150 23.50 3.49 14.74
CA LEU K 150 23.25 4.72 14.01
C LEU K 150 22.70 4.42 12.63
N GLN K 151 23.34 3.55 11.87
CA GLN K 151 22.83 3.23 10.54
C GLN K 151 21.37 2.82 10.63
N ALA K 152 21.02 2.14 11.70
CA ALA K 152 19.67 1.60 11.83
C ALA K 152 18.59 2.65 12.11
N GLN K 153 19.00 3.90 12.37
CA GLN K 153 18.07 5.00 12.69
C GLN K 153 17.88 5.98 11.52
N ILE K 154 18.54 5.70 10.41
CA ILE K 154 18.52 6.58 9.27
C ILE K 154 17.15 6.69 8.62
N ARG K 155 16.47 5.57 8.44
N ARG K 155 16.47 5.57 8.38
CA ARG K 155 15.17 5.56 7.79
CA ARG K 155 15.15 5.61 7.73
C ARG K 155 14.07 5.49 8.84
C ARG K 155 14.02 5.34 8.70
N GLU K 156 12.92 6.08 8.55
CA GLU K 156 11.78 5.96 9.49
C GLU K 156 11.14 4.58 9.44
N GLU K 157 10.57 4.13 10.57
CA GLU K 157 9.88 2.82 10.59
C GLU K 157 8.41 2.96 10.10
N GLY K 158 8.06 2.19 9.05
CA GLY K 158 6.69 2.19 8.48
C GLY K 158 5.60 1.72 9.45
N MET L 1 25.53 24.51 8.77
CA MET L 1 26.13 25.78 8.30
C MET L 1 26.30 26.72 9.50
N LYS L 2 27.50 27.19 9.79
CA LYS L 2 27.71 28.10 10.95
C LYS L 2 27.03 29.43 10.73
N GLY L 3 26.03 29.75 11.57
CA GLY L 3 25.33 31.02 11.48
C GLY L 3 26.02 32.15 12.21
N ASP L 4 25.48 33.35 12.04
CA ASP L 4 25.92 34.50 12.78
C ASP L 4 25.54 34.31 14.26
N THR L 5 26.47 34.52 15.17
CA THR L 5 26.24 34.32 16.59
C THR L 5 25.04 35.13 17.10
N LYS L 6 25.00 36.41 16.73
CA LYS L 6 23.97 37.30 17.23
C LYS L 6 22.59 36.90 16.69
N VAL L 7 22.54 36.36 15.49
CA VAL L 7 21.27 35.85 14.97
C VAL L 7 20.77 34.69 15.85
N ILE L 8 21.67 33.78 16.17
CA ILE L 8 21.33 32.69 17.05
C ILE L 8 20.82 33.25 18.39
N ASN L 9 21.47 34.28 18.99
CA ASN L 9 20.95 34.80 20.26
C ASN L 9 19.51 35.34 20.10
N TYR L 10 19.27 36.05 19.00
CA TYR L 10 17.93 36.52 18.70
C TYR L 10 16.98 35.34 18.58
N LEU L 11 17.36 34.30 17.82
CA LEU L 11 16.50 33.15 17.63
C LEU L 11 16.17 32.52 19.00
N ASN L 12 17.16 32.44 19.89
CA ASN L 12 16.93 31.89 21.24
C ASN L 12 16.02 32.82 22.06
N LYS L 13 16.20 34.11 21.90
CA LYS L 13 15.32 35.05 22.60
C LYS L 13 13.87 34.93 22.11
N LEU L 14 13.71 34.84 20.79
CA LEU L 14 12.39 34.68 20.23
C LEU L 14 11.81 33.35 20.68
N LEU L 15 12.62 32.28 20.64
CA LEU L 15 12.19 30.97 21.12
C LEU L 15 11.70 31.07 22.55
N GLY L 16 12.41 31.90 23.33
CA GLY L 16 12.06 32.17 24.71
C GLY L 16 10.65 32.71 24.84
N ASN L 17 10.34 33.68 23.98
CA ASN L 17 9.01 34.28 23.93
C ASN L 17 7.96 33.22 23.65
N GLU L 18 8.21 32.36 22.66
CA GLU L 18 7.26 31.32 22.27
C GLU L 18 7.00 30.34 23.42
N LEU L 19 8.07 29.95 24.10
CA LEU L 19 7.96 29.07 25.24
C LEU L 19 7.02 29.68 26.28
N VAL L 20 7.17 30.98 26.56
CA VAL L 20 6.26 31.63 27.52
C VAL L 20 4.82 31.57 26.99
N ALA L 21 4.61 31.99 25.75
CA ALA L 21 3.29 32.07 25.15
C ALA L 21 2.63 30.70 25.10
N ILE L 22 3.41 29.66 24.80
CA ILE L 22 2.88 28.31 24.73
C ILE L 22 2.17 27.99 26.07
N ASN L 23 2.88 28.19 27.17
CA ASN L 23 2.33 27.86 28.47
C ASN L 23 1.19 28.79 28.85
N GLN L 24 1.36 30.08 28.64
CA GLN L 24 0.37 31.02 29.10
C GLN L 24 -0.91 30.76 28.32
N TYR L 25 -0.78 30.49 27.04
CA TYR L 25 -1.95 30.27 26.21
C TYR L 25 -2.64 28.94 26.55
N PHE L 26 -1.85 27.88 26.79
CA PHE L 26 -2.44 26.61 27.16
C PHE L 26 -3.19 26.65 28.50
N LEU L 27 -2.57 27.24 29.52
CA LEU L 27 -3.24 27.42 30.79
C LEU L 27 -4.51 28.22 30.59
N HIS L 28 -4.40 29.36 29.91
CA HIS L 28 -5.60 30.18 29.68
C HIS L 28 -6.70 29.35 29.03
N ALA L 29 -6.33 28.61 27.99
CA ALA L 29 -7.27 27.75 27.28
C ALA L 29 -8.04 26.87 28.23
N ARG L 30 -7.33 26.17 29.11
CA ARG L 30 -8.00 25.19 29.99
C ARG L 30 -8.76 25.87 31.15
N MET L 31 -8.33 27.09 31.47
CA MET L 31 -9.05 27.90 32.44
C MET L 31 -10.42 28.26 31.84
N PHE L 32 -10.41 28.78 30.63
CA PHE L 32 -11.62 29.02 29.89
C PHE L 32 -12.49 27.76 29.80
N LYS L 33 -11.87 26.63 29.51
CA LYS L 33 -12.60 25.38 29.38
C LYS L 33 -13.31 25.04 30.68
N ASN L 34 -12.59 25.15 31.79
CA ASN L 34 -13.14 25.00 33.10
C ASN L 34 -14.26 25.99 33.38
N PHE L 35 -14.07 27.27 33.03
CA PHE L 35 -15.14 28.27 33.14
C PHE L 35 -16.37 27.92 32.27
N GLY L 36 -16.22 27.01 31.30
CA GLY L 36 -17.32 26.64 30.45
C GLY L 36 -17.44 27.49 29.19
N LEU L 37 -16.41 28.30 28.97
CA LEU L 37 -16.32 29.21 27.85
C LEU L 37 -15.70 28.47 26.66
N LYS L 38 -16.45 27.48 26.17
CA LYS L 38 -15.95 26.51 25.20
C LYS L 38 -15.20 27.17 24.01
N ARG L 39 -15.69 28.32 23.56
CA ARG L 39 -15.23 28.97 22.36
C ARG L 39 -13.84 29.56 22.56
N LEU L 40 -13.60 30.08 23.74
CA LEU L 40 -12.34 30.68 24.08
C LEU L 40 -11.31 29.59 24.33
N ASN L 41 -11.74 28.43 24.84
CA ASN L 41 -10.84 27.29 24.98
C ASN L 41 -10.36 26.88 23.60
N ASP L 42 -11.27 26.80 22.62
CA ASP L 42 -10.87 26.36 21.28
C ASP L 42 -9.86 27.33 20.66
N VAL L 43 -10.17 28.62 20.69
CA VAL L 43 -9.26 29.58 20.08
C VAL L 43 -7.91 29.62 20.79
N GLU L 44 -7.91 29.71 22.13
CA GLU L 44 -6.63 29.80 22.85
C GLU L 44 -5.80 28.53 22.73
N TYR L 45 -6.47 27.39 22.73
CA TYR L 45 -5.78 26.17 22.46
C TYR L 45 -5.10 26.23 21.10
N HIS L 46 -5.83 26.63 20.06
N HIS L 46 -5.84 26.60 20.05
CA HIS L 46 -5.27 26.67 18.70
CA HIS L 46 -5.30 26.70 18.69
C HIS L 46 -4.17 27.71 18.56
C HIS L 46 -4.04 27.54 18.74
N GLU L 47 -4.09 28.60 19.52
CA GLU L 47 -3.02 29.48 19.55
C GLU L 47 -1.82 29.01 20.27
N SER L 48 -2.01 28.22 21.31
CA SER L 48 -0.92 27.49 21.92
C SER L 48 -0.19 26.58 20.92
N ILE L 49 -0.97 25.83 20.12
CA ILE L 49 -0.42 24.99 19.04
C ILE L 49 0.39 25.85 18.09
N ASP L 50 -0.12 27.03 17.80
CA ASP L 50 0.52 27.93 16.89
C ASP L 50 1.91 28.32 17.37
N GLU L 51 2.01 28.62 18.66
CA GLU L 51 3.27 29.05 19.24
C GLU L 51 4.21 27.86 19.32
N MET L 52 3.66 26.66 19.44
CA MET L 52 4.48 25.46 19.39
C MET L 52 5.15 25.32 18.03
N LYS L 53 4.38 25.52 16.96
CA LYS L 53 4.90 25.51 15.62
C LYS L 53 6.02 26.52 15.49
N HIS L 54 5.86 27.69 16.09
CA HIS L 54 6.90 28.71 16.05
C HIS L 54 8.17 28.25 16.77
N ALA L 55 8.01 27.74 17.98
CA ALA L 55 9.14 27.22 18.74
C ALA L 55 9.91 26.18 17.93
N ASP L 56 9.16 25.24 17.35
CA ASP L 56 9.74 24.19 16.56
C ASP L 56 10.59 24.83 15.44
N ARG L 57 10.05 25.85 14.78
CA ARG L 57 10.77 26.43 13.69
C ARG L 57 12.10 27.08 14.14
N TYR L 58 12.06 27.77 15.27
CA TYR L 58 13.27 28.35 15.83
C TYR L 58 14.30 27.28 16.19
N ILE L 59 13.81 26.21 16.83
CA ILE L 59 14.67 25.14 17.29
C ILE L 59 15.40 24.52 16.10
N GLU L 60 14.68 24.32 15.00
CA GLU L 60 15.26 23.66 13.87
C GLU L 60 16.26 24.54 13.20
N ARG L 61 15.95 25.81 13.18
CA ARG L 61 16.79 26.81 12.56
C ARG L 61 18.08 26.99 13.39
N ILE L 62 17.95 27.10 14.72
CA ILE L 62 19.13 27.23 15.57
C ILE L 62 20.08 26.03 15.35
N LEU L 63 19.50 24.84 15.30
CA LEU L 63 20.25 23.62 15.12
C LEU L 63 20.90 23.66 13.77
N PHE L 64 20.18 24.14 12.78
CA PHE L 64 20.74 24.17 11.44
C PHE L 64 21.96 25.09 11.42
N LEU L 65 21.82 26.26 12.06
CA LEU L 65 22.88 27.24 12.13
C LEU L 65 23.95 26.88 13.13
N GLU L 66 23.79 25.71 13.76
CA GLU L 66 24.79 25.13 14.68
C GLU L 66 24.90 25.83 16.03
N GLY L 67 23.79 26.41 16.50
CA GLY L 67 23.73 26.96 17.85
C GLY L 67 23.02 25.97 18.78
N LEU L 68 22.89 26.36 20.05
CA LEU L 68 22.29 25.55 21.07
C LEU L 68 20.92 26.08 21.47
N PRO L 69 19.84 25.43 21.04
CA PRO L 69 18.53 25.94 21.44
C PRO L 69 18.41 25.91 22.97
N ASN L 70 17.89 26.99 23.53
CA ASN L 70 17.77 27.15 24.96
C ASN L 70 16.31 27.02 25.34
N LEU L 71 15.95 25.87 25.90
CA LEU L 71 14.60 25.63 26.36
C LEU L 71 14.60 25.61 27.89
N GLN L 72 15.71 26.05 28.48
CA GLN L 72 15.87 25.93 29.90
C GLN L 72 15.29 27.15 30.61
N ASP L 73 15.51 28.33 30.06
CA ASP L 73 15.04 29.54 30.73
C ASP L 73 13.64 29.89 30.31
N LEU L 74 12.80 30.18 31.29
CA LEU L 74 11.40 30.49 31.03
C LEU L 74 11.13 31.85 31.63
N GLY L 75 10.69 32.78 30.78
CA GLY L 75 10.36 34.14 31.22
C GLY L 75 9.12 34.17 32.09
N LYS L 76 8.70 35.38 32.46
CA LYS L 76 7.56 35.51 33.35
C LYS L 76 6.21 35.24 32.67
N LEU L 77 5.48 34.26 33.21
CA LEU L 77 4.08 34.07 32.86
C LEU L 77 3.28 35.10 33.62
N ASN L 78 2.28 35.69 33.00
CA ASN L 78 1.31 36.51 33.76
C ASN L 78 -0.08 35.95 33.46
N ILE L 79 -0.68 35.30 34.47
CA ILE L 79 -1.87 34.49 34.25
C ILE L 79 -3.17 35.28 34.42
N GLY L 80 -3.37 35.91 35.57
CA GLY L 80 -4.62 36.67 35.73
C GLY L 80 -5.81 35.79 36.11
N GLU L 81 -6.90 36.40 36.58
CA GLU L 81 -7.94 35.59 37.19
C GLU L 81 -9.25 35.59 36.42
N ASP L 82 -9.59 36.72 35.78
CA ASP L 82 -10.83 36.80 34.97
C ASP L 82 -10.53 36.98 33.48
N VAL L 83 -11.53 36.70 32.64
CA VAL L 83 -11.41 36.71 31.18
C VAL L 83 -10.67 37.93 30.64
N GLU L 84 -11.15 39.13 30.94
CA GLU L 84 -10.51 40.32 30.42
C GLU L 84 -9.02 40.40 30.76
N GLU L 85 -8.71 40.23 32.04
CA GLU L 85 -7.35 40.30 32.53
C GLU L 85 -6.50 39.26 31.77
N MET L 86 -7.08 38.08 31.51
CA MET L 86 -6.27 37.08 30.87
C MET L 86 -6.04 37.38 29.43
N LEU L 87 -7.06 37.89 28.76
CA LEU L 87 -6.91 38.24 27.36
C LEU L 87 -5.88 39.36 27.23
N ARG L 88 -5.98 40.33 28.14
CA ARG L 88 -5.17 41.51 28.10
C ARG L 88 -3.70 41.12 28.31
N SER L 89 -3.50 40.11 29.14
CA SER L 89 -2.15 39.62 29.41
C SER L 89 -1.54 38.96 28.18
N ASP L 90 -2.33 38.18 27.45
CA ASP L 90 -1.91 37.56 26.21
C ASP L 90 -1.53 38.64 25.21
N LEU L 91 -2.35 39.70 25.10
CA LEU L 91 -2.06 40.84 24.23
C LEU L 91 -0.74 41.54 24.59
N ALA L 92 -0.52 41.88 25.84
CA ALA L 92 0.79 42.49 26.23
C ALA L 92 1.97 41.60 25.82
N LEU L 93 1.80 40.27 25.95
CA LEU L 93 2.90 39.35 25.69
C LEU L 93 3.24 39.32 24.22
N GLU L 94 2.19 39.40 23.44
CA GLU L 94 2.21 39.26 22.02
C GLU L 94 2.86 40.54 21.44
N LEU L 95 2.50 41.68 22.02
CA LEU L 95 3.14 42.94 21.74
C LEU L 95 4.64 42.99 22.07
N ASP L 96 5.06 42.43 23.21
CA ASP L 96 6.49 42.39 23.49
C ASP L 96 7.21 41.49 22.52
N GLY L 97 6.55 40.42 22.11
CA GLY L 97 7.16 39.50 21.19
C GLY L 97 7.28 40.11 19.82
N ALA L 98 6.27 40.88 19.40
CA ALA L 98 6.34 41.53 18.09
C ALA L 98 7.51 42.54 18.03
N LYS L 99 7.73 43.23 19.15
CA LYS L 99 8.84 44.15 19.30
C LYS L 99 10.18 43.45 19.08
N ASN L 100 10.40 42.32 19.75
CA ASN L 100 11.65 41.59 19.60
C ASN L 100 11.84 41.06 18.18
N LEU L 101 10.75 40.64 17.55
CA LEU L 101 10.74 40.16 16.20
C LEU L 101 11.17 41.25 15.22
N ARG L 102 10.61 42.45 15.39
CA ARG L 102 10.93 43.58 14.51
CA ARG L 102 10.92 43.58 14.51
C ARG L 102 12.43 43.84 14.58
N GLU L 103 12.95 43.81 15.79
CA GLU L 103 14.34 44.05 15.99
C GLU L 103 15.21 42.94 15.36
N ALA L 104 14.84 41.68 15.55
CA ALA L 104 15.61 40.55 15.01
C ALA L 104 15.62 40.53 13.50
N ILE L 105 14.47 40.87 12.90
CA ILE L 105 14.33 40.88 11.44
C ILE L 105 15.28 41.89 10.79
N GLY L 106 15.40 43.08 11.41
CA GLY L 106 16.25 44.14 10.91
C GLY L 106 17.69 43.69 10.97
N TYR L 107 18.04 42.97 12.04
CA TYR L 107 19.40 42.58 12.22
C TYR L 107 19.82 41.45 11.25
N ALA L 108 18.95 40.43 11.12
CA ALA L 108 19.16 39.33 10.20
C ALA L 108 19.40 39.84 8.78
N ASP L 109 18.64 40.87 8.38
CA ASP L 109 18.82 41.51 7.12
C ASP L 109 20.22 42.09 7.00
N SER L 110 20.70 42.72 8.06
CA SER L 110 21.94 43.44 7.87
C SER L 110 23.14 42.52 7.86
N VAL L 111 23.01 41.30 8.40
CA VAL L 111 24.07 40.28 8.25
C VAL L 111 23.77 39.28 7.16
N HIS L 112 22.73 39.56 6.37
CA HIS L 112 22.45 38.78 5.17
C HIS L 112 21.86 37.39 5.46
N ASP L 113 21.38 37.15 6.67
CA ASP L 113 20.69 35.89 6.96
C ASP L 113 19.24 36.00 6.50
N TYR L 114 19.09 36.04 5.20
CA TYR L 114 17.80 36.27 4.61
C TYR L 114 16.79 35.15 4.87
N VAL L 115 17.24 33.88 4.98
CA VAL L 115 16.25 32.86 5.28
C VAL L 115 15.75 32.88 6.71
N SER L 116 16.64 33.15 7.67
CA SER L 116 16.15 33.41 9.02
C SER L 116 15.15 34.58 9.01
N ARG L 117 15.44 35.61 8.23
CA ARG L 117 14.56 36.76 8.18
C ARG L 117 13.20 36.36 7.64
N ASP L 118 13.22 35.58 6.56
CA ASP L 118 12.01 35.15 5.88
C ASP L 118 11.13 34.35 6.87
N MET L 119 11.72 33.40 7.55
CA MET L 119 11.03 32.69 8.57
C MET L 119 10.46 33.64 9.61
N MET L 120 11.25 34.59 10.08
CA MET L 120 10.77 35.50 11.11
C MET L 120 9.61 36.37 10.66
N ILE L 121 9.62 36.81 9.38
CA ILE L 121 8.53 37.61 8.85
C ILE L 121 7.24 36.84 8.82
N GLU L 122 7.31 35.53 8.50
CA GLU L 122 6.10 34.69 8.53
C GLU L 122 5.53 34.60 9.94
N ILE L 123 6.42 34.40 10.91
CA ILE L 123 6.00 34.27 12.30
C ILE L 123 5.38 35.59 12.74
N LEU L 124 5.99 36.71 12.37
CA LEU L 124 5.47 38.03 12.75
C LEU L 124 4.05 38.23 12.23
N ARG L 125 3.83 37.88 10.96
CA ARG L 125 2.53 37.87 10.35
C ARG L 125 1.53 37.03 11.19
N ASP L 126 1.95 35.85 11.67
CA ASP L 126 1.07 35.08 12.55
C ASP L 126 0.81 35.84 13.82
N GLU L 127 1.82 36.53 14.36
CA GLU L 127 1.63 37.19 15.65
C GLU L 127 0.65 38.31 15.49
N GLU L 128 0.81 39.04 14.39
CA GLU L 128 -0.08 40.14 14.10
C GLU L 128 -1.55 39.66 13.99
N GLY L 129 -1.76 38.46 13.45
CA GLY L 129 -3.04 37.81 13.49
C GLY L 129 -3.59 37.62 14.91
N HIS L 130 -2.77 37.07 15.83
CA HIS L 130 -3.19 36.88 17.21
C HIS L 130 -3.53 38.26 17.84
N ILE L 131 -2.68 39.25 17.61
CA ILE L 131 -2.91 40.58 18.10
C ILE L 131 -4.29 41.10 17.62
N ASP L 132 -4.57 40.99 16.32
CA ASP L 132 -5.85 41.40 15.78
C ASP L 132 -7.02 40.74 16.54
N TRP L 133 -6.92 39.42 16.71
CA TRP L 133 -7.98 38.69 17.35
C TRP L 133 -8.18 39.17 18.78
N LEU L 134 -7.10 39.25 19.55
CA LEU L 134 -7.17 39.72 20.94
C LEU L 134 -7.76 41.10 21.05
N GLU L 135 -7.30 42.03 20.21
CA GLU L 135 -7.82 43.41 20.29
C GLU L 135 -9.33 43.42 20.06
N THR L 136 -9.76 42.69 19.05
CA THR L 136 -11.17 42.62 18.74
C THR L 136 -11.99 42.05 19.91
N GLU L 137 -11.55 40.96 20.52
CA GLU L 137 -12.25 40.39 21.61
C GLU L 137 -12.38 41.43 22.74
N LEU L 138 -11.30 42.14 23.05
CA LEU L 138 -11.31 43.05 24.15
C LEU L 138 -12.27 44.20 23.90
N ASP L 139 -12.37 44.66 22.66
CA ASP L 139 -13.35 45.71 22.33
C ASP L 139 -14.76 45.15 22.39
N LEU L 140 -14.96 43.92 21.94
CA LEU L 140 -16.28 43.33 22.03
C LEU L 140 -16.74 43.33 23.47
N ILE L 141 -15.83 42.99 24.40
CA ILE L 141 -16.19 42.97 25.81
C ILE L 141 -16.72 44.33 26.25
N GLN L 142 -16.06 45.42 25.85
CA GLN L 142 -16.53 46.76 26.19
C GLN L 142 -17.84 47.07 25.48
N LYS L 143 -17.96 46.74 24.19
CA LYS L 143 -19.07 47.24 23.42
C LYS L 143 -20.36 46.52 23.82
N MET L 144 -20.30 45.21 24.03
CA MET L 144 -21.50 44.43 24.34
C MET L 144 -21.67 44.11 25.84
N GLY L 145 -20.63 44.42 26.63
CA GLY L 145 -20.65 44.14 28.06
C GLY L 145 -20.20 42.73 28.44
N LEU L 146 -19.68 42.58 29.64
CA LEU L 146 -19.11 41.31 30.04
C LEU L 146 -20.12 40.15 30.01
N GLN L 147 -21.32 40.36 30.55
CA GLN L 147 -22.33 39.31 30.60
C GLN L 147 -22.68 38.74 29.23
N ASN L 148 -22.99 39.60 28.26
CA ASN L 148 -23.24 39.15 26.90
C ASN L 148 -22.00 38.54 26.26
N TYR L 149 -20.84 39.09 26.57
CA TYR L 149 -19.65 38.52 25.98
C TYR L 149 -19.48 37.07 26.42
N LEU L 150 -19.63 36.84 27.72
CA LEU L 150 -19.51 35.51 28.29
C LEU L 150 -20.53 34.57 27.68
N GLN L 151 -21.80 34.94 27.66
CA GLN L 151 -22.79 34.05 27.07
C GLN L 151 -22.35 33.63 25.66
N ALA L 152 -21.73 34.55 24.95
CA ALA L 152 -21.37 34.30 23.56
C ALA L 152 -20.21 33.31 23.37
N GLN L 153 -19.55 32.91 24.47
CA GLN L 153 -18.40 31.97 24.44
C GLN L 153 -18.76 30.56 24.90
N ILE L 154 -20.02 30.37 25.26
CA ILE L 154 -20.46 29.11 25.78
C ILE L 154 -20.39 27.96 24.78
N ARG L 155 -20.82 28.21 23.55
N ARG L 155 -20.87 28.16 23.55
CA ARG L 155 -20.83 27.17 22.53
CA ARG L 155 -20.84 27.09 22.55
C ARG L 155 -19.62 27.33 21.63
C ARG L 155 -19.77 27.31 21.49
N GLU L 156 -19.11 26.22 21.09
CA GLU L 156 -18.00 26.32 20.13
C GLU L 156 -18.46 26.83 18.76
N GLU L 157 -17.57 27.51 18.03
CA GLU L 157 -17.95 27.98 16.67
C GLU L 157 -17.69 26.89 15.62
N GLY L 158 -18.75 26.53 14.87
CA GLY L 158 -18.66 25.49 13.80
C GLY L 158 -17.71 25.85 12.65
S SO4 M . -5.63 -41.00 -41.67
O1 SO4 M . -6.13 -39.70 -41.18
O2 SO4 M . -5.13 -41.90 -40.61
O3 SO4 M . -6.76 -41.66 -42.34
O4 SO4 M . -4.57 -40.81 -42.66
FE FE N . 8.47 -34.23 -13.67
CHA HEM O . 9.24 -20.42 -16.61
CHB HEM O . 11.60 -21.79 -20.70
CHC HEM O . 14.67 -24.65 -18.12
CHD HEM O . 12.38 -23.27 -14.00
C1A HEM O . 9.64 -20.48 -17.95
C2A HEM O . 9.13 -19.68 -19.06
C3A HEM O . 9.77 -20.06 -20.18
C4A HEM O . 10.72 -21.11 -19.84
CMA HEM O . 9.54 -19.46 -21.58
CAA HEM O . 8.04 -18.60 -18.98
CBA HEM O . 8.58 -17.26 -18.49
CGA HEM O . 7.70 -16.71 -17.38
O1A HEM O . 7.19 -15.57 -17.54
O2A HEM O . 7.52 -17.40 -16.34
C1B HEM O . 12.64 -22.68 -20.38
C2B HEM O . 13.57 -23.33 -21.30
C3B HEM O . 14.39 -24.10 -20.59
C4B HEM O . 14.04 -24.00 -19.18
CMB HEM O . 13.61 -23.16 -22.83
CAB HEM O . 15.54 -24.96 -21.12
CBB HEM O . 16.49 -25.33 -20.26
C1C HEM O . 14.37 -24.51 -16.78
C2C HEM O . 15.07 -25.08 -15.66
C3C HEM O . 14.46 -24.70 -14.53
C4C HEM O . 13.31 -23.88 -14.87
CMC HEM O . 16.33 -25.95 -15.76
CAC HEM O . 14.92 -25.10 -13.13
CBC HEM O . 14.01 -25.54 -12.27
C1D HEM O . 11.29 -22.42 -14.28
C2D HEM O . 10.29 -21.92 -13.34
C3D HEM O . 9.32 -21.04 -14.15
C4D HEM O . 9.81 -21.08 -15.51
CMD HEM O . 10.19 -22.19 -11.84
CAD HEM O . 8.09 -20.28 -13.63
CBD HEM O . 6.82 -21.13 -13.72
CGD HEM O . 5.62 -20.29 -13.35
O1D HEM O . 4.72 -20.08 -14.21
O2D HEM O . 5.53 -19.84 -12.19
NA HEM O . 10.59 -21.33 -18.47
NB HEM O . 12.98 -23.14 -19.11
NC HEM O . 13.31 -23.80 -16.25
ND HEM O . 10.95 -21.88 -15.53
FE HEM O . 12.01 -22.57 -17.30
S SO4 P . 2.73 -42.42 2.67
O1 SO4 P . 2.28 -43.43 1.70
O2 SO4 P . 2.17 -42.72 3.99
O3 SO4 P . 4.20 -42.49 2.73
O4 SO4 P . 2.15 -41.13 2.35
S SO4 Q . 7.89 -29.74 -1.30
O1 SO4 Q . 7.13 -28.49 -1.33
O2 SO4 Q . 8.63 -29.94 -0.03
O3 SO4 Q . 6.95 -30.85 -1.52
O4 SO4 Q . 8.81 -29.63 -2.43
S SO4 R . 34.29 -7.87 5.77
O1 SO4 R . 32.85 -7.52 5.80
O2 SO4 R . 34.86 -7.94 4.40
O3 SO4 R . 35.05 -6.87 6.52
O4 SO4 R . 34.50 -9.12 6.51
FE FE S . 20.67 -14.85 -22.45
S SO4 T . 21.06 -2.45 -37.13
O1 SO4 T . 20.01 -2.38 -36.14
O2 SO4 T . 21.29 -3.74 -37.84
O3 SO4 T . 20.75 -1.49 -38.15
O4 SO4 T . 22.29 -2.17 -36.37
S SO4 U . -8.29 -34.73 -49.19
O1 SO4 U . -8.75 -34.03 -47.97
O2 SO4 U . -7.01 -34.19 -49.67
O3 SO4 U . -8.05 -36.15 -48.91
O4 SO4 U . -9.33 -34.62 -50.21
FE FE V . 4.50 -5.26 -46.43
S SO4 W . 9.00 4.52 -38.94
O1 SO4 W . 7.77 4.81 -38.22
O2 SO4 W . 9.90 3.67 -38.13
O3 SO4 W . 8.55 3.74 -40.08
O4 SO4 W . 9.68 5.77 -39.35
CHA HEM X . -8.08 0.65 -43.84
CHB HEM X . -9.58 -1.46 -48.01
CHC HEM X . -5.75 0.39 -50.47
CHD HEM X . -4.24 2.58 -46.33
C1A HEM X . -8.87 -0.05 -44.75
C2A HEM X . -10.20 -0.63 -44.53
C3A HEM X . -10.60 -1.21 -45.67
C4A HEM X . -9.56 -1.03 -46.68
CMA HEM X . -11.93 -1.94 -45.86
CAA HEM X . -10.99 -0.60 -43.21
CBA HEM X . -11.72 0.72 -43.00
CGA HEM X . -11.46 1.24 -41.59
O1A HEM X . -12.44 1.46 -40.85
O2A HEM X . -10.27 1.47 -41.23
C1B HEM X . -8.68 -1.16 -49.06
C2B HEM X . -8.76 -1.59 -50.44
C3B HEM X . -7.71 -1.07 -51.10
C4B HEM X . -6.91 -0.30 -50.19
CMB HEM X . -9.85 -2.48 -51.06
CAB HEM X . -7.37 -1.26 -52.58
CBB HEM X . -6.55 -0.38 -53.14
C1C HEM X . -5.01 1.18 -49.60
C2C HEM X . -3.87 2.00 -49.92
C3C HEM X . -3.45 2.60 -48.80
C4C HEM X . -4.31 2.19 -47.68
CMC HEM X . -3.24 2.17 -51.31
CAC HEM X . -2.26 3.56 -48.72
CBC HEM X . -1.38 3.41 -47.74
C1D HEM X . -5.07 2.24 -45.24
C2D HEM X . -4.87 2.57 -43.83
C3D HEM X . -6.06 1.96 -43.07
C4D HEM X . -6.89 1.33 -44.07
CMD HEM X . -3.71 3.35 -43.20
CAD HEM X . -6.33 2.04 -41.55
CBD HEM X . -5.72 0.84 -40.81
CGD HEM X . -6.14 0.87 -39.36
O1D HEM X . -6.85 -0.07 -38.91
O2D HEM X . -5.76 1.82 -38.64
NA HEM X . -8.54 -0.31 -46.07
NB HEM X . -7.54 -0.37 -48.95
NC HEM X . -5.24 1.33 -48.25
ND HEM X . -6.27 1.52 -45.31
FE HEM X . -6.88 0.56 -47.19
S SO4 Y . -3.32 35.33 -50.31
O1 SO4 Y . -3.98 34.89 -49.06
O2 SO4 Y . -4.23 35.55 -51.47
O3 SO4 Y . -2.50 36.51 -50.01
O4 SO4 Y . -2.43 34.21 -50.69
FE FE Z . -15.82 6.22 -53.92
S SO4 AA . -40.76 -30.81 35.05
O1 SO4 AA . -39.56 -30.56 34.26
O2 SO4 AA . -41.50 -31.90 34.41
O3 SO4 AA . -40.34 -31.17 36.41
O4 SO4 AA . -41.68 -29.65 35.13
FE FE BA . -46.68 0.64 32.06
CHA HEM CA . -33.14 3.69 29.25
CHB HEM CA . -32.22 1.35 33.46
CHC HEM CA . -35.53 4.07 35.86
CHD HEM CA . -36.47 6.48 31.68
C1A HEM CA . -32.54 2.85 30.18
C2A HEM CA . -31.39 1.98 29.99
C3A HEM CA . -31.14 1.33 31.13
C4A HEM CA . -32.11 1.77 32.13
CMA HEM CA . -30.02 0.32 31.35
CAA HEM CA . -30.60 1.80 28.67
CBA HEM CA . -29.59 2.92 28.45
CGA HEM CA . -29.71 3.47 27.05
O1A HEM CA . -28.69 3.44 26.30
O2A HEM CA . -30.81 3.95 26.67
C1B HEM CA . -33.01 1.87 34.49
C2B HEM CA . -33.06 1.45 35.89
C3B HEM CA . -33.96 2.20 36.53
C4B HEM CA . -34.55 3.14 35.59
CMB HEM CA . -32.19 0.34 36.53
CAB HEM CA . -34.34 2.13 38.01
CBB HEM CA . -34.96 3.19 38.55
C1C HEM CA . -36.06 4.99 34.96
C2C HEM CA . -36.99 6.06 35.26
C3C HEM CA . -37.25 6.72 34.13
C4C HEM CA . -36.51 6.11 33.04
CMC HEM CA . -37.58 6.37 36.65
CAC HEM CA . -38.20 7.92 34.03
CBC HEM CA . -39.09 7.95 33.05
C1D HEM CA . -35.73 5.95 30.60
C2D HEM CA . -35.84 6.28 29.19
C3D HEM CA . -34.82 5.41 28.44
C4D HEM CA . -34.15 4.63 29.46
CMD HEM CA . -36.79 7.31 28.54
CAD HEM CA . -34.52 5.41 26.93
CBD HEM CA . -35.37 4.37 26.20
CGD HEM CA . -34.95 4.27 24.76
O1D HEM CA . -34.47 3.20 24.32
O2D HEM CA . -35.10 5.28 24.02
NA HEM CA . -32.94 2.68 31.50
NB HEM CA . -33.95 2.89 34.36
NC HEM CA . -35.80 5.06 33.62
ND HEM CA . -34.73 4.97 30.69
FE HEM CA . -34.39 3.95 32.57
S SO4 DA . -29.91 38.79 36.11
O1 SO4 DA . -30.06 38.26 34.74
O2 SO4 DA . -28.75 39.68 36.19
O3 SO4 DA . -31.15 39.53 36.32
O4 SO4 DA . -29.64 37.76 37.14
FE FE EA . -24.31 7.42 39.50
S SO4 FA . -6.41 0.84 42.15
O1 SO4 FA . -6.44 2.22 42.68
O2 SO4 FA . -7.31 0.05 43.01
O3 SO4 FA . -6.90 0.69 40.77
O4 SO4 FA . -5.08 0.25 42.38
S SO4 GA . -18.08 -3.99 35.54
O1 SO4 GA . -19.14 -2.98 35.59
O2 SO4 GA . -18.38 -5.15 36.41
O3 SO4 GA . -17.96 -4.47 34.17
O4 SO4 GA . -16.80 -3.39 35.94
S SO4 HA . 34.66 1.91 7.91
O1 SO4 HA . 33.28 1.92 7.42
O2 SO4 HA . 35.03 3.26 8.34
O3 SO4 HA . 34.70 0.94 9.01
O4 SO4 HA . 35.55 1.51 6.82
FE FE IA . 19.97 26.42 -7.33
CHA HEM JA . 13.78 17.63 -16.45
CHB HEM JA . 18.30 15.97 -17.43
CHC HEM JA . 19.96 20.54 -18.12
CHD HEM JA . 15.45 22.25 -17.21
C1A HEM JA . 14.84 16.76 -16.70
C2A HEM JA . 14.78 15.30 -16.79
C3A HEM JA . 16.02 14.85 -17.05
C4A HEM JA . 16.93 15.99 -17.16
CMA HEM JA . 16.40 13.37 -17.22
CAA HEM JA . 13.52 14.42 -16.60
CBA HEM JA . 12.66 14.36 -17.85
CGA HEM JA . 11.22 14.62 -17.50
O1A HEM JA . 10.36 13.75 -17.78
O2A HEM JA . 10.90 15.71 -16.94
C1B HEM JA . 19.16 17.05 -17.70
C2B HEM JA . 20.58 16.98 -18.04
C3B HEM JA . 21.02 18.24 -18.22
C4B HEM JA . 19.92 19.17 -18.02
CMB HEM JA . 21.43 15.71 -18.16
CAB HEM JA . 22.44 18.67 -18.59
CBB HEM JA . 22.60 19.89 -19.12
C1C HEM JA . 18.90 21.42 -17.98
C2C HEM JA . 18.91 22.85 -18.20
C3C HEM JA . 17.69 23.32 -17.96
C4C HEM JA . 16.81 22.22 -17.56
CMC HEM JA . 20.14 23.66 -18.65
CAC HEM JA . 17.29 24.79 -18.09
CBC HEM JA . 16.58 25.35 -17.11
C1D HEM JA . 14.57 21.22 -16.86
C2D HEM JA . 13.20 21.33 -16.39
C3D HEM JA . 12.68 19.90 -16.15
C4D HEM JA . 13.79 19.03 -16.50
CMD HEM JA . 12.38 22.61 -16.15
CAD HEM JA . 11.30 19.48 -15.65
CBD HEM JA . 11.25 19.35 -14.13
CGD HEM JA . 9.92 18.78 -13.69
O1D HEM JA . 9.88 17.67 -13.11
O2D HEM JA . 8.88 19.44 -13.91
NA HEM JA . 16.15 17.13 -16.94
NB HEM JA . 18.82 18.39 -17.71
NC HEM JA . 17.62 21.08 -17.60
ND HEM JA . 14.85 19.85 -16.91
FE HEM JA . 16.90 19.14 -17.31
S SO4 KA . 11.93 40.91 2.50
O1 SO4 KA . 11.27 42.02 3.19
O2 SO4 KA . 13.13 40.51 3.26
O3 SO4 KA . 10.91 39.91 2.24
O4 SO4 KA . 12.53 41.35 1.23
S SO4 LA . 9.22 33.57 -9.18
O1 SO4 LA . 8.46 32.88 -8.13
O2 SO4 LA . 10.62 33.30 -9.01
O3 SO4 LA . 8.90 33.02 -10.49
O4 SO4 LA . 8.94 35.01 -9.06
S SO4 MA . 3.98 38.68 -43.87
O1 SO4 MA . 2.86 38.46 -44.80
O2 SO4 MA . 5.20 37.93 -44.26
O3 SO4 MA . 4.21 40.14 -43.86
O4 SO4 MA . 3.55 38.29 -42.54
FE FE NA . 19.38 14.89 -28.96
S SO4 OA . -31.59 -35.74 34.14
O1 SO4 OA . -31.68 -34.91 32.94
O2 SO4 OA . -30.79 -35.10 35.22
O3 SO4 OA . -32.95 -35.97 34.63
O4 SO4 OA . -31.00 -37.01 33.71
FE FE PA . -6.12 -16.34 33.61
CHA HEM QA . -3.44 -18.99 20.10
CHB HEM QA . -3.47 -23.73 21.42
CHC HEM QA . -0.33 -22.86 25.10
CHD HEM QA . -0.22 -18.13 23.79
C1A HEM QA . -3.69 -20.36 20.08
C2A HEM QA . -4.43 -21.12 19.08
C3A HEM QA . -4.44 -22.41 19.44
C4A HEM QA . -3.72 -22.56 20.69
CMA HEM QA . -5.12 -23.54 18.66
CAA HEM QA . -5.10 -20.54 17.81
CBA HEM QA . -4.11 -20.31 16.68
CGA HEM QA . -4.28 -18.93 16.10
O1A HEM QA . -4.53 -18.80 14.87
O2A HEM QA . -4.14 -17.92 16.86
C1B HEM QA . -2.63 -23.93 22.53
C2B HEM QA . -2.37 -25.18 23.23
C3B HEM QA . -1.51 -24.93 24.23
C4B HEM QA . -1.18 -23.52 24.23
CMB HEM QA . -2.97 -26.56 22.88
CAB HEM QA . -0.94 -25.94 25.22
CBB HEM QA . 0.17 -25.61 25.87
C1C HEM QA . 0.02 -21.52 25.06
C2C HEM QA . 1.00 -20.86 25.89
C3C HEM QA . 1.04 -19.57 25.53
C4C HEM QA . 0.08 -19.33 24.46
CMC HEM QA . 1.85 -21.53 26.97
CAC HEM QA . 1.95 -18.52 26.17
CBC HEM QA . 1.44 -17.35 26.53
C1D HEM QA . -1.10 -17.87 22.72
C2D HEM QA . -1.45 -16.58 22.16
C3D HEM QA . -2.45 -16.85 21.01
C4D HEM QA . -2.61 -18.29 20.98
CMD HEM QA . -0.94 -15.19 22.58
CAD HEM QA . -3.12 -15.81 20.10
CBD HEM QA . -4.46 -15.34 20.66
CGD HEM QA . -5.17 -14.46 19.66
O1D HEM QA . -6.26 -14.82 19.17
O2D HEM QA . -4.62 -13.37 19.34
NA HEM QA . -3.27 -21.29 21.04
NB HEM QA . -1.89 -22.96 23.18
NC HEM QA . -0.51 -20.57 24.22
ND HEM QA . -1.81 -18.83 21.99
FE HEM QA . -1.83 -20.91 22.64
S SO4 RA . 30.92 -9.67 15.32
O1 SO4 RA . 29.69 -8.98 14.91
O2 SO4 RA . 31.14 -10.99 14.68
O3 SO4 RA . 32.01 -8.76 15.00
O4 SO4 RA . 30.90 -9.85 16.77
FE FE SA . 5.49 -29.24 16.28
S SO4 TA . 31.34 0.55 17.29
O1 SO4 TA . 30.26 0.58 16.30
O2 SO4 TA . 30.92 0.54 18.74
O3 SO4 TA . 32.11 -0.68 16.99
O4 SO4 TA . 32.14 1.76 17.08
FE FE UA . 4.70 12.04 31.31
S SO4 VA . -8.19 11.59 33.13
O1 SO4 VA . -9.14 12.36 33.98
O2 SO4 VA . -7.82 10.34 33.79
O3 SO4 VA . -8.69 11.17 31.80
O4 SO4 VA . -7.04 12.43 32.88
CHA HEM WA . 0.92 19.42 19.79
CHB HEM WA . 5.41 21.40 20.02
CHC HEM WA . 4.85 22.40 24.80
CHD HEM WA . 0.33 20.48 24.61
C1A HEM WA . 2.17 19.91 19.40
C2A HEM WA . 2.70 19.99 18.04
C3A HEM WA . 3.92 20.53 18.11
C4A HEM WA . 4.24 20.82 19.51
CMA HEM WA . 4.84 20.79 16.91
CAA HEM WA . 2.00 19.53 16.74
CBA HEM WA . 0.99 20.57 16.23
CGA HEM WA . -0.34 19.91 15.92
O1A HEM WA . -0.80 20.00 14.75
O2A HEM WA . -0.96 19.27 16.83
C1B HEM WA . 5.67 21.84 21.33
C2B HEM WA . 6.88 22.48 21.83
C3B HEM WA . 6.72 22.75 23.12
C4B HEM WA . 5.40 22.30 23.54
CMB HEM WA . 8.14 22.82 21.00
CAB HEM WA . 7.72 23.42 24.06
CBB HEM WA . 7.25 23.97 25.19
C1C HEM WA . 3.57 22.01 25.18
C2C HEM WA . 2.94 22.22 26.47
C3C HEM WA . 1.72 21.70 26.42
C4C HEM WA . 1.48 21.13 25.10
CMC HEM WA . 3.59 22.92 27.67
CAC HEM WA . 0.73 21.72 27.59
CBC HEM WA . 0.08 20.62 27.89
C1D HEM WA . 0.05 19.95 23.33
C2D HEM WA . -1.12 19.19 22.92
C3D HEM WA . -0.92 18.85 21.43
C4D HEM WA . 0.33 19.45 21.05
CMD HEM WA . -2.31 18.75 23.78
CAD HEM WA . -1.89 18.06 20.52
CBD HEM WA . -1.55 16.57 20.52
CGD HEM WA . -2.40 15.85 19.50
O1D HEM WA . -1.84 15.29 18.52
O2D HEM WA . -3.65 15.84 19.65
NA HEM WA . 3.13 20.43 20.24
NB HEM WA . 4.81 21.76 22.41
NC HEM WA . 2.66 21.36 24.40
ND HEM WA . 0.86 20.08 22.19
FE HEM WA . 2.85 20.92 22.35
S SO4 XA . -22.09 43.99 32.05
O1 SO4 XA . -22.52 42.99 31.06
O2 SO4 XA . -20.80 44.67 31.70
O3 SO4 XA . -23.14 45.00 32.14
O4 SO4 XA . -21.97 43.29 33.34
FE FE YA . 4.79 32.80 18.32
#